data_9Q9N
#
_entry.id   9Q9N
#
_cell.length_a   1.00
_cell.length_b   1.00
_cell.length_c   1.00
_cell.angle_alpha   90.00
_cell.angle_beta   90.00
_cell.angle_gamma   90.00
#
_symmetry.space_group_name_H-M   'P 1'
#
loop_
_entity.id
_entity.type
_entity.pdbx_description
1 polymer 'Glycoprotein B'
2 polymer Nb1_gbHSV
3 branched 2-acetamido-2-deoxy-beta-D-glucopyranose-(1-4)-2-acetamido-2-deoxy-beta-D-glucopyranose
#
loop_
_entity_poly.entity_id
_entity_poly.type
_entity_poly.pdbx_seq_one_letter_code
_entity_poly.pdbx_strand_id
1 'polypeptide(L)'
;MHQGAPSWGRRWFVVWALLGLTLGVLVASAAPSSPGTPGVAAATQAANGGPATPAPPALGAAPTGDPKPKKNKKPKNPTP
PRPAGDNATVAAGHATLREHLRDIKAENTDANFYVCPPPTGATVVQFEQPRRCPTRPEGQNYTEGIAVVFKENIAPYKFK
ATMYYKDVTVSQVWFGHRYSQFMGIFEDRAPVPFEEVIDKINAKGVCRSTAKYVRNNLETTAFHRDDHETDMELKPANAA
TRTSRGWHTTDLKYNPSRVEAFHRYGTTVNCIVEEVDARSVYPYDEFVLATGDFVYMSPFYGYREGSHTEHTSYAADRFK
QVDGFYARDLTTKARATAPTTRNLLTTPKFTVAWDWVPKRPSVCTMTKWQEVDEMLRSEYGGSFRFSSDAICTTFTTNLT
EYPLSRVDLGDCIGKDARDAMDRIFARRYNATHIKVGQPQYYLANGGFLIAYQPLLSNTLAELYVREHLREQSRKPPNPT
PPPPGASANASVERIKTTSSIEFARLQFTYNHIQRPVNDMLGRVAIAWCELCNHELTLWNEARKLNPNAIASVTVGRRVS
ARMLGDVMAVSTCVPVAADNVIVQNSMRISSRPGACYSRPLVSFRYEDQGPLVEGQLGENNELRLTRDAIEPCTVGHRRY
FTFGGGYVYFEEYAYSHQLSRADITTVSTFIDLNITMLEDHEFVPLEVYTRHEIKDSGLLDYTEVQRRVQLHDLRFADID
TVIHADANAAMFAGLGAFFEGMGDLGRAVGKVVMGIVGGVVSAVSGVSSFMSNPFGALAVGLLVLAGLAAAFFAFRYVMR
LQSNPMKALYPLTTKELKNPTNPDASGEGEEGGDFDEAKLAEAREMIRYMALVSAMERTEHKAKKKGTSALLSAKVTDMV
MRKRRNTNATQVPNKDGDADEDDLQLGSGSGTLEVLFQGPGGSGSAWSHPQFEKGGGSGGGSGGSAWSHPQFEK
;
A,B,C
2 'polypeptide(L)'
;QVQLVESGGGSVQPGGSLRLSCAASASGRLSMSGALGWYRQVQGKSRELVATITDRSSTNYADSVKGRFTISIDDAENTM
YLQMNSLKPEDTGVYYCNARWRGMNVWGKGTRVTVSSTS
;
d,e,f
#
loop_
_chem_comp.id
_chem_comp.type
_chem_comp.name
_chem_comp.formula
NAG D-saccharide, beta linking 2-acetamido-2-deoxy-beta-D-glucopyranose 'C8 H15 N O6'
#
# COMPACT_ATOMS: atom_id res chain seq x y z
N VAL A 90 2.41 -50.58 26.06
CA VAL A 90 1.68 -50.99 24.85
C VAL A 90 1.15 -49.78 24.08
N ALA A 91 1.05 -49.89 22.76
CA ALA A 91 0.59 -48.83 21.88
C ALA A 91 -0.89 -48.50 21.95
N ALA A 92 -1.73 -49.34 22.57
CA ALA A 92 -3.15 -49.12 22.71
C ALA A 92 -3.51 -47.77 23.34
N GLY A 93 -2.74 -47.33 24.33
CA GLY A 93 -2.94 -46.04 24.98
C GLY A 93 -2.69 -44.89 24.03
N HIS A 94 -1.59 -44.95 23.27
CA HIS A 94 -1.24 -43.95 22.28
C HIS A 94 -2.30 -43.88 21.19
N ALA A 95 -2.77 -45.04 20.71
CA ALA A 95 -3.78 -45.14 19.68
C ALA A 95 -5.09 -44.48 20.08
N THR A 96 -5.61 -44.75 21.28
CA THR A 96 -6.83 -44.11 21.74
C THR A 96 -6.62 -42.63 21.98
N LEU A 97 -5.42 -42.20 22.39
CA LEU A 97 -5.15 -40.79 22.56
C LEU A 97 -5.18 -40.07 21.22
N ARG A 98 -4.67 -40.66 20.13
CA ARG A 98 -4.77 -40.06 18.81
C ARG A 98 -6.24 -39.84 18.46
N GLU A 99 -7.06 -40.86 18.74
CA GLU A 99 -8.49 -40.88 18.49
C GLU A 99 -9.20 -39.72 19.19
N HIS A 100 -8.93 -39.47 20.47
CA HIS A 100 -9.56 -38.38 21.18
C HIS A 100 -9.18 -37.02 20.62
N LEU A 101 -7.90 -36.81 20.27
CA LEU A 101 -7.41 -35.57 19.71
C LEU A 101 -7.97 -35.32 18.31
N ARG A 102 -8.12 -36.38 17.51
CA ARG A 102 -8.69 -36.33 16.18
C ARG A 102 -10.19 -36.02 16.27
N ASP A 103 -10.89 -36.63 17.22
CA ASP A 103 -12.31 -36.43 17.47
C ASP A 103 -12.63 -35.01 17.90
N ILE A 104 -11.95 -34.48 18.93
CA ILE A 104 -12.21 -33.15 19.45
C ILE A 104 -11.91 -32.04 18.46
N LYS A 105 -11.02 -32.25 17.49
CA LYS A 105 -10.70 -31.26 16.48
C LYS A 105 -11.55 -31.36 15.22
N ALA A 106 -12.25 -32.48 15.01
CA ALA A 106 -13.12 -32.70 13.88
C ALA A 106 -14.49 -32.05 13.99
N GLU A 107 -14.92 -31.65 15.18
CA GLU A 107 -16.19 -31.02 15.44
C GLU A 107 -16.31 -29.62 14.84
N ASN A 108 -17.53 -29.19 14.53
CA ASN A 108 -17.84 -27.89 13.96
C ASN A 108 -17.73 -26.77 14.98
N THR A 109 -17.03 -25.70 14.61
CA THR A 109 -16.83 -24.48 15.38
C THR A 109 -17.07 -23.30 14.43
N ASP A 110 -18.22 -23.34 13.78
CA ASP A 110 -18.66 -22.40 12.76
C ASP A 110 -18.97 -20.99 13.26
N ALA A 111 -18.80 -20.01 12.37
CA ALA A 111 -19.03 -18.60 12.57
C ALA A 111 -19.77 -18.00 11.37
N ASN A 112 -20.49 -16.91 11.60
CA ASN A 112 -21.28 -16.25 10.59
C ASN A 112 -20.46 -15.46 9.56
N PHE A 113 -21.11 -15.20 8.43
CA PHE A 113 -20.65 -14.33 7.37
C PHE A 113 -21.30 -12.97 7.58
N TYR A 114 -20.78 -11.91 6.97
CA TYR A 114 -21.33 -10.59 7.12
C TYR A 114 -21.44 -9.83 5.81
N VAL A 115 -22.65 -9.39 5.45
CA VAL A 115 -22.82 -8.55 4.28
C VAL A 115 -22.59 -7.13 4.80
N CYS A 116 -21.47 -6.52 4.40
CA CYS A 116 -21.10 -5.19 4.86
C CYS A 116 -21.51 -4.15 3.82
N PRO A 117 -22.61 -3.43 4.00
CA PRO A 117 -23.04 -2.41 3.05
C PRO A 117 -22.09 -1.22 3.11
N PRO A 118 -21.92 -0.48 2.02
CA PRO A 118 -21.02 0.66 1.95
C PRO A 118 -21.56 1.86 2.72
N PRO A 119 -20.77 2.51 3.58
CA PRO A 119 -21.20 3.66 4.34
C PRO A 119 -21.49 4.89 3.48
N THR A 120 -22.57 5.60 3.77
CA THR A 120 -23.00 6.79 3.07
C THR A 120 -22.54 8.09 3.71
N GLY A 121 -22.06 8.04 4.95
CA GLY A 121 -21.64 9.21 5.69
C GLY A 121 -22.73 9.76 6.61
N ALA A 122 -23.76 8.98 6.94
CA ALA A 122 -24.79 9.40 7.86
C ALA A 122 -24.25 9.57 9.28
N THR A 123 -23.32 8.70 9.68
CA THR A 123 -22.62 8.75 10.96
C THR A 123 -21.13 8.74 10.67
N VAL A 124 -20.41 9.69 11.28
CA VAL A 124 -18.99 9.92 11.06
C VAL A 124 -18.27 10.09 12.39
N VAL A 125 -17.05 9.55 12.48
CA VAL A 125 -16.20 9.63 13.66
C VAL A 125 -14.81 10.11 13.29
N GLN A 126 -14.15 10.74 14.27
CA GLN A 126 -12.79 11.23 14.18
C GLN A 126 -11.97 10.59 15.28
N PHE A 127 -10.64 10.74 15.24
CA PHE A 127 -9.75 10.10 16.19
C PHE A 127 -8.75 11.06 16.82
N GLU A 128 -8.16 10.61 17.94
CA GLU A 128 -7.16 11.36 18.67
C GLU A 128 -5.91 11.56 17.80
N GLN A 129 -5.14 12.61 18.11
CA GLN A 129 -3.94 12.97 17.37
C GLN A 129 -2.70 13.03 18.26
N PRO A 130 -1.51 12.76 17.72
CA PRO A 130 -0.27 12.92 18.46
C PRO A 130 -0.12 14.35 18.93
N ARG A 131 0.51 14.58 20.09
CA ARG A 131 0.68 15.90 20.66
C ARG A 131 2.05 16.13 21.27
N ARG A 132 2.51 17.39 21.26
CA ARG A 132 3.76 17.78 21.88
C ARG A 132 3.66 17.60 23.39
N CYS A 133 4.78 17.23 24.02
CA CYS A 133 4.87 17.14 25.46
C CYS A 133 6.27 17.51 25.93
N PRO A 134 6.41 18.05 27.14
CA PRO A 134 7.67 18.54 27.66
C PRO A 134 8.80 17.51 27.65
N THR A 135 10.02 18.01 27.46
CA THR A 135 11.24 17.23 27.49
C THR A 135 11.72 16.97 28.91
N ARG A 136 11.24 17.78 29.87
CA ARG A 136 11.52 17.78 31.29
C ARG A 136 10.26 18.15 32.05
N PRO A 137 10.06 17.73 33.30
CA PRO A 137 8.90 18.07 34.09
C PRO A 137 8.65 19.58 34.11
N GLU A 138 7.43 19.99 33.74
CA GLU A 138 7.05 21.38 33.58
C GLU A 138 6.01 21.90 34.57
N GLY A 139 4.97 21.13 34.85
CA GLY A 139 3.89 21.55 35.72
C GLY A 139 4.24 21.70 37.19
N GLN A 140 3.35 22.36 37.94
CA GLN A 140 3.41 22.58 39.36
C GLN A 140 2.24 21.89 40.04
N ASN A 141 2.29 21.73 41.36
CA ASN A 141 1.23 21.13 42.15
C ASN A 141 0.72 19.79 41.62
N TYR A 142 1.59 18.91 41.16
CA TYR A 142 1.18 17.60 40.68
C TYR A 142 0.53 16.79 41.79
N THR A 143 -0.52 16.05 41.45
CA THR A 143 -1.24 15.19 42.36
C THR A 143 -1.90 14.01 41.65
N GLU A 144 -1.99 12.87 42.35
CA GLU A 144 -2.71 11.70 41.91
C GLU A 144 -4.18 11.88 42.23
N GLY A 145 -5.05 11.13 41.56
CA GLY A 145 -6.48 11.18 41.79
C GLY A 145 -7.28 10.26 40.88
N ILE A 146 -8.53 10.04 41.29
CA ILE A 146 -9.53 9.26 40.56
C ILE A 146 -10.36 10.27 39.78
N ALA A 147 -10.78 9.94 38.56
CA ALA A 147 -11.56 10.86 37.75
C ALA A 147 -12.68 10.17 36.97
N VAL A 148 -13.81 10.88 36.80
CA VAL A 148 -14.95 10.41 36.04
C VAL A 148 -15.27 11.49 35.02
N VAL A 149 -15.15 11.15 33.73
CA VAL A 149 -15.37 12.09 32.65
C VAL A 149 -16.79 11.98 32.12
N PHE A 150 -17.52 13.10 32.09
CA PHE A 150 -18.85 13.20 31.52
C PHE A 150 -18.80 13.97 30.21
N LYS A 151 -19.69 13.61 29.29
CA LYS A 151 -19.81 14.20 27.97
C LYS A 151 -21.25 14.66 27.75
N GLU A 152 -21.47 15.65 26.88
CA GLU A 152 -22.82 16.13 26.61
C GLU A 152 -23.69 15.03 26.02
N ASN A 153 -24.90 14.85 26.60
CA ASN A 153 -25.83 13.85 26.16
C ASN A 153 -26.65 14.35 24.97
N ILE A 154 -26.34 13.86 23.77
CA ILE A 154 -27.05 14.18 22.54
C ILE A 154 -28.37 13.42 22.40
N ALA A 155 -28.61 12.40 23.22
CA ALA A 155 -29.81 11.59 23.27
C ALA A 155 -30.37 11.22 21.90
N PRO A 156 -29.66 10.42 21.10
CA PRO A 156 -30.10 10.06 19.76
C PRO A 156 -31.43 9.33 19.76
N TYR A 157 -32.30 9.72 18.83
CA TYR A 157 -33.61 9.12 18.61
C TYR A 157 -33.61 8.46 17.24
N LYS A 158 -33.56 7.12 17.21
CA LYS A 158 -33.59 6.31 16.02
C LYS A 158 -35.02 5.86 15.74
N PHE A 159 -35.44 5.96 14.48
CA PHE A 159 -36.76 5.57 14.02
C PHE A 159 -36.72 5.07 12.58
N LYS A 160 -37.85 4.58 12.08
CA LYS A 160 -37.97 4.03 10.74
C LYS A 160 -38.71 4.98 9.82
N ALA A 161 -38.19 5.19 8.61
CA ALA A 161 -38.76 6.08 7.62
C ALA A 161 -38.77 5.42 6.25
N THR A 162 -39.86 5.64 5.49
CA THR A 162 -40.04 5.07 4.17
C THR A 162 -39.94 6.17 3.12
N MET A 163 -39.16 5.97 2.05
CA MET A 163 -39.03 6.96 0.99
C MET A 163 -39.54 6.39 -0.34
N TYR A 164 -40.32 7.20 -1.07
CA TYR A 164 -40.99 6.83 -2.30
C TYR A 164 -40.56 7.74 -3.44
N TYR A 165 -40.15 7.20 -4.60
CA TYR A 165 -39.78 8.01 -5.74
C TYR A 165 -39.93 7.24 -7.04
N LYS A 166 -40.01 7.95 -8.17
CA LYS A 166 -40.14 7.38 -9.49
C LYS A 166 -38.96 7.81 -10.34
N ASP A 167 -38.17 6.84 -10.81
CA ASP A 167 -37.05 7.09 -11.71
C ASP A 167 -37.59 7.09 -13.13
N VAL A 168 -37.31 8.14 -13.90
CA VAL A 168 -37.79 8.33 -15.26
C VAL A 168 -36.61 8.46 -16.22
N THR A 169 -36.75 7.87 -17.41
CA THR A 169 -35.73 7.90 -18.45
C THR A 169 -36.37 8.03 -19.82
N VAL A 170 -35.73 8.80 -20.71
CA VAL A 170 -36.21 9.11 -22.04
C VAL A 170 -35.10 8.94 -23.09
N SER A 171 -35.43 8.23 -24.16
CA SER A 171 -34.58 7.92 -25.30
C SER A 171 -35.33 8.24 -26.59
N GLN A 172 -34.64 8.76 -27.62
CA GLN A 172 -35.22 9.14 -28.89
C GLN A 172 -35.42 7.96 -29.84
N VAL A 173 -36.24 6.99 -29.42
CA VAL A 173 -36.52 5.77 -30.15
C VAL A 173 -37.18 5.97 -31.51
N TRP A 174 -37.77 7.14 -31.79
CA TRP A 174 -38.35 7.46 -33.08
C TRP A 174 -37.35 7.45 -34.22
N PHE A 175 -36.04 7.53 -33.95
CA PHE A 175 -35.00 7.40 -34.94
C PHE A 175 -34.66 5.95 -35.28
N GLY A 176 -35.07 4.99 -34.45
CA GLY A 176 -34.79 3.57 -34.59
C GLY A 176 -33.81 3.10 -33.52
N HIS A 177 -34.03 1.89 -33.01
CA HIS A 177 -33.25 1.28 -31.94
C HIS A 177 -31.74 1.25 -32.20
N ARG A 178 -31.33 0.99 -33.44
CA ARG A 178 -29.93 0.93 -33.86
C ARG A 178 -29.19 2.26 -33.81
N TYR A 179 -29.90 3.38 -33.85
CA TYR A 179 -29.34 4.73 -33.88
C TYR A 179 -29.57 5.54 -32.61
N SER A 180 -30.62 5.21 -31.85
CA SER A 180 -30.99 5.86 -30.61
C SER A 180 -29.86 5.96 -29.60
N GLN A 181 -28.94 4.99 -29.61
CA GLN A 181 -27.78 4.91 -28.75
C GLN A 181 -26.86 6.12 -28.86
N PHE A 182 -26.75 6.71 -30.05
CA PHE A 182 -25.91 7.85 -30.34
C PHE A 182 -26.60 9.19 -30.04
N MET A 183 -27.92 9.18 -29.87
CA MET A 183 -28.74 10.35 -29.57
C MET A 183 -28.69 10.78 -28.12
N GLY A 184 -28.08 9.98 -27.24
CA GLY A 184 -28.01 10.22 -25.81
C GLY A 184 -29.27 9.77 -25.08
N ILE A 185 -29.32 10.05 -23.78
CA ILE A 185 -30.43 9.68 -22.92
C ILE A 185 -30.65 10.69 -21.81
N PHE A 186 -31.91 11.08 -21.59
CA PHE A 186 -32.32 12.02 -20.57
C PHE A 186 -32.87 11.27 -19.37
N GLU A 187 -32.58 11.74 -18.15
CA GLU A 187 -32.99 11.11 -16.92
C GLU A 187 -33.39 12.09 -15.82
N ASP A 188 -34.33 11.67 -14.97
CA ASP A 188 -34.84 12.43 -13.85
C ASP A 188 -35.39 11.52 -12.77
N ARG A 189 -35.33 11.95 -11.51
CA ARG A 189 -35.83 11.24 -10.34
C ARG A 189 -36.86 12.15 -9.69
N ALA A 190 -38.12 11.74 -9.66
CA ALA A 190 -39.21 12.55 -9.14
C ALA A 190 -39.88 11.98 -7.89
N PRO A 191 -40.33 12.82 -6.95
CA PRO A 191 -41.03 12.35 -5.78
C PRO A 191 -42.44 11.90 -6.14
N VAL A 192 -42.97 10.91 -5.40
CA VAL A 192 -44.32 10.42 -5.60
C VAL A 192 -45.28 11.38 -4.90
N PRO A 193 -46.31 11.93 -5.55
CA PRO A 193 -47.23 12.85 -4.89
C PRO A 193 -48.06 12.14 -3.83
N PHE A 194 -48.52 12.86 -2.80
CA PHE A 194 -49.24 12.29 -1.69
C PHE A 194 -50.45 11.43 -2.06
N GLU A 195 -51.31 11.88 -2.98
CA GLU A 195 -52.48 11.13 -3.39
C GLU A 195 -52.11 9.75 -3.93
N GLU A 196 -50.94 9.58 -4.55
CA GLU A 196 -50.50 8.28 -5.04
C GLU A 196 -50.01 7.42 -3.88
N VAL A 197 -49.29 7.97 -2.91
CA VAL A 197 -48.83 7.21 -1.76
C VAL A 197 -50.00 6.71 -0.91
N ILE A 198 -51.06 7.51 -0.75
CA ILE A 198 -52.20 7.13 0.06
C ILE A 198 -53.23 6.29 -0.68
N ASP A 199 -53.65 6.71 -1.89
CA ASP A 199 -54.71 6.05 -2.63
C ASP A 199 -54.30 4.91 -3.53
N LYS A 200 -53.00 4.75 -3.82
CA LYS A 200 -52.50 3.69 -4.67
C LYS A 200 -51.54 2.78 -3.94
N ILE A 201 -50.47 3.31 -3.33
CA ILE A 201 -49.51 2.47 -2.65
C ILE A 201 -50.07 1.89 -1.36
N ASN A 202 -50.45 2.71 -0.37
CA ASN A 202 -50.99 2.18 0.87
C ASN A 202 -52.28 1.38 0.66
N ALA A 203 -53.12 1.78 -0.30
CA ALA A 203 -54.38 1.09 -0.55
C ALA A 203 -54.26 -0.25 -1.27
N LYS A 204 -53.40 -0.37 -2.28
CA LYS A 204 -53.31 -1.55 -3.12
C LYS A 204 -51.92 -2.03 -3.52
N GLY A 205 -50.84 -1.32 -3.19
CA GLY A 205 -49.49 -1.71 -3.55
C GLY A 205 -49.17 -1.51 -5.02
N VAL A 206 -49.70 -0.47 -5.64
CA VAL A 206 -49.50 -0.15 -7.04
C VAL A 206 -49.12 1.30 -7.30
N CYS A 207 -48.55 1.58 -8.48
CA CYS A 207 -48.17 2.90 -8.95
C CYS A 207 -48.79 3.15 -10.32
N ARG A 208 -49.07 4.41 -10.68
CA ARG A 208 -49.74 4.81 -11.90
C ARG A 208 -49.04 4.63 -13.25
N SER A 209 -47.81 4.11 -13.32
CA SER A 209 -47.09 3.94 -14.56
C SER A 209 -46.88 5.19 -15.40
N THR A 210 -47.00 6.37 -14.80
CA THR A 210 -46.86 7.67 -15.44
C THR A 210 -46.20 8.63 -14.46
N ALA A 211 -45.49 9.65 -14.96
CA ALA A 211 -44.78 10.58 -14.10
C ALA A 211 -44.59 11.95 -14.74
N LYS A 212 -44.74 13.00 -13.93
CA LYS A 212 -44.49 14.37 -14.35
C LYS A 212 -43.02 14.67 -14.09
N TYR A 213 -42.32 15.10 -15.15
CA TYR A 213 -40.91 15.45 -15.09
C TYR A 213 -40.70 16.78 -15.79
N VAL A 214 -39.61 17.48 -15.44
CA VAL A 214 -39.30 18.78 -16.01
C VAL A 214 -38.07 18.69 -16.91
N ARG A 215 -38.22 19.18 -18.14
CA ARG A 215 -37.18 19.23 -19.16
C ARG A 215 -37.35 20.53 -19.92
N ASN A 216 -36.24 21.25 -20.17
CA ASN A 216 -36.25 22.54 -20.82
C ASN A 216 -37.16 23.53 -20.10
N ASN A 217 -37.17 23.47 -18.76
CA ASN A 217 -37.97 24.27 -17.86
C ASN A 217 -39.47 24.18 -18.09
N LEU A 218 -39.95 23.03 -18.57
CA LEU A 218 -41.34 22.73 -18.87
C LEU A 218 -41.73 21.35 -18.36
N GLU A 219 -42.91 21.21 -17.77
CA GLU A 219 -43.43 19.94 -17.31
C GLU A 219 -43.93 19.09 -18.47
N THR A 220 -43.62 17.80 -18.42
CA THR A 220 -43.99 16.79 -19.41
C THR A 220 -44.36 15.50 -18.71
N THR A 221 -45.28 14.73 -19.27
CA THR A 221 -45.75 13.47 -18.70
C THR A 221 -45.23 12.26 -19.46
N ALA A 222 -44.49 11.40 -18.76
CA ALA A 222 -43.96 10.14 -19.28
C ALA A 222 -44.93 9.00 -19.05
N PHE A 223 -44.76 7.88 -19.75
CA PHE A 223 -45.58 6.68 -19.61
C PHE A 223 -44.72 5.43 -19.75
N HIS A 224 -44.87 4.44 -18.87
CA HIS A 224 -44.07 3.24 -18.94
C HIS A 224 -44.21 2.53 -20.28
N ARG A 225 -43.10 2.35 -21.01
CA ARG A 225 -43.02 1.75 -22.32
C ARG A 225 -43.91 2.42 -23.36
N ASP A 226 -44.25 3.69 -23.12
CA ASP A 226 -45.10 4.53 -23.96
C ASP A 226 -46.53 4.02 -24.11
N ASP A 227 -46.92 3.05 -23.28
CA ASP A 227 -48.25 2.46 -23.24
C ASP A 227 -49.24 3.35 -22.50
N HIS A 228 -50.52 2.95 -22.47
CA HIS A 228 -51.54 3.67 -21.74
C HIS A 228 -51.32 3.55 -20.23
N GLU A 229 -51.78 4.53 -19.45
CA GLU A 229 -51.68 4.54 -18.00
C GLU A 229 -52.33 3.32 -17.38
N THR A 230 -51.64 2.69 -16.41
CA THR A 230 -52.10 1.50 -15.72
C THR A 230 -51.49 1.35 -14.33
N ASP A 231 -52.07 0.51 -13.48
CA ASP A 231 -51.60 0.27 -12.12
C ASP A 231 -50.59 -0.87 -12.08
N MET A 232 -49.31 -0.57 -11.99
CA MET A 232 -48.24 -1.56 -11.90
C MET A 232 -48.03 -2.01 -10.46
N GLU A 233 -47.86 -3.33 -10.23
CA GLU A 233 -47.66 -3.87 -8.90
C GLU A 233 -46.22 -3.82 -8.41
N LEU A 234 -46.07 -3.41 -7.16
CA LEU A 234 -44.79 -3.37 -6.45
C LEU A 234 -44.43 -4.78 -6.00
N LYS A 235 -43.21 -5.20 -6.31
CA LYS A 235 -42.66 -6.51 -5.98
C LYS A 235 -41.35 -6.35 -5.23
N PRO A 236 -41.02 -7.21 -4.25
CA PRO A 236 -39.81 -7.08 -3.48
C PRO A 236 -38.53 -7.17 -4.30
N ALA A 237 -37.52 -6.37 -3.95
CA ALA A 237 -36.22 -6.43 -4.58
C ALA A 237 -35.43 -7.58 -3.96
N ASN A 238 -34.83 -8.47 -4.75
CA ASN A 238 -34.09 -9.59 -4.22
C ASN A 238 -32.88 -9.19 -3.39
N ALA A 239 -32.22 -8.09 -3.72
CA ALA A 239 -31.07 -7.57 -3.01
C ALA A 239 -31.40 -6.93 -1.66
N ALA A 240 -32.69 -6.79 -1.31
CA ALA A 240 -33.12 -6.18 -0.07
C ALA A 240 -32.76 -7.00 1.16
N THR A 241 -32.17 -6.32 2.16
CA THR A 241 -31.77 -6.89 3.42
C THR A 241 -32.97 -7.17 4.31
N ARG A 242 -32.81 -7.99 5.35
CA ARG A 242 -33.82 -8.34 6.33
C ARG A 242 -34.58 -7.13 6.86
N THR A 243 -33.85 -6.04 7.11
CA THR A 243 -34.32 -4.78 7.66
C THR A 243 -34.58 -3.70 6.62
N SER A 244 -33.61 -3.38 5.77
CA SER A 244 -33.73 -2.40 4.71
C SER A 244 -34.53 -2.91 3.52
N ARG A 245 -35.79 -3.26 3.78
CA ARG A 245 -36.75 -3.78 2.83
C ARG A 245 -36.99 -2.77 1.71
N GLY A 246 -37.25 -3.26 0.50
CA GLY A 246 -37.47 -2.42 -0.66
C GLY A 246 -38.32 -3.10 -1.73
N TRP A 247 -38.99 -2.30 -2.57
CA TRP A 247 -39.88 -2.79 -3.61
C TRP A 247 -39.74 -1.96 -4.88
N HIS A 248 -40.02 -2.56 -6.04
CA HIS A 248 -39.95 -1.91 -7.34
C HIS A 248 -41.13 -2.33 -8.21
N THR A 249 -41.45 -1.53 -9.25
CA THR A 249 -42.43 -1.97 -10.21
C THR A 249 -41.78 -2.88 -11.26
N THR A 250 -40.52 -2.64 -11.61
CA THR A 250 -39.78 -3.40 -12.60
C THR A 250 -38.31 -3.54 -12.26
N ASP A 251 -37.70 -4.65 -12.72
CA ASP A 251 -36.30 -4.96 -12.56
C ASP A 251 -35.53 -4.60 -13.83
N LEU A 252 -34.58 -3.68 -13.71
CA LEU A 252 -33.71 -3.24 -14.79
C LEU A 252 -32.28 -2.97 -14.34
N LYS A 253 -32.08 -2.41 -13.15
CA LYS A 253 -30.79 -2.05 -12.60
C LYS A 253 -29.84 -3.22 -12.41
N TYR A 254 -30.32 -4.33 -11.83
CA TYR A 254 -29.55 -5.52 -11.56
C TYR A 254 -29.27 -6.38 -12.79
N ASN A 255 -30.11 -6.26 -13.81
CA ASN A 255 -30.09 -7.02 -15.05
C ASN A 255 -28.99 -6.60 -16.01
N PRO A 256 -28.46 -7.51 -16.82
CA PRO A 256 -27.50 -7.19 -17.86
C PRO A 256 -28.20 -6.52 -19.04
N SER A 257 -27.43 -5.98 -19.99
CA SER A 257 -27.90 -5.29 -21.17
C SER A 257 -28.93 -4.20 -20.91
N ARG A 258 -28.81 -3.57 -19.74
CA ARG A 258 -29.66 -2.52 -19.22
C ARG A 258 -29.76 -1.29 -20.12
N VAL A 259 -28.66 -0.88 -20.74
CA VAL A 259 -28.63 0.25 -21.65
C VAL A 259 -29.45 -0.04 -22.90
N GLU A 260 -29.32 -1.24 -23.48
CA GLU A 260 -30.10 -1.66 -24.62
C GLU A 260 -31.59 -1.71 -24.25
N ALA A 261 -31.93 -2.16 -23.05
CA ALA A 261 -33.29 -2.18 -22.56
C ALA A 261 -33.87 -0.78 -22.44
N PHE A 262 -33.08 0.21 -22.01
CA PHE A 262 -33.51 1.59 -21.95
C PHE A 262 -33.75 2.15 -23.35
N HIS A 263 -32.95 1.76 -24.35
CA HIS A 263 -33.12 2.17 -25.73
C HIS A 263 -34.14 1.34 -26.50
N ARG A 264 -34.72 0.30 -25.91
CA ARG A 264 -35.73 -0.57 -26.50
C ARG A 264 -37.12 0.05 -26.50
N TYR A 265 -37.36 1.02 -25.62
CA TYR A 265 -38.59 1.75 -25.44
C TYR A 265 -38.31 3.24 -25.40
N GLY A 266 -39.25 4.08 -25.86
CA GLY A 266 -39.07 5.52 -25.87
C GLY A 266 -38.83 6.08 -24.47
N THR A 267 -39.67 5.67 -23.51
CA THR A 267 -39.59 6.11 -22.13
C THR A 267 -39.88 4.97 -21.16
N THR A 268 -39.23 5.02 -19.99
CA THR A 268 -39.45 4.07 -18.92
C THR A 268 -39.62 4.81 -17.60
N VAL A 269 -40.48 4.27 -16.74
CA VAL A 269 -40.82 4.82 -15.45
C VAL A 269 -40.79 3.70 -14.42
N ASN A 270 -39.93 3.79 -13.41
CA ASN A 270 -39.82 2.76 -12.38
C ASN A 270 -40.11 3.33 -11.00
N CYS A 271 -41.24 2.91 -10.42
CA CYS A 271 -41.66 3.32 -9.09
C CYS A 271 -40.92 2.51 -8.05
N ILE A 272 -40.41 3.18 -7.01
CA ILE A 272 -39.62 2.59 -5.95
C ILE A 272 -40.16 2.99 -4.59
N VAL A 273 -40.13 2.05 -3.64
CA VAL A 273 -40.48 2.24 -2.25
C VAL A 273 -39.35 1.60 -1.45
N GLU A 274 -38.86 2.29 -0.41
CA GLU A 274 -37.69 1.80 0.30
C GLU A 274 -37.78 2.16 1.79
N GLU A 275 -37.54 1.22 2.69
CA GLU A 275 -37.62 1.44 4.12
C GLU A 275 -36.21 1.60 4.68
N VAL A 276 -35.90 2.75 5.30
CA VAL A 276 -34.61 3.07 5.83
C VAL A 276 -34.64 3.59 7.26
N ASP A 277 -33.50 3.46 7.96
CA ASP A 277 -33.34 4.00 9.29
C ASP A 277 -33.15 5.51 9.22
N ALA A 278 -33.55 6.22 10.26
CA ALA A 278 -33.38 7.65 10.39
C ALA A 278 -32.99 7.98 11.82
N ARG A 279 -32.19 9.03 12.01
CA ARG A 279 -31.73 9.45 13.32
C ARG A 279 -31.84 10.96 13.49
N SER A 280 -32.23 11.39 14.69
CA SER A 280 -32.32 12.78 15.05
C SER A 280 -31.68 12.92 16.43
N VAL A 281 -30.88 13.97 16.65
CA VAL A 281 -30.21 14.22 17.92
C VAL A 281 -30.65 15.55 18.48
N TYR A 282 -30.51 15.76 19.80
CA TYR A 282 -30.94 16.97 20.46
C TYR A 282 -30.42 18.21 19.73
N PRO A 283 -31.20 19.28 19.53
CA PRO A 283 -32.55 19.54 19.96
C PRO A 283 -33.67 18.91 19.13
N TYR A 284 -33.35 18.05 18.17
CA TYR A 284 -34.29 17.41 17.27
C TYR A 284 -34.93 18.38 16.27
N ASP A 285 -34.12 19.29 15.72
CA ASP A 285 -34.56 20.25 14.71
C ASP A 285 -34.39 19.72 13.29
N GLU A 286 -33.64 18.63 13.11
CA GLU A 286 -33.36 17.96 11.85
C GLU A 286 -33.27 16.46 12.07
N PHE A 287 -33.28 15.68 10.98
CA PHE A 287 -33.02 14.26 11.05
C PHE A 287 -32.28 13.83 9.79
N VAL A 288 -31.47 12.76 9.88
CA VAL A 288 -30.70 12.25 8.77
C VAL A 288 -31.16 10.85 8.41
N LEU A 289 -31.26 10.54 7.12
CA LEU A 289 -31.66 9.25 6.61
C LEU A 289 -30.44 8.38 6.37
N ALA A 290 -30.61 7.04 6.34
CA ALA A 290 -29.52 6.13 6.09
C ALA A 290 -28.82 6.36 4.76
N THR A 291 -29.43 7.09 3.83
CA THR A 291 -28.89 7.46 2.53
C THR A 291 -27.88 8.59 2.60
N GLY A 292 -27.66 9.17 3.78
CA GLY A 292 -26.76 10.29 4.02
C GLY A 292 -27.41 11.65 3.82
N ASP A 293 -28.69 11.68 3.41
CA ASP A 293 -29.45 12.89 3.17
C ASP A 293 -30.12 13.44 4.43
N PHE A 294 -30.00 14.75 4.66
CA PHE A 294 -30.65 15.42 5.78
C PHE A 294 -32.05 15.87 5.40
N VAL A 295 -32.90 16.04 6.42
CA VAL A 295 -34.25 16.56 6.29
C VAL A 295 -34.40 17.64 7.35
N TYR A 296 -34.50 18.91 6.93
CA TYR A 296 -34.52 20.06 7.81
C TYR A 296 -35.88 20.33 8.45
N MET A 297 -36.41 19.31 9.14
CA MET A 297 -37.68 19.34 9.84
C MET A 297 -37.56 18.47 11.09
N SER A 298 -38.21 18.87 12.19
CA SER A 298 -38.20 18.09 13.40
C SER A 298 -39.06 16.84 13.23
N PRO A 299 -38.58 15.63 13.53
CA PRO A 299 -39.39 14.43 13.37
C PRO A 299 -40.62 14.39 14.26
N PHE A 300 -40.74 15.30 15.23
CA PHE A 300 -41.88 15.43 16.12
C PHE A 300 -42.89 16.46 15.65
N TYR A 301 -42.65 17.14 14.53
CA TYR A 301 -43.52 18.15 13.96
C TYR A 301 -44.87 17.57 13.56
N GLY A 302 -45.94 18.37 13.59
CA GLY A 302 -47.27 17.94 13.24
C GLY A 302 -48.34 18.94 13.66
N TYR A 303 -49.59 18.73 13.25
CA TYR A 303 -50.68 19.62 13.57
C TYR A 303 -51.20 19.51 14.99
N ARG A 304 -50.78 18.49 15.74
CA ARG A 304 -51.15 18.28 17.13
C ARG A 304 -50.68 19.46 17.97
N GLU A 305 -51.43 19.81 19.01
CA GLU A 305 -51.17 20.99 19.83
C GLU A 305 -49.73 21.16 20.26
N GLY A 306 -49.13 20.15 20.91
CA GLY A 306 -47.77 20.21 21.37
C GLY A 306 -46.69 20.09 20.30
N SER A 307 -47.06 19.91 19.04
CA SER A 307 -46.13 19.70 17.93
C SER A 307 -46.07 20.81 16.89
N HIS A 308 -47.11 21.64 16.73
CA HIS A 308 -47.08 22.68 15.72
C HIS A 308 -46.05 23.77 15.96
N THR A 309 -45.41 23.77 17.14
CA THR A 309 -44.37 24.69 17.55
C THR A 309 -42.97 24.18 17.28
N GLU A 310 -42.79 22.93 16.83
CA GLU A 310 -41.50 22.35 16.51
C GLU A 310 -40.89 22.98 15.26
N HIS A 311 -39.59 22.79 15.05
CA HIS A 311 -38.88 23.36 13.93
C HIS A 311 -39.19 22.73 12.57
N THR A 312 -39.26 23.56 11.54
CA THR A 312 -39.48 23.17 10.15
C THR A 312 -38.96 24.25 9.21
N SER A 313 -38.35 23.84 8.11
CA SER A 313 -37.85 24.73 7.07
C SER A 313 -38.74 24.78 5.85
N TYR A 314 -39.64 23.81 5.68
CA TYR A 314 -40.51 23.65 4.53
C TYR A 314 -41.89 24.26 4.70
N ALA A 315 -42.49 24.72 3.60
CA ALA A 315 -43.83 25.28 3.62
C ALA A 315 -44.90 24.21 3.81
N ALA A 316 -46.07 24.60 4.33
CA ALA A 316 -47.18 23.70 4.59
C ALA A 316 -47.64 22.90 3.38
N ASP A 317 -47.43 23.39 2.15
CA ASP A 317 -47.80 22.69 0.94
C ASP A 317 -47.03 21.39 0.73
N ARG A 318 -45.81 21.29 1.25
CA ARG A 318 -44.94 20.14 1.13
C ARG A 318 -45.03 19.14 2.27
N PHE A 319 -45.95 19.32 3.21
CA PHE A 319 -46.09 18.44 4.36
C PHE A 319 -47.55 18.11 4.62
N LYS A 320 -47.84 16.86 4.96
CA LYS A 320 -49.17 16.42 5.30
C LYS A 320 -49.12 15.36 6.39
N GLN A 321 -49.97 15.52 7.41
CA GLN A 321 -50.11 14.59 8.51
C GLN A 321 -51.45 13.88 8.37
N VAL A 322 -51.43 12.55 8.22
CA VAL A 322 -52.61 11.72 8.05
C VAL A 322 -52.93 11.03 9.37
N ASP A 323 -54.13 11.30 9.90
CA ASP A 323 -54.64 10.69 11.12
C ASP A 323 -55.42 9.42 10.81
N GLY A 324 -55.46 8.48 11.75
CA GLY A 324 -56.19 7.23 11.57
C GLY A 324 -55.66 6.37 10.42
N PHE A 325 -54.37 6.50 10.11
CA PHE A 325 -53.71 5.79 9.04
C PHE A 325 -53.42 4.34 9.41
N TYR A 326 -53.87 3.39 8.58
CA TYR A 326 -53.63 1.98 8.74
C TYR A 326 -52.63 1.51 7.70
N ALA A 327 -51.42 1.15 8.14
CA ALA A 327 -50.38 0.66 7.27
C ALA A 327 -50.80 -0.64 6.58
N ARG A 328 -50.11 -1.00 5.50
CA ARG A 328 -50.34 -2.20 4.72
C ARG A 328 -49.00 -2.67 4.17
N ASP A 329 -48.57 -3.87 4.56
CA ASP A 329 -47.30 -4.39 4.07
C ASP A 329 -47.35 -4.68 2.57
N LEU A 330 -46.21 -4.46 1.91
CA LEU A 330 -46.06 -4.70 0.50
C LEU A 330 -45.74 -6.16 0.22
N THR A 331 -45.19 -6.89 1.19
CA THR A 331 -44.91 -8.31 1.10
C THR A 331 -46.21 -9.08 1.34
N THR A 332 -46.76 -9.01 2.56
CA THR A 332 -47.99 -9.62 2.97
C THR A 332 -49.12 -8.60 2.87
N LYS A 333 -50.09 -8.85 2.00
CA LYS A 333 -51.19 -7.94 1.69
C LYS A 333 -52.24 -7.93 2.79
N ALA A 334 -51.88 -7.37 3.95
CA ALA A 334 -52.71 -7.26 5.13
C ALA A 334 -52.56 -5.91 5.81
N ARG A 335 -53.70 -5.34 6.25
CA ARG A 335 -53.77 -4.09 6.96
C ARG A 335 -53.31 -4.25 8.40
N ALA A 336 -52.71 -3.19 8.96
CA ALA A 336 -52.29 -3.16 10.35
C ALA A 336 -53.50 -3.21 11.27
N THR A 337 -53.32 -3.73 12.48
CA THR A 337 -54.37 -3.90 13.47
C THR A 337 -54.80 -2.63 14.19
N ALA A 338 -53.94 -1.62 14.31
CA ALA A 338 -54.21 -0.38 15.01
C ALA A 338 -53.90 0.87 14.20
N PRO A 339 -54.68 1.94 14.35
CA PRO A 339 -54.48 3.18 13.65
C PRO A 339 -53.25 3.92 14.17
N THR A 340 -52.70 4.80 13.33
CA THR A 340 -51.52 5.61 13.62
C THR A 340 -51.63 6.99 12.99
N THR A 341 -50.70 7.87 13.31
CA THR A 341 -50.58 9.19 12.72
C THR A 341 -49.32 9.16 11.87
N ARG A 342 -49.42 9.41 10.56
CA ARG A 342 -48.30 9.33 9.66
C ARG A 342 -48.01 10.65 8.95
N ASN A 343 -46.77 11.10 9.10
CA ASN A 343 -46.25 12.32 8.49
C ASN A 343 -45.66 12.01 7.12
N LEU A 344 -45.95 12.85 6.12
CA LEU A 344 -45.41 12.75 4.78
C LEU A 344 -44.82 14.11 4.40
N LEU A 345 -43.68 14.11 3.73
CA LEU A 345 -42.95 15.30 3.32
C LEU A 345 -42.41 15.13 1.91
N THR A 346 -42.63 16.10 1.02
CA THR A 346 -42.17 16.03 -0.36
C THR A 346 -40.85 16.78 -0.59
N THR A 347 -39.73 16.07 -0.53
CA THR A 347 -38.44 16.64 -0.88
C THR A 347 -38.36 16.65 -2.40
N PRO A 348 -37.72 17.61 -3.07
CA PRO A 348 -37.65 17.64 -4.52
C PRO A 348 -37.08 16.41 -5.18
N LYS A 349 -36.33 15.57 -4.46
CA LYS A 349 -35.76 14.32 -4.95
C LYS A 349 -36.58 13.08 -4.63
N PHE A 350 -37.41 13.08 -3.60
CA PHE A 350 -38.21 11.94 -3.18
C PHE A 350 -39.21 12.31 -2.09
N THR A 351 -40.31 11.57 -1.96
CA THR A 351 -41.24 11.78 -0.87
C THR A 351 -40.76 10.91 0.28
N VAL A 352 -40.85 11.37 1.54
CA VAL A 352 -40.44 10.59 2.70
C VAL A 352 -41.56 10.63 3.73
N ALA A 353 -41.80 9.51 4.40
CA ALA A 353 -42.84 9.41 5.40
C ALA A 353 -42.37 8.63 6.63
N TRP A 354 -42.93 8.95 7.79
CA TRP A 354 -42.60 8.32 9.06
C TRP A 354 -43.77 8.43 10.02
N ASP A 355 -43.85 7.54 11.00
CA ASP A 355 -44.93 7.56 11.98
C ASP A 355 -44.64 8.60 13.05
N TRP A 356 -45.63 9.46 13.32
CA TRP A 356 -45.53 10.49 14.34
C TRP A 356 -45.74 9.90 15.73
N VAL A 357 -45.07 10.49 16.71
CA VAL A 357 -45.12 10.15 18.12
C VAL A 357 -44.95 11.42 18.94
N PRO A 358 -45.51 11.50 20.15
CA PRO A 358 -45.32 12.67 21.00
C PRO A 358 -43.85 12.80 21.36
N LYS A 359 -43.39 14.03 21.61
CA LYS A 359 -42.01 14.31 21.95
C LYS A 359 -41.61 13.56 23.22
N ARG A 360 -40.44 12.92 23.19
CA ARG A 360 -39.92 12.12 24.29
C ARG A 360 -39.69 12.91 25.57
N PRO A 361 -39.78 12.29 26.76
CA PRO A 361 -39.50 12.97 28.01
C PRO A 361 -38.04 13.37 28.13
N SER A 362 -37.74 14.40 28.92
CA SER A 362 -36.39 14.88 29.14
C SER A 362 -35.52 13.87 29.89
N VAL A 363 -34.21 13.95 29.68
CA VAL A 363 -33.19 13.11 30.27
C VAL A 363 -32.02 13.93 30.80
N CYS A 364 -31.13 13.31 31.57
CA CYS A 364 -29.97 13.96 32.15
C CYS A 364 -29.06 14.54 31.06
N THR A 365 -28.64 15.78 31.24
CA THR A 365 -27.84 16.55 30.30
C THR A 365 -26.48 15.97 29.94
N MET A 366 -25.90 15.11 30.79
CA MET A 366 -24.60 14.52 30.53
C MET A 366 -24.57 13.04 30.88
N THR A 367 -23.80 12.28 30.10
CA THR A 367 -23.60 10.85 30.28
C THR A 367 -22.16 10.56 30.70
N LYS A 368 -22.00 9.52 31.52
CA LYS A 368 -20.71 9.05 31.97
C LYS A 368 -19.98 8.45 30.77
N TRP A 369 -18.85 9.02 30.39
CA TRP A 369 -18.08 8.58 29.24
C TRP A 369 -16.94 7.64 29.61
N GLN A 370 -16.21 7.93 30.69
CA GLN A 370 -15.08 7.15 31.14
C GLN A 370 -14.91 7.20 32.65
N GLU A 371 -14.53 6.07 33.25
CA GLU A 371 -14.21 5.92 34.65
C GLU A 371 -12.70 5.73 34.70
N VAL A 372 -11.94 6.80 34.96
CA VAL A 372 -10.50 6.76 34.97
C VAL A 372 -9.93 6.45 36.34
N ASP A 373 -9.20 5.32 36.41
CA ASP A 373 -8.59 4.78 37.61
C ASP A 373 -7.43 5.61 38.11
N GLU A 374 -6.55 6.11 37.23
CA GLU A 374 -5.42 6.94 37.55
C GLU A 374 -5.40 8.19 36.67
N MET A 375 -5.52 9.38 37.26
CA MET A 375 -5.47 10.62 36.53
C MET A 375 -4.69 11.68 37.29
N LEU A 376 -3.59 12.12 36.68
CA LEU A 376 -2.71 13.14 37.25
C LEU A 376 -3.20 14.53 36.88
N ARG A 377 -3.35 15.40 37.87
CA ARG A 377 -3.69 16.80 37.67
C ARG A 377 -2.43 17.61 37.92
N SER A 378 -2.15 18.57 37.03
CA SER A 378 -1.03 19.48 37.16
C SER A 378 -1.49 20.89 36.84
N GLU A 379 -0.82 21.90 37.41
CA GLU A 379 -1.14 23.30 37.23
C GLU A 379 -0.03 23.98 36.44
N TYR A 380 -0.35 24.62 35.32
CA TYR A 380 0.64 25.27 34.48
C TYR A 380 0.05 26.36 33.60
N GLY A 381 0.75 27.49 33.45
CA GLY A 381 0.30 28.59 32.62
C GLY A 381 -1.06 29.14 32.98
N GLY A 382 -1.44 29.08 34.27
CA GLY A 382 -2.71 29.56 34.76
C GLY A 382 -3.90 28.66 34.45
N SER A 383 -3.68 27.38 34.14
CA SER A 383 -4.72 26.40 33.85
C SER A 383 -4.32 25.02 34.34
N PHE A 384 -5.29 24.18 34.68
CA PHE A 384 -5.07 22.80 35.05
C PHE A 384 -4.93 21.96 33.79
N ARG A 385 -4.19 20.85 33.88
CA ARG A 385 -4.00 19.90 32.81
C ARG A 385 -4.09 18.50 33.41
N PHE A 386 -5.09 17.73 32.97
CA PHE A 386 -5.32 16.37 33.40
C PHE A 386 -4.81 15.39 32.36
N SER A 387 -4.20 14.29 32.78
CA SER A 387 -3.67 13.28 31.89
C SER A 387 -3.69 11.91 32.55
N SER A 388 -3.80 10.86 31.72
CA SER A 388 -3.88 9.48 32.13
C SER A 388 -3.35 8.55 31.06
N ASP A 389 -2.97 7.33 31.44
CA ASP A 389 -2.55 6.28 30.52
C ASP A 389 -3.75 5.65 29.83
N ALA A 390 -4.93 5.72 30.46
CA ALA A 390 -6.18 5.15 29.98
C ALA A 390 -6.84 5.92 28.85
N ILE A 391 -6.47 7.19 28.61
CA ILE A 391 -7.04 8.04 27.58
C ILE A 391 -5.91 8.86 26.97
N CYS A 392 -5.71 8.77 25.65
CA CYS A 392 -4.67 9.51 24.96
C CYS A 392 -5.05 10.94 24.62
N THR A 393 -5.57 11.66 25.61
CA THR A 393 -6.01 13.05 25.53
C THR A 393 -5.66 13.78 26.82
N THR A 394 -5.22 15.04 26.69
CA THR A 394 -4.93 15.93 27.81
C THR A 394 -6.05 16.95 27.91
N PHE A 395 -6.75 17.01 29.05
CA PHE A 395 -7.83 17.95 29.24
C PHE A 395 -7.30 19.23 29.89
N THR A 396 -7.62 20.40 29.35
CA THR A 396 -7.20 21.69 29.88
C THR A 396 -8.37 22.40 30.54
N THR A 397 -8.16 23.19 31.60
CA THR A 397 -9.24 23.86 32.30
C THR A 397 -8.81 25.06 33.13
N ASN A 398 -9.69 26.04 33.38
CA ASN A 398 -9.38 27.14 34.28
C ASN A 398 -9.28 26.63 35.72
N LEU A 399 -8.58 27.35 36.59
CA LEU A 399 -8.40 26.97 37.97
C LEU A 399 -9.67 27.01 38.81
N THR A 400 -10.71 27.73 38.39
CA THR A 400 -11.97 27.85 39.10
C THR A 400 -12.83 26.61 38.95
N GLU A 401 -13.24 26.02 40.07
CA GLU A 401 -14.12 24.86 40.08
C GLU A 401 -15.52 25.28 39.65
N TYR A 402 -16.22 24.46 38.86
CA TYR A 402 -17.55 24.75 38.36
C TYR A 402 -18.64 24.54 39.39
N PRO A 403 -19.60 25.46 39.56
CA PRO A 403 -20.67 25.34 40.53
C PRO A 403 -21.80 24.45 40.03
N LEU A 404 -21.55 23.13 39.97
CA LEU A 404 -22.49 22.14 39.49
C LEU A 404 -23.79 22.05 40.28
N SER A 405 -23.74 22.27 41.60
CA SER A 405 -24.87 22.18 42.50
C SER A 405 -26.08 23.02 42.13
N ARG A 406 -25.88 24.18 41.51
CA ARG A 406 -26.92 25.10 41.10
C ARG A 406 -27.53 24.83 39.73
N VAL A 407 -27.09 23.80 39.02
CA VAL A 407 -27.63 23.40 37.72
C VAL A 407 -28.09 21.95 37.72
N ASP A 408 -27.38 21.03 38.38
CA ASP A 408 -27.78 19.65 38.51
C ASP A 408 -28.74 19.49 39.69
N LEU A 409 -29.86 20.20 39.62
CA LEU A 409 -30.89 20.23 40.65
C LEU A 409 -31.47 18.87 40.98
N GLY A 410 -31.46 17.94 40.02
CA GLY A 410 -31.92 16.58 40.16
C GLY A 410 -30.85 15.59 40.62
N ASP A 411 -29.61 16.04 40.82
CA ASP A 411 -28.46 15.25 41.22
C ASP A 411 -28.18 14.05 40.31
N CYS A 412 -28.46 14.18 39.01
CA CYS A 412 -28.28 13.10 38.05
C CYS A 412 -26.83 12.88 37.64
N ILE A 413 -25.96 13.89 37.76
CA ILE A 413 -24.54 13.82 37.46
C ILE A 413 -23.78 13.57 38.76
N GLY A 414 -24.07 14.37 39.79
CA GLY A 414 -23.41 14.28 41.07
C GLY A 414 -23.45 12.88 41.67
N LYS A 415 -24.64 12.28 41.77
CA LYS A 415 -24.83 10.95 42.31
C LYS A 415 -23.98 9.90 41.62
N ASP A 416 -23.98 9.90 40.28
CA ASP A 416 -23.25 8.93 39.49
C ASP A 416 -21.75 9.09 39.65
N ALA A 417 -21.25 10.32 39.77
CA ALA A 417 -19.85 10.59 40.00
C ALA A 417 -19.41 10.06 41.36
N ARG A 418 -20.13 10.41 42.43
CA ARG A 418 -19.82 9.99 43.78
C ARG A 418 -19.79 8.47 43.90
N ASP A 419 -20.75 7.78 43.29
CA ASP A 419 -20.82 6.33 43.30
C ASP A 419 -19.66 5.67 42.58
N ALA A 420 -19.30 6.15 41.39
CA ALA A 420 -18.20 5.61 40.61
C ALA A 420 -16.86 5.80 41.31
N MET A 421 -16.63 6.95 41.93
CA MET A 421 -15.39 7.21 42.64
C MET A 421 -15.26 6.27 43.83
N ASP A 422 -16.32 6.07 44.61
CA ASP A 422 -16.29 5.16 45.75
C ASP A 422 -16.05 3.71 45.32
N ARG A 423 -16.66 3.28 44.21
CA ARG A 423 -16.44 1.94 43.68
C ARG A 423 -14.97 1.72 43.33
N ILE A 424 -14.34 2.64 42.61
CA ILE A 424 -12.95 2.54 42.22
C ILE A 424 -12.03 2.59 43.44
N PHE A 425 -12.28 3.53 44.35
CA PHE A 425 -11.47 3.67 45.55
C PHE A 425 -11.48 2.38 46.36
N ALA A 426 -12.67 1.82 46.60
CA ALA A 426 -12.83 0.58 47.33
C ALA A 426 -12.15 -0.59 46.62
N ARG A 427 -12.23 -0.64 45.28
CA ARG A 427 -11.64 -1.71 44.49
C ARG A 427 -10.11 -1.74 44.51
N ARG A 428 -9.45 -0.59 44.52
CA ARG A 428 -8.00 -0.52 44.41
C ARG A 428 -7.24 0.26 45.46
N TYR A 429 -7.61 1.52 45.69
CA TYR A 429 -6.90 2.44 46.55
C TYR A 429 -7.09 2.28 48.05
N ASN A 430 -8.14 1.57 48.49
CA ASN A 430 -8.51 1.37 49.88
C ASN A 430 -7.38 1.07 50.85
N ALA A 431 -6.38 0.27 50.45
CA ALA A 431 -5.27 -0.12 51.29
C ALA A 431 -3.94 0.59 51.02
N THR A 432 -3.90 1.54 50.09
CA THR A 432 -2.66 2.20 49.67
C THR A 432 -2.69 3.72 49.70
N HIS A 433 -3.88 4.33 49.62
CA HIS A 433 -4.06 5.76 49.57
C HIS A 433 -5.20 6.25 50.47
N ILE A 434 -5.31 7.57 50.57
CA ILE A 434 -6.33 8.31 51.28
C ILE A 434 -6.91 9.38 50.38
N LYS A 435 -8.22 9.63 50.46
CA LYS A 435 -8.86 10.68 49.70
C LYS A 435 -8.77 11.99 50.49
N VAL A 436 -8.23 13.02 49.84
CA VAL A 436 -7.93 14.30 50.45
C VAL A 436 -9.15 15.10 50.90
N GLY A 437 -10.09 15.34 50.00
CA GLY A 437 -11.30 16.11 50.26
C GLY A 437 -12.43 15.73 49.32
N GLN A 438 -13.52 16.49 49.33
CA GLN A 438 -14.69 16.22 48.51
C GLN A 438 -14.39 16.36 47.02
N PRO A 439 -15.12 15.64 46.14
CA PRO A 439 -14.91 15.73 44.71
C PRO A 439 -15.08 17.15 44.18
N GLN A 440 -14.31 17.48 43.15
CA GLN A 440 -14.29 18.78 42.49
C GLN A 440 -14.71 18.63 41.03
N TYR A 441 -15.46 19.59 40.49
CA TYR A 441 -15.96 19.54 39.13
C TYR A 441 -15.31 20.60 38.25
N TYR A 442 -14.83 20.22 37.06
CA TYR A 442 -14.14 21.11 36.15
C TYR A 442 -14.65 20.99 34.72
N LEU A 443 -15.03 22.10 34.08
CA LEU A 443 -15.45 22.10 32.68
C LEU A 443 -14.21 22.25 31.81
N ALA A 444 -13.83 21.18 31.11
CA ALA A 444 -12.66 21.17 30.25
C ALA A 444 -12.92 21.58 28.81
N ASN A 445 -11.88 22.08 28.14
CA ASN A 445 -11.94 22.46 26.74
C ASN A 445 -12.37 21.24 25.93
N GLY A 446 -13.18 21.47 24.89
CA GLY A 446 -13.76 20.42 24.08
C GLY A 446 -15.16 20.04 24.54
N GLY A 447 -15.64 20.59 25.65
CA GLY A 447 -16.99 20.37 26.17
C GLY A 447 -17.18 19.11 27.00
N PHE A 448 -16.27 18.83 27.93
CA PHE A 448 -16.34 17.73 28.87
C PHE A 448 -16.44 18.27 30.29
N LEU A 449 -17.05 17.51 31.19
CA LEU A 449 -17.15 17.85 32.59
C LEU A 449 -16.41 16.75 33.35
N ILE A 450 -15.30 17.09 33.98
CA ILE A 450 -14.46 16.16 34.72
C ILE A 450 -14.73 16.26 36.21
N ALA A 451 -15.23 15.18 36.80
CA ALA A 451 -15.37 15.09 38.24
C ALA A 451 -14.06 14.48 38.71
N TYR A 452 -13.33 15.16 39.60
CA TYR A 452 -12.03 14.75 40.09
C TYR A 452 -12.00 14.53 41.59
N GLN A 453 -11.23 13.54 42.04
CA GLN A 453 -11.06 13.18 43.43
C GLN A 453 -9.57 13.08 43.73
N PRO A 454 -8.94 14.08 44.36
CA PRO A 454 -7.53 14.03 44.67
C PRO A 454 -7.22 12.99 45.74
N LEU A 455 -6.07 12.31 45.58
CA LEU A 455 -5.57 11.27 46.45
C LEU A 455 -4.13 11.50 46.88
N LEU A 456 -3.76 10.91 48.02
CA LEU A 456 -2.42 10.88 48.57
C LEU A 456 -2.09 9.43 48.95
N SER A 457 -0.89 8.97 48.61
CA SER A 457 -0.43 7.66 48.99
C SER A 457 -0.09 7.64 50.47
N ASN A 458 -0.19 6.48 51.12
CA ASN A 458 0.09 6.36 52.55
C ASN A 458 1.50 6.82 52.93
N THR A 459 2.47 6.70 52.02
CA THR A 459 3.82 7.19 52.24
C THR A 459 3.85 8.71 52.32
N LEU A 460 3.18 9.42 51.40
CA LEU A 460 3.11 10.87 51.45
C LEU A 460 2.33 11.35 52.65
N ALA A 461 1.26 10.64 53.04
CA ALA A 461 0.48 11.00 54.21
C ALA A 461 1.34 11.12 55.44
N GLU A 462 2.28 10.18 55.64
CA GLU A 462 3.21 10.20 56.75
C GLU A 462 4.10 11.42 56.73
N LEU A 463 4.57 11.86 55.56
CA LEU A 463 5.39 13.04 55.40
C LEU A 463 4.63 14.30 55.82
N TYR A 464 3.35 14.41 55.46
CA TYR A 464 2.54 15.54 55.88
C TYR A 464 2.31 15.49 57.39
N VAL A 465 2.07 14.31 57.96
CA VAL A 465 1.85 14.13 59.38
C VAL A 465 3.08 14.55 60.18
N ARG A 466 4.26 14.03 59.86
CA ARG A 466 5.47 14.38 60.59
C ARG A 466 5.84 15.84 60.46
N GLU A 467 5.61 16.45 59.29
CA GLU A 467 5.89 17.87 59.10
C GLU A 467 4.92 18.71 59.92
N HIS A 468 3.65 18.34 59.96
CA HIS A 468 2.63 18.98 60.76
C HIS A 468 2.99 18.87 62.24
N LEU A 469 3.48 17.72 62.70
CA LEU A 469 3.89 17.51 64.08
C LEU A 469 5.07 18.38 64.47
N ARG A 470 6.08 18.56 63.60
CA ARG A 470 7.20 19.42 63.86
C ARG A 470 6.78 20.88 63.98
N GLU A 471 5.82 21.32 63.16
CA GLU A 471 5.26 22.66 63.21
C GLU A 471 4.39 22.85 64.45
N GLN A 472 3.58 21.86 64.82
CA GLN A 472 2.70 21.87 65.97
C GLN A 472 3.46 21.90 67.29
N SER A 473 4.64 21.28 67.33
CA SER A 473 5.51 21.21 68.49
C SER A 473 6.26 22.50 68.81
N ARG A 474 6.16 23.53 67.95
CA ARG A 474 6.81 24.82 68.07
C ARG A 474 6.25 25.66 69.22
N ILE A 501 -6.61 15.76 61.08
CA ILE A 501 -5.62 16.52 60.31
C ILE A 501 -6.18 16.93 58.96
N GLU A 502 -6.07 18.21 58.60
CA GLU A 502 -6.62 18.79 57.39
C GLU A 502 -5.71 18.69 56.17
N PHE A 503 -5.56 17.50 55.59
CA PHE A 503 -4.74 17.30 54.40
C PHE A 503 -5.07 18.25 53.27
N ALA A 504 -6.35 18.58 53.07
CA ALA A 504 -6.79 19.49 52.03
C ALA A 504 -6.18 20.87 52.12
N ARG A 505 -5.82 21.33 53.32
CA ARG A 505 -5.19 22.61 53.56
C ARG A 505 -3.67 22.52 53.44
N LEU A 506 -3.10 21.40 53.89
CA LEU A 506 -1.67 21.15 53.92
C LEU A 506 -1.03 20.86 52.56
N GLN A 507 -1.73 20.15 51.67
CA GLN A 507 -1.23 19.64 50.41
C GLN A 507 -0.06 20.37 49.74
N PHE A 508 -0.26 21.50 49.05
CA PHE A 508 0.82 22.16 48.35
C PHE A 508 1.63 23.17 49.15
N THR A 509 1.53 23.19 50.48
CA THR A 509 2.22 24.15 51.33
C THR A 509 3.68 23.86 51.62
N TYR A 510 4.12 22.60 51.59
CA TYR A 510 5.49 22.23 51.88
C TYR A 510 6.34 21.99 50.64
N ASN A 511 7.06 23.02 50.20
CA ASN A 511 7.90 22.98 49.02
C ASN A 511 8.88 21.81 48.99
N HIS A 512 9.55 21.52 50.11
CA HIS A 512 10.51 20.44 50.18
C HIS A 512 9.91 19.05 50.00
N ILE A 513 8.60 18.90 50.21
CA ILE A 513 7.87 17.66 50.00
C ILE A 513 7.36 17.61 48.56
N GLN A 514 6.83 18.73 48.07
CA GLN A 514 6.26 18.82 46.74
C GLN A 514 7.29 18.79 45.61
N ARG A 515 8.49 19.36 45.77
CA ARG A 515 9.51 19.37 44.75
C ARG A 515 9.86 17.96 44.27
N PRO A 516 10.13 16.98 45.14
CA PRO A 516 10.35 15.62 44.72
C PRO A 516 9.17 15.02 43.98
N VAL A 517 7.94 15.32 44.42
CA VAL A 517 6.72 14.81 43.83
C VAL A 517 6.52 15.35 42.42
N ASN A 518 6.74 16.65 42.17
CA ASN A 518 6.62 17.21 40.84
C ASN A 518 7.59 16.53 39.88
N ASP A 519 8.82 16.28 40.33
CA ASP A 519 9.84 15.63 39.52
C ASP A 519 9.56 14.15 39.28
N MET A 520 8.85 13.50 40.20
CA MET A 520 8.46 12.10 40.08
C MET A 520 7.28 11.93 39.15
N LEU A 521 6.14 12.56 39.46
CA LEU A 521 4.93 12.48 38.67
C LEU A 521 5.09 13.12 37.31
N GLY A 522 5.90 14.17 37.17
CA GLY A 522 6.16 14.78 35.88
C GLY A 522 6.74 13.77 34.90
N ARG A 523 7.64 12.90 35.37
CA ARG A 523 8.22 11.86 34.56
C ARG A 523 7.17 10.81 34.18
N VAL A 524 6.25 10.47 35.08
CA VAL A 524 5.19 9.53 34.79
C VAL A 524 4.29 10.07 33.69
N ALA A 525 3.87 11.33 33.79
CA ALA A 525 3.03 11.97 32.79
C ALA A 525 3.71 12.02 31.44
N ILE A 526 5.01 12.33 31.40
CA ILE A 526 5.78 12.37 30.17
C ILE A 526 5.88 10.98 29.57
N ALA A 527 6.09 9.93 30.36
CA ALA A 527 6.16 8.57 29.88
C ALA A 527 4.86 8.16 29.20
N TRP A 528 3.70 8.50 29.78
CA TRP A 528 2.41 8.22 29.19
C TRP A 528 2.21 8.94 27.87
N CYS A 529 2.67 10.20 27.76
CA CYS A 529 2.56 10.94 26.52
C CYS A 529 3.35 10.26 25.41
N GLU A 530 4.57 9.81 25.70
CA GLU A 530 5.40 9.13 24.73
C GLU A 530 4.78 7.82 24.27
N LEU A 531 4.16 7.06 25.17
CA LEU A 531 3.48 5.83 24.79
C LEU A 531 2.28 6.12 23.90
N CYS A 532 1.46 7.12 24.25
CA CYS A 532 0.32 7.48 23.44
C CYS A 532 0.73 7.95 22.05
N ASN A 533 1.72 8.82 21.89
CA ASN A 533 2.16 9.25 20.58
C ASN A 533 2.62 8.07 19.74
N HIS A 534 3.35 7.13 20.34
CA HIS A 534 3.83 5.95 19.65
C HIS A 534 2.67 5.05 19.20
N GLU A 535 1.75 4.71 20.10
CA GLU A 535 0.61 3.86 19.80
C GLU A 535 -0.38 4.50 18.83
N LEU A 536 -0.74 5.77 19.02
CA LEU A 536 -1.65 6.47 18.12
C LEU A 536 -1.10 6.51 16.71
N THR A 537 0.22 6.65 16.54
CA THR A 537 0.77 6.72 15.20
C THR A 537 0.63 5.39 14.47
N LEU A 538 0.93 4.27 15.13
CA LEU A 538 0.74 2.97 14.52
C LEU A 538 -0.73 2.71 14.22
N TRP A 539 -1.62 3.02 15.17
CA TRP A 539 -3.04 2.80 14.99
C TRP A 539 -3.61 3.62 13.84
N ASN A 540 -3.21 4.89 13.72
CA ASN A 540 -3.66 5.74 12.64
C ASN A 540 -3.18 5.27 11.27
N GLU A 541 -2.00 4.66 11.17
CA GLU A 541 -1.55 4.11 9.90
C GLU A 541 -2.31 2.84 9.57
N ALA A 542 -2.54 1.94 10.53
CA ALA A 542 -3.31 0.73 10.26
C ALA A 542 -4.71 1.07 9.80
N ARG A 543 -5.36 2.06 10.42
CA ARG A 543 -6.69 2.51 10.05
C ARG A 543 -6.75 3.00 8.61
N LYS A 544 -5.67 3.56 8.09
CA LYS A 544 -5.58 4.03 6.72
C LYS A 544 -5.61 2.88 5.73
N LEU A 545 -5.07 1.72 6.09
CA LEU A 545 -4.97 0.53 5.27
C LEU A 545 -6.20 -0.38 5.32
N ASN A 546 -6.73 -0.66 6.51
CA ASN A 546 -7.87 -1.53 6.69
C ASN A 546 -8.82 -0.98 7.74
N PRO A 547 -9.65 0.01 7.38
CA PRO A 547 -10.57 0.61 8.32
C PRO A 547 -11.59 -0.38 8.87
N ASN A 548 -12.03 -1.37 8.10
CA ASN A 548 -13.00 -2.35 8.58
C ASN A 548 -12.50 -3.13 9.78
N ALA A 549 -11.24 -3.57 9.78
CA ALA A 549 -10.69 -4.32 10.88
C ALA A 549 -10.49 -3.46 12.12
N ILE A 550 -9.91 -2.26 11.94
CA ILE A 550 -9.66 -1.35 13.03
C ILE A 550 -10.95 -0.86 13.67
N ALA A 551 -11.96 -0.50 12.88
CA ALA A 551 -13.23 -0.09 13.42
C ALA A 551 -13.89 -1.23 14.17
N SER A 552 -13.88 -2.45 13.62
CA SER A 552 -14.50 -3.59 14.26
C SER A 552 -13.93 -3.90 15.64
N VAL A 553 -12.60 -3.86 15.83
CA VAL A 553 -12.04 -4.12 17.14
C VAL A 553 -12.23 -2.95 18.10
N THR A 554 -12.35 -1.73 17.57
CA THR A 554 -12.58 -0.55 18.39
C THR A 554 -13.99 -0.55 18.97
N VAL A 555 -15.00 -0.86 18.15
CA VAL A 555 -16.39 -0.89 18.56
C VAL A 555 -16.80 -2.20 19.22
N GLY A 556 -16.07 -3.29 18.97
CA GLY A 556 -16.36 -4.59 19.56
C GLY A 556 -17.47 -5.39 18.88
N ARG A 557 -17.73 -5.12 17.60
CA ARG A 557 -18.71 -5.78 16.76
C ARG A 557 -18.35 -5.49 15.30
N ARG A 558 -18.77 -6.33 14.35
CA ARG A 558 -18.44 -6.10 12.96
C ARG A 558 -19.17 -4.87 12.43
N VAL A 559 -18.43 -3.95 11.81
CA VAL A 559 -18.93 -2.73 11.20
C VAL A 559 -18.19 -2.49 9.89
N SER A 560 -18.88 -1.90 8.90
CA SER A 560 -18.24 -1.49 7.66
C SER A 560 -17.76 -0.07 7.89
N ALA A 561 -16.59 0.28 7.35
CA ALA A 561 -16.02 1.61 7.52
C ALA A 561 -15.37 2.10 6.23
N ARG A 562 -15.42 3.41 6.00
CA ARG A 562 -14.90 4.04 4.80
C ARG A 562 -14.30 5.40 5.13
N MET A 563 -13.09 5.70 4.66
CA MET A 563 -12.44 6.97 4.94
C MET A 563 -12.94 8.04 3.99
N LEU A 564 -13.66 9.04 4.49
CA LEU A 564 -14.16 10.17 3.73
C LEU A 564 -13.17 11.32 3.83
N GLY A 565 -11.91 11.06 3.48
CA GLY A 565 -10.84 12.03 3.58
C GLY A 565 -10.14 11.82 4.92
N ASP A 566 -10.34 12.73 5.88
CA ASP A 566 -9.67 12.69 7.16
C ASP A 566 -10.54 12.29 8.34
N VAL A 567 -11.73 11.71 8.07
CA VAL A 567 -12.68 11.19 9.02
C VAL A 567 -13.22 9.87 8.50
N MET A 568 -13.77 9.04 9.38
CA MET A 568 -14.26 7.72 9.02
C MET A 568 -15.77 7.60 9.14
N ALA A 569 -16.44 7.18 8.07
CA ALA A 569 -17.87 6.92 8.06
C ALA A 569 -18.06 5.45 8.42
N VAL A 570 -19.06 5.10 9.23
CA VAL A 570 -19.28 3.74 9.67
C VAL A 570 -20.73 3.27 9.59
N SER A 571 -20.97 1.96 9.53
CA SER A 571 -22.30 1.39 9.50
C SER A 571 -22.29 -0.06 9.98
N THR A 572 -23.42 -0.58 10.45
CA THR A 572 -23.50 -1.95 10.93
C THR A 572 -23.60 -2.97 9.80
N CYS A 573 -22.75 -4.00 9.79
CA CYS A 573 -22.85 -5.07 8.83
C CYS A 573 -23.96 -6.04 9.27
N VAL A 574 -24.67 -6.67 8.34
CA VAL A 574 -25.72 -7.62 8.66
C VAL A 574 -25.19 -9.04 8.63
N PRO A 575 -25.42 -9.87 9.64
CA PRO A 575 -24.93 -11.24 9.68
C PRO A 575 -25.74 -12.19 8.81
N VAL A 576 -25.10 -13.28 8.36
CA VAL A 576 -25.64 -14.34 7.54
C VAL A 576 -25.14 -15.68 8.06
N ALA A 577 -26.04 -16.64 8.30
CA ALA A 577 -25.68 -17.95 8.80
C ALA A 577 -24.89 -18.75 7.78
N ALA A 578 -23.87 -19.50 8.24
CA ALA A 578 -22.97 -20.24 7.39
C ALA A 578 -23.61 -21.25 6.44
N ASP A 579 -24.73 -21.89 6.80
CA ASP A 579 -25.38 -22.87 5.96
C ASP A 579 -26.17 -22.25 4.81
N ASN A 580 -26.46 -20.95 4.85
CA ASN A 580 -27.15 -20.24 3.80
C ASN A 580 -26.23 -19.75 2.69
N VAL A 581 -24.93 -20.07 2.75
CA VAL A 581 -23.93 -19.68 1.76
C VAL A 581 -23.44 -20.88 0.97
N ILE A 582 -23.31 -20.72 -0.34
CA ILE A 582 -22.88 -21.73 -1.30
C ILE A 582 -21.77 -21.15 -2.16
N VAL A 583 -20.64 -21.87 -2.29
CA VAL A 583 -19.50 -21.47 -3.09
C VAL A 583 -19.55 -22.08 -4.48
N GLN A 584 -19.22 -21.30 -5.52
CA GLN A 584 -19.24 -21.75 -6.90
C GLN A 584 -17.99 -22.57 -7.25
N ASN A 585 -18.11 -23.53 -8.16
CA ASN A 585 -17.02 -24.42 -8.50
C ASN A 585 -15.83 -23.82 -9.23
N SER A 586 -15.89 -22.62 -9.83
CA SER A 586 -14.74 -22.06 -10.50
C SER A 586 -14.68 -20.54 -10.50
N MET A 587 -13.47 -20.02 -10.68
CA MET A 587 -13.15 -18.60 -10.75
C MET A 587 -12.88 -18.13 -12.17
N ARG A 588 -12.98 -19.00 -13.18
CA ARG A 588 -12.79 -18.63 -14.57
C ARG A 588 -13.92 -17.74 -15.05
N ILE A 589 -13.66 -16.92 -16.07
CA ILE A 589 -14.65 -16.08 -16.71
C ILE A 589 -14.76 -16.58 -18.15
N SER A 590 -15.93 -17.08 -18.55
CA SER A 590 -16.14 -17.60 -19.88
C SER A 590 -16.19 -16.53 -20.96
N SER A 591 -16.71 -15.33 -20.64
CA SER A 591 -16.87 -14.22 -21.55
C SER A 591 -15.57 -13.60 -22.07
N ARG A 592 -14.46 -13.73 -21.36
CA ARG A 592 -13.16 -13.20 -21.71
C ARG A 592 -12.09 -14.17 -21.22
N PRO A 593 -11.45 -14.95 -22.09
CA PRO A 593 -10.53 -15.99 -21.68
C PRO A 593 -9.27 -15.54 -20.95
N GLY A 594 -8.82 -14.29 -21.13
CA GLY A 594 -7.63 -13.79 -20.48
C GLY A 594 -7.76 -13.43 -19.00
N ALA A 595 -8.98 -13.37 -18.43
CA ALA A 595 -9.22 -12.97 -17.07
C ALA A 595 -9.91 -14.02 -16.21
N CYS A 596 -9.74 -13.90 -14.89
CA CYS A 596 -10.28 -14.78 -13.89
C CYS A 596 -10.57 -14.01 -12.60
N TYR A 597 -11.60 -14.36 -11.85
CA TYR A 597 -11.91 -13.69 -10.59
C TYR A 597 -10.77 -13.87 -9.61
N SER A 598 -10.47 -12.87 -8.77
CA SER A 598 -9.36 -12.96 -7.83
C SER A 598 -9.71 -13.59 -6.49
N ARG A 599 -11.01 -13.63 -6.16
CA ARG A 599 -11.60 -14.10 -4.93
C ARG A 599 -12.84 -14.88 -5.35
N PRO A 600 -13.18 -16.02 -4.74
CA PRO A 600 -14.24 -16.89 -5.24
C PRO A 600 -15.65 -16.32 -5.21
N LEU A 601 -16.45 -16.75 -6.18
CA LEU A 601 -17.85 -16.36 -6.28
C LEU A 601 -18.70 -17.18 -5.31
N VAL A 602 -19.78 -16.57 -4.81
CA VAL A 602 -20.69 -17.19 -3.88
C VAL A 602 -22.13 -16.86 -4.23
N SER A 603 -23.06 -17.60 -3.63
CA SER A 603 -24.49 -17.45 -3.80
C SER A 603 -25.11 -17.72 -2.43
N PHE A 604 -25.97 -16.84 -1.92
CA PHE A 604 -26.49 -17.00 -0.57
C PHE A 604 -27.89 -16.42 -0.36
N ARG A 605 -28.43 -16.61 0.84
CA ARG A 605 -29.72 -16.12 1.25
C ARG A 605 -29.63 -15.42 2.60
N TYR A 606 -30.37 -14.32 2.80
CA TYR A 606 -30.41 -13.67 4.10
C TYR A 606 -31.23 -14.50 5.08
N GLU A 607 -32.27 -15.18 4.59
CA GLU A 607 -33.17 -16.02 5.35
C GLU A 607 -33.35 -17.34 4.60
N ASP A 608 -33.39 -18.46 5.32
CA ASP A 608 -33.44 -19.82 4.80
C ASP A 608 -34.38 -20.09 3.63
N GLN A 609 -35.58 -19.49 3.64
CA GLN A 609 -36.60 -19.63 2.63
C GLN A 609 -36.64 -18.53 1.58
N GLY A 610 -35.83 -17.48 1.74
CA GLY A 610 -35.78 -16.32 0.87
C GLY A 610 -35.18 -16.51 -0.51
N PRO A 611 -35.21 -15.47 -1.35
CA PRO A 611 -34.64 -15.50 -2.68
C PRO A 611 -33.12 -15.58 -2.62
N LEU A 612 -32.51 -16.22 -3.62
CA LEU A 612 -31.08 -16.41 -3.72
C LEU A 612 -30.39 -15.17 -4.28
N VAL A 613 -29.21 -14.82 -3.75
CA VAL A 613 -28.44 -13.63 -4.08
C VAL A 613 -27.01 -13.97 -4.47
N GLU A 614 -26.58 -13.55 -5.66
CA GLU A 614 -25.22 -13.75 -6.15
C GLU A 614 -24.27 -12.69 -5.61
N GLY A 615 -23.06 -13.10 -5.22
CA GLY A 615 -22.03 -12.21 -4.71
C GLY A 615 -20.63 -12.79 -4.89
N GLN A 616 -19.64 -12.19 -4.22
CA GLN A 616 -18.26 -12.61 -4.24
C GLN A 616 -17.74 -12.58 -2.81
N LEU A 617 -16.91 -13.56 -2.43
CA LEU A 617 -16.34 -13.62 -1.09
C LEU A 617 -15.41 -12.43 -0.88
N GLY A 618 -15.07 -12.12 0.38
CA GLY A 618 -14.15 -11.07 0.76
C GLY A 618 -13.29 -11.51 1.94
N GLU A 619 -12.51 -10.60 2.51
CA GLU A 619 -11.71 -10.92 3.68
C GLU A 619 -12.57 -11.18 4.91
N ASN A 620 -12.08 -12.01 5.84
CA ASN A 620 -12.72 -12.29 7.12
C ASN A 620 -14.23 -12.46 7.07
N ASN A 621 -14.69 -13.42 6.26
CA ASN A 621 -16.08 -13.78 6.08
C ASN A 621 -17.01 -12.70 5.53
N GLU A 622 -16.49 -11.62 4.94
CA GLU A 622 -17.33 -10.62 4.32
C GLU A 622 -17.86 -11.12 2.99
N LEU A 623 -19.07 -10.68 2.63
CA LEU A 623 -19.72 -11.01 1.37
C LEU A 623 -19.96 -9.70 0.62
N ARG A 624 -19.49 -9.62 -0.62
CA ARG A 624 -19.63 -8.46 -1.48
C ARG A 624 -20.68 -8.76 -2.53
N LEU A 625 -21.48 -7.78 -2.93
CA LEU A 625 -22.56 -7.97 -3.90
C LEU A 625 -22.19 -7.61 -5.33
N THR A 626 -20.90 -7.36 -5.60
CA THR A 626 -20.42 -6.86 -6.87
C THR A 626 -19.93 -7.83 -7.93
N ARG A 627 -19.15 -8.87 -7.60
CA ARG A 627 -18.51 -9.74 -8.55
C ARG A 627 -17.62 -8.95 -9.50
N ASP A 628 -16.69 -8.17 -8.94
CA ASP A 628 -15.81 -7.29 -9.68
C ASP A 628 -14.31 -7.42 -9.41
N ALA A 629 -13.87 -8.23 -8.43
CA ALA A 629 -12.46 -8.42 -8.19
C ALA A 629 -11.96 -9.42 -9.23
N ILE A 630 -11.14 -8.95 -10.18
CA ILE A 630 -10.66 -9.70 -11.33
C ILE A 630 -9.15 -9.54 -11.52
N GLU A 631 -8.49 -10.59 -11.98
CA GLU A 631 -7.08 -10.70 -12.30
C GLU A 631 -6.87 -11.18 -13.73
N PRO A 632 -5.68 -10.97 -14.31
CA PRO A 632 -5.31 -11.68 -15.52
C PRO A 632 -5.03 -13.10 -15.10
N CYS A 633 -5.51 -14.10 -15.85
CA CYS A 633 -5.33 -15.49 -15.45
C CYS A 633 -3.88 -15.95 -15.50
N THR A 634 -3.42 -16.58 -14.43
CA THR A 634 -2.08 -17.08 -14.23
C THR A 634 -1.98 -18.60 -14.29
N VAL A 635 -0.78 -19.16 -14.11
CA VAL A 635 -0.55 -20.60 -14.04
C VAL A 635 0.09 -20.96 -12.71
N GLY A 636 -0.21 -22.16 -12.20
CA GLY A 636 0.30 -22.63 -10.92
C GLY A 636 -0.41 -21.99 -9.74
N HIS A 637 -1.65 -21.54 -9.93
CA HIS A 637 -2.45 -20.87 -8.93
C HIS A 637 -2.93 -21.80 -7.82
N ARG A 638 -2.73 -21.42 -6.56
CA ARG A 638 -3.17 -22.11 -5.36
C ARG A 638 -3.55 -21.07 -4.32
N ARG A 639 -4.72 -21.18 -3.69
CA ARG A 639 -5.19 -20.25 -2.68
C ARG A 639 -6.10 -20.89 -1.64
N TYR A 640 -6.06 -20.35 -0.42
CA TYR A 640 -6.90 -20.73 0.69
C TYR A 640 -7.68 -19.47 1.09
N PHE A 641 -9.01 -19.47 1.03
CA PHE A 641 -9.79 -18.32 1.44
C PHE A 641 -10.56 -18.63 2.72
N THR A 642 -10.61 -17.72 3.68
CA THR A 642 -11.34 -17.94 4.92
C THR A 642 -12.82 -18.13 4.59
N PHE A 643 -13.44 -19.16 5.15
CA PHE A 643 -14.83 -19.47 4.86
C PHE A 643 -15.54 -20.11 6.06
N GLY A 644 -16.09 -19.26 6.92
CA GLY A 644 -16.87 -19.62 8.09
C GLY A 644 -16.22 -20.63 9.03
N GLY A 645 -15.21 -20.23 9.80
CA GLY A 645 -14.54 -21.10 10.75
C GLY A 645 -13.76 -22.24 10.12
N GLY A 646 -13.22 -21.99 8.93
CA GLY A 646 -12.43 -22.91 8.12
C GLY A 646 -11.92 -22.22 6.87
N TYR A 647 -11.52 -22.99 5.85
CA TYR A 647 -11.03 -22.45 4.60
C TYR A 647 -11.51 -23.25 3.40
N VAL A 648 -11.64 -22.59 2.24
CA VAL A 648 -11.92 -23.27 0.99
C VAL A 648 -10.62 -23.19 0.19
N TYR A 649 -10.18 -24.33 -0.34
CA TYR A 649 -8.96 -24.43 -1.12
C TYR A 649 -9.28 -24.48 -2.61
N PHE A 650 -8.67 -23.58 -3.37
CA PHE A 650 -8.82 -23.46 -4.81
C PHE A 650 -7.49 -23.72 -5.50
N GLU A 651 -7.51 -24.52 -6.56
CA GLU A 651 -6.33 -24.89 -7.31
C GLU A 651 -6.60 -24.69 -8.80
N GLU A 652 -5.74 -23.93 -9.50
CA GLU A 652 -5.88 -23.60 -10.89
C GLU A 652 -7.27 -23.06 -11.23
N TYR A 653 -7.71 -22.10 -10.42
CA TYR A 653 -8.99 -21.42 -10.51
C TYR A 653 -10.21 -22.31 -10.35
N ALA A 654 -10.09 -23.49 -9.74
CA ALA A 654 -11.19 -24.40 -9.52
C ALA A 654 -11.28 -24.81 -8.04
N TYR A 655 -12.51 -24.87 -7.50
CA TYR A 655 -12.76 -25.24 -6.12
C TYR A 655 -12.40 -26.71 -5.91
N SER A 656 -11.66 -27.02 -4.84
CA SER A 656 -11.20 -28.35 -4.53
C SER A 656 -11.86 -28.98 -3.30
N HIS A 657 -11.67 -28.39 -2.11
CA HIS A 657 -12.24 -28.90 -0.88
C HIS A 657 -12.26 -27.82 0.19
N GLN A 658 -12.83 -28.15 1.37
CA GLN A 658 -12.97 -27.25 2.49
C GLN A 658 -12.34 -27.83 3.75
N LEU A 659 -11.35 -27.13 4.32
CA LEU A 659 -10.65 -27.53 5.52
C LEU A 659 -11.21 -26.94 6.79
N SER A 660 -11.07 -27.65 7.90
CA SER A 660 -11.41 -27.13 9.22
C SER A 660 -10.26 -26.24 9.66
N ARG A 661 -10.51 -25.22 10.49
CA ARG A 661 -9.45 -24.35 10.95
C ARG A 661 -8.38 -25.09 11.74
N ALA A 662 -8.71 -26.24 12.34
CA ALA A 662 -7.78 -27.06 13.09
C ALA A 662 -6.84 -27.89 12.23
N ASP A 663 -7.03 -27.94 10.91
CA ASP A 663 -6.21 -28.72 10.01
C ASP A 663 -4.87 -28.10 9.66
N ILE A 664 -4.66 -26.81 9.93
CA ILE A 664 -3.44 -26.08 9.65
C ILE A 664 -2.70 -25.75 10.95
N THR A 665 -1.38 -25.81 10.95
CA THR A 665 -0.58 -25.49 12.13
C THR A 665 -0.60 -24.00 12.41
N THR A 666 -1.20 -23.60 13.54
CA THR A 666 -1.26 -22.22 13.97
C THR A 666 0.11 -21.82 14.51
N VAL A 667 0.68 -20.74 13.99
CA VAL A 667 1.95 -20.25 14.50
C VAL A 667 1.71 -19.60 15.86
N SER A 668 2.56 -19.87 16.85
CA SER A 668 2.42 -19.31 18.18
C SER A 668 2.37 -17.79 18.14
N THR A 669 1.65 -17.20 19.10
CA THR A 669 1.33 -15.80 19.25
C THR A 669 2.29 -14.80 18.61
N PHE A 670 3.51 -14.63 19.13
CA PHE A 670 4.49 -13.72 18.57
C PHE A 670 5.88 -14.32 18.33
N ILE A 671 6.23 -15.44 18.97
CA ILE A 671 7.49 -16.14 18.81
C ILE A 671 7.21 -17.64 18.79
N ASP A 672 7.75 -18.36 17.80
CA ASP A 672 7.59 -19.79 17.66
C ASP A 672 8.87 -20.48 17.19
N LEU A 673 9.07 -21.71 17.63
CA LEU A 673 10.22 -22.56 17.38
C LEU A 673 9.77 -23.98 17.06
N ASN A 674 10.73 -24.89 16.81
CA ASN A 674 10.48 -26.28 16.48
C ASN A 674 9.62 -26.48 15.24
N ILE A 675 9.48 -25.43 14.42
CA ILE A 675 8.75 -25.43 13.17
C ILE A 675 9.58 -26.09 12.08
N THR A 676 8.94 -26.98 11.31
CA THR A 676 9.56 -27.70 10.21
C THR A 676 9.32 -26.96 8.89
N MET A 677 10.31 -26.95 8.01
CA MET A 677 10.26 -26.27 6.72
C MET A 677 11.12 -27.00 5.69
N LEU A 678 10.95 -26.60 4.43
CA LEU A 678 11.67 -27.14 3.29
C LEU A 678 12.28 -26.03 2.46
N GLU A 679 13.29 -26.38 1.65
CA GLU A 679 13.90 -25.47 0.71
C GLU A 679 13.05 -25.56 -0.56
N ASP A 680 11.90 -24.90 -0.57
CA ASP A 680 10.95 -24.92 -1.66
C ASP A 680 11.60 -24.69 -3.02
N HIS A 681 11.31 -25.58 -3.97
CA HIS A 681 11.82 -25.57 -5.33
C HIS A 681 10.65 -25.37 -6.28
N GLU A 682 10.62 -24.29 -7.07
CA GLU A 682 9.44 -23.91 -7.82
C GLU A 682 8.82 -24.87 -8.83
N PHE A 683 9.57 -25.61 -9.65
CA PHE A 683 9.03 -26.52 -10.64
C PHE A 683 7.94 -25.86 -11.47
N VAL A 684 8.33 -24.80 -12.19
CA VAL A 684 7.47 -23.99 -13.00
C VAL A 684 6.78 -24.74 -14.14
N PRO A 685 5.53 -24.44 -14.49
CA PRO A 685 4.85 -25.07 -15.59
C PRO A 685 5.54 -24.74 -16.91
N LEU A 686 5.47 -25.67 -17.87
CA LEU A 686 6.13 -25.55 -19.15
C LEU A 686 5.70 -24.36 -20.00
N GLU A 687 4.43 -23.97 -19.90
CA GLU A 687 3.82 -22.87 -20.61
C GLU A 687 4.44 -21.52 -20.32
N VAL A 688 5.11 -21.36 -19.19
CA VAL A 688 5.78 -20.12 -18.81
C VAL A 688 6.95 -19.83 -19.74
N TYR A 689 7.47 -20.84 -20.44
CA TYR A 689 8.56 -20.69 -21.38
C TYR A 689 8.11 -20.55 -22.82
N THR A 690 7.11 -21.33 -23.24
CA THR A 690 6.58 -21.35 -24.60
C THR A 690 5.62 -20.20 -24.85
N ARG A 691 4.41 -20.30 -24.30
CA ARG A 691 3.32 -19.34 -24.37
C ARG A 691 3.59 -18.08 -23.55
N HIS A 692 4.63 -18.13 -22.71
CA HIS A 692 5.09 -17.08 -21.83
C HIS A 692 3.98 -16.49 -20.97
N GLU A 693 3.19 -17.40 -20.37
CA GLU A 693 2.12 -17.09 -19.46
C GLU A 693 2.69 -16.71 -18.10
N ILE A 694 2.01 -15.83 -17.35
CA ILE A 694 2.48 -15.38 -16.06
C ILE A 694 2.27 -16.39 -14.95
N LYS A 695 3.33 -16.61 -14.15
CA LYS A 695 3.36 -17.51 -13.03
C LYS A 695 2.74 -16.87 -11.80
N ASP A 696 1.84 -17.59 -11.11
CA ASP A 696 1.21 -17.13 -9.88
C ASP A 696 2.27 -16.78 -8.84
N SER A 697 2.06 -15.66 -8.15
CA SER A 697 2.94 -15.11 -7.13
C SER A 697 2.23 -14.75 -5.84
N GLY A 698 1.08 -15.34 -5.56
CA GLY A 698 0.30 -15.06 -4.36
C GLY A 698 -0.20 -13.63 -4.32
N LEU A 699 -0.68 -13.19 -3.15
CA LEU A 699 -1.15 -11.83 -2.96
C LEU A 699 0.04 -10.88 -2.96
N LEU A 700 -0.20 -9.63 -3.38
CA LEU A 700 0.84 -8.62 -3.50
C LEU A 700 1.31 -7.98 -2.21
N ASP A 701 2.62 -8.03 -1.95
CA ASP A 701 3.27 -7.34 -0.86
C ASP A 701 3.31 -5.85 -1.18
N TYR A 702 3.59 -5.00 -0.19
CA TYR A 702 3.70 -3.58 -0.48
C TYR A 702 4.81 -3.31 -1.49
N THR A 703 5.91 -4.06 -1.41
CA THR A 703 7.01 -3.94 -2.34
C THR A 703 6.61 -4.39 -3.75
N GLU A 704 5.76 -5.39 -3.91
CA GLU A 704 5.30 -5.84 -5.21
C GLU A 704 4.28 -4.87 -5.79
N VAL A 705 3.45 -4.24 -4.96
CA VAL A 705 2.51 -3.24 -5.40
C VAL A 705 3.29 -2.07 -5.98
N GLN A 706 4.23 -1.49 -5.23
CA GLN A 706 5.00 -0.38 -5.76
C GLN A 706 5.87 -0.80 -6.95
N ARG A 707 6.32 -2.06 -7.03
CA ARG A 707 7.06 -2.54 -8.18
C ARG A 707 6.18 -2.56 -9.42
N ARG A 708 4.91 -2.95 -9.31
CA ARG A 708 3.98 -2.94 -10.43
C ARG A 708 3.55 -1.53 -10.81
N VAL A 709 3.35 -0.63 -9.85
CA VAL A 709 3.02 0.75 -10.15
C VAL A 709 4.14 1.38 -10.96
N GLN A 710 5.41 1.15 -10.60
CA GLN A 710 6.55 1.65 -11.33
C GLN A 710 6.67 1.06 -12.72
N LEU A 711 6.07 -0.12 -12.98
CA LEU A 711 6.07 -0.74 -14.28
C LEU A 711 4.94 -0.19 -15.16
N HIS A 712 3.80 0.18 -14.57
CA HIS A 712 2.69 0.74 -15.33
C HIS A 712 3.00 2.13 -15.86
N ASP A 713 3.61 3.04 -15.11
CA ASP A 713 3.92 4.33 -15.68
C ASP A 713 5.00 4.22 -16.75
N LEU A 714 5.77 3.14 -16.77
CA LEU A 714 6.72 2.86 -17.83
C LEU A 714 5.96 2.41 -19.07
N ARG A 715 4.94 1.56 -18.94
CA ARG A 715 4.12 1.15 -20.06
C ARG A 715 3.38 2.35 -20.64
N PHE A 716 2.88 3.25 -19.79
CA PHE A 716 2.24 4.46 -20.27
C PHE A 716 3.22 5.34 -21.02
N ALA A 717 4.45 5.54 -20.53
CA ALA A 717 5.43 6.34 -21.23
C ALA A 717 5.72 5.81 -22.62
N ASP A 718 5.74 4.48 -22.80
CA ASP A 718 5.95 3.85 -24.08
C ASP A 718 4.76 4.02 -25.01
N ILE A 719 3.52 3.85 -24.53
CA ILE A 719 2.31 4.05 -25.30
C ILE A 719 2.18 5.51 -25.72
N ASP A 720 2.45 6.43 -24.79
CA ASP A 720 2.42 7.87 -24.99
C ASP A 720 3.39 8.27 -26.08
N THR A 721 4.62 7.74 -26.03
CA THR A 721 5.64 7.99 -27.03
C THR A 721 5.22 7.45 -28.38
N VAL A 722 4.62 6.25 -28.47
CA VAL A 722 4.15 5.67 -29.71
C VAL A 722 3.10 6.55 -30.38
N ILE A 723 2.21 7.19 -29.62
CA ILE A 723 1.18 8.07 -30.14
C ILE A 723 1.75 9.41 -30.57
N HIS A 724 2.64 10.03 -29.78
CA HIS A 724 3.20 11.33 -30.06
C HIS A 724 4.44 11.38 -30.93
N ALA A 725 5.08 10.26 -31.24
CA ALA A 725 6.24 10.17 -32.12
C ALA A 725 5.82 10.25 -33.58
N ASP A 726 5.40 11.44 -34.00
CA ASP A 726 4.94 11.78 -35.33
C ASP A 726 6.03 11.66 -36.38
N ALA A 727 5.77 10.95 -37.48
CA ALA A 727 6.68 10.77 -38.58
C ALA A 727 7.12 12.08 -39.22
N ASN A 728 6.25 13.11 -39.16
CA ASN A 728 6.55 14.43 -39.67
C ASN A 728 7.64 15.10 -38.84
N ALA A 729 7.60 14.95 -37.51
CA ALA A 729 8.61 15.50 -36.62
C ALA A 729 9.97 14.84 -36.86
N ALA A 730 9.99 13.54 -37.15
CA ALA A 730 11.20 12.81 -37.47
C ALA A 730 11.82 13.32 -38.77
N MET A 731 11.00 13.66 -39.76
CA MET A 731 11.46 14.22 -41.01
C MET A 731 12.01 15.63 -40.81
N PHE A 732 11.31 16.48 -40.07
CA PHE A 732 11.76 17.83 -39.74
C PHE A 732 13.09 17.81 -39.01
N ALA A 733 13.28 16.90 -38.05
CA ALA A 733 14.53 16.74 -37.32
C ALA A 733 15.69 16.39 -38.25
N GLY A 734 15.43 15.57 -39.27
CA GLY A 734 16.41 15.18 -40.28
C GLY A 734 16.86 16.38 -41.09
N LEU A 735 15.94 17.27 -41.47
CA LEU A 735 16.25 18.49 -42.19
C LEU A 735 17.00 19.48 -41.31
N GLY A 736 16.67 19.55 -40.01
CA GLY A 736 17.34 20.39 -39.04
C GLY A 736 18.82 20.06 -38.95
N ALA A 737 19.14 18.76 -38.88
CA ALA A 737 20.50 18.25 -38.86
C ALA A 737 21.23 18.46 -40.17
N PHE A 738 20.54 18.40 -41.31
CA PHE A 738 21.11 18.61 -42.63
C PHE A 738 21.53 20.06 -42.85
N PHE A 739 20.66 21.02 -42.57
CA PHE A 739 20.95 22.43 -42.75
C PHE A 739 21.94 23.00 -41.74
N GLU A 740 22.05 22.43 -40.53
CA GLU A 740 23.00 22.86 -39.53
C GLU A 740 24.44 22.80 -40.02
N GLY A 741 24.80 21.77 -40.78
CA GLY A 741 26.12 21.57 -41.34
C GLY A 741 26.44 22.38 -42.59
N MET A 742 25.47 23.11 -43.15
CA MET A 742 25.60 23.93 -44.33
C MET A 742 25.82 25.41 -44.07
N GLY A 743 25.82 25.85 -42.80
CA GLY A 743 26.03 27.23 -42.41
C GLY A 743 24.95 28.20 -42.88
N ASP A 744 25.30 29.47 -43.04
CA ASP A 744 24.37 30.50 -43.48
C ASP A 744 23.83 30.26 -44.88
N LEU A 745 24.61 29.65 -45.77
CA LEU A 745 24.18 29.27 -47.10
C LEU A 745 23.06 28.23 -47.02
N GLY A 746 23.08 27.41 -45.98
CA GLY A 746 22.07 26.41 -45.66
C GLY A 746 20.86 27.04 -44.99
N ARG A 747 21.05 27.87 -43.96
CA ARG A 747 19.99 28.54 -43.23
C ARG A 747 19.10 29.40 -44.12
N ALA A 748 19.68 30.08 -45.11
CA ALA A 748 18.95 30.91 -46.06
C ALA A 748 17.95 30.12 -46.89
N VAL A 749 18.28 28.87 -47.23
CA VAL A 749 17.45 27.94 -47.98
C VAL A 749 16.49 27.20 -47.06
N GLY A 750 16.98 26.74 -45.91
CA GLY A 750 16.25 26.01 -44.89
C GLY A 750 14.96 26.70 -44.47
N LYS A 751 15.01 28.01 -44.21
CA LYS A 751 13.88 28.81 -43.84
C LYS A 751 12.76 28.81 -44.89
N VAL A 752 13.11 28.70 -46.17
CA VAL A 752 12.19 28.67 -47.29
C VAL A 752 11.62 27.29 -47.52
N VAL A 753 12.47 26.26 -47.65
CA VAL A 753 12.00 24.89 -47.89
C VAL A 753 11.17 24.35 -46.74
N MET A 754 11.40 24.80 -45.51
CA MET A 754 10.62 24.38 -44.36
C MET A 754 9.15 24.77 -44.53
N GLY A 755 8.89 25.92 -45.14
CA GLY A 755 7.54 26.40 -45.44
C GLY A 755 6.88 25.59 -46.56
N ILE A 756 7.67 25.08 -47.51
CA ILE A 756 7.22 24.24 -48.60
C ILE A 756 6.80 22.89 -48.05
N VAL A 757 7.65 22.25 -47.22
CA VAL A 757 7.34 20.99 -46.58
C VAL A 757 6.13 21.16 -45.66
N GLY A 758 6.03 22.29 -44.96
CA GLY A 758 4.91 22.64 -44.12
C GLY A 758 3.60 22.65 -44.90
N GLY A 759 3.63 23.10 -46.16
CA GLY A 759 2.50 23.13 -47.06
C GLY A 759 2.10 21.74 -47.57
N VAL A 760 3.06 20.82 -47.68
CA VAL A 760 2.83 19.44 -48.09
C VAL A 760 2.15 18.68 -46.96
N VAL A 761 2.67 18.76 -45.73
CA VAL A 761 2.11 18.06 -44.60
C VAL A 761 0.71 18.54 -44.25
N SER A 762 0.41 19.84 -44.41
CA SER A 762 -0.91 20.37 -44.16
C SER A 762 -1.92 19.93 -45.23
N ALA A 763 -1.48 19.68 -46.47
CA ALA A 763 -2.32 19.18 -47.53
C ALA A 763 -2.65 17.71 -47.28
N VAL A 764 -1.65 16.90 -46.93
CA VAL A 764 -1.80 15.50 -46.61
C VAL A 764 -2.70 15.30 -45.40
N SER A 765 -2.54 16.09 -44.34
CA SER A 765 -3.39 16.02 -43.16
C SER A 765 -4.81 16.48 -43.46
N GLY A 766 -4.98 17.39 -44.42
CA GLY A 766 -6.28 17.86 -44.87
C GLY A 766 -7.05 16.73 -45.55
N VAL A 767 -6.37 15.92 -46.36
CA VAL A 767 -6.94 14.77 -47.02
C VAL A 767 -7.27 13.67 -46.03
N SER A 768 -6.38 13.32 -45.09
CA SER A 768 -6.67 12.31 -44.10
C SER A 768 -7.83 12.69 -43.18
N SER A 769 -7.97 13.98 -42.87
CA SER A 769 -9.08 14.52 -42.10
C SER A 769 -10.38 14.40 -42.86
N PHE A 770 -10.38 14.69 -44.16
CA PHE A 770 -11.53 14.57 -45.04
C PHE A 770 -11.96 13.12 -45.20
N MET A 771 -11.00 12.19 -45.33
CA MET A 771 -11.22 10.76 -45.46
C MET A 771 -11.81 10.11 -44.22
N SER A 772 -11.70 10.74 -43.05
CA SER A 772 -12.27 10.24 -41.81
C SER A 772 -13.78 10.29 -41.82
N ASN A 773 -14.36 11.25 -42.56
CA ASN A 773 -15.79 11.43 -42.72
C ASN A 773 -16.34 10.41 -43.70
N PRO A 774 -17.44 9.70 -43.41
CA PRO A 774 -18.01 8.72 -44.31
C PRO A 774 -18.34 9.25 -45.71
N PHE A 775 -18.83 10.48 -45.82
CA PHE A 775 -19.13 11.10 -47.09
C PHE A 775 -17.87 11.36 -47.91
N GLY A 776 -16.74 11.63 -47.26
CA GLY A 776 -15.45 11.83 -47.91
C GLY A 776 -14.92 10.52 -48.48
N ALA A 777 -14.99 9.45 -47.70
CA ALA A 777 -14.58 8.12 -48.11
C ALA A 777 -15.41 7.62 -49.29
N LEU A 778 -16.70 7.93 -49.31
CA LEU A 778 -17.62 7.58 -50.38
C LEU A 778 -17.34 8.37 -51.65
N ALA A 779 -17.10 9.68 -51.53
CA ALA A 779 -16.83 10.56 -52.65
C ALA A 779 -15.61 10.14 -53.47
N VAL A 780 -14.49 9.84 -52.82
CA VAL A 780 -13.30 9.41 -53.54
C VAL A 780 -13.52 8.05 -54.19
N GLY A 781 -14.27 7.15 -53.55
CA GLY A 781 -14.59 5.84 -54.08
C GLY A 781 -15.38 5.93 -55.38
N LEU A 782 -16.36 6.85 -55.43
CA LEU A 782 -17.18 7.10 -56.61
C LEU A 782 -16.33 7.63 -57.76
N LEU A 783 -15.43 8.59 -57.51
CA LEU A 783 -14.55 9.15 -58.51
C LEU A 783 -13.55 8.14 -59.06
N VAL A 784 -12.99 7.27 -58.22
CA VAL A 784 -12.08 6.22 -58.63
C VAL A 784 -12.77 5.22 -59.54
N LEU A 785 -13.99 4.78 -59.19
CA LEU A 785 -14.77 3.86 -59.98
C LEU A 785 -15.19 4.49 -61.31
N ALA A 786 -15.55 5.77 -61.33
CA ALA A 786 -15.92 6.49 -62.53
C ALA A 786 -14.74 6.60 -63.49
N GLY A 787 -13.54 6.92 -62.97
CA GLY A 787 -12.32 7.01 -63.74
C GLY A 787 -11.91 5.67 -64.33
N LEU A 788 -11.98 4.60 -63.55
CA LEU A 788 -11.67 3.25 -63.98
C LEU A 788 -12.60 2.79 -65.08
N ALA A 789 -13.91 3.01 -64.93
CA ALA A 789 -14.91 2.66 -65.92
C ALA A 789 -14.70 3.44 -67.21
N ALA A 790 -14.46 4.75 -67.13
CA ALA A 790 -14.20 5.59 -68.29
C ALA A 790 -12.98 5.12 -69.04
N ALA A 791 -11.90 4.77 -68.34
CA ALA A 791 -10.68 4.25 -68.93
C ALA A 791 -10.90 2.91 -69.61
N PHE A 792 -11.68 2.02 -69.00
CA PHE A 792 -11.99 0.71 -69.57
C PHE A 792 -12.86 0.84 -70.81
N PHE A 793 -13.90 1.67 -70.82
CA PHE A 793 -14.74 1.88 -71.98
C PHE A 793 -13.95 2.55 -73.11
N ALA A 794 -13.07 3.51 -72.80
CA ALA A 794 -12.23 4.16 -73.78
C ALA A 794 -11.23 3.18 -74.39
N PHE A 795 -10.62 2.31 -73.58
CA PHE A 795 -9.70 1.29 -74.05
C PHE A 795 -10.40 0.29 -74.95
N ARG A 796 -11.61 -0.13 -74.60
CA ARG A 796 -12.44 -1.01 -75.42
C ARG A 796 -12.76 -0.34 -76.75
N TYR A 797 -13.05 0.97 -76.76
CA TYR A 797 -13.32 1.72 -77.96
C TYR A 797 -12.10 1.77 -78.87
N VAL A 798 -10.91 2.00 -78.32
CA VAL A 798 -9.66 1.99 -79.05
C VAL A 798 -9.39 0.63 -79.66
N MET A 799 -9.62 -0.45 -78.92
CA MET A 799 -9.48 -1.82 -79.38
C MET A 799 -10.41 -2.12 -80.54
N ARG A 800 -11.63 -1.59 -80.54
CA ARG A 800 -12.61 -1.76 -81.61
C ARG A 800 -12.33 -0.91 -82.84
N LEU A 801 -11.48 0.12 -82.74
CA LEU A 801 -11.06 0.97 -83.84
C LEU A 801 -9.81 0.45 -84.52
N GLN A 802 -8.82 -0.01 -83.75
CA GLN A 802 -7.54 -0.52 -84.21
C GLN A 802 -7.64 -1.63 -85.25
N SER A 803 -8.65 -2.50 -85.15
CA SER A 803 -8.88 -3.61 -86.05
C SER A 803 -9.58 -3.27 -87.36
N ASN A 804 -10.21 -2.09 -87.48
CA ASN A 804 -10.97 -1.70 -88.64
C ASN A 804 -11.14 -0.20 -88.77
N PRO A 805 -10.09 0.57 -89.12
CA PRO A 805 -10.19 2.01 -89.26
C PRO A 805 -11.09 2.49 -90.38
N MET A 806 -11.48 1.62 -91.32
CA MET A 806 -12.34 1.92 -92.44
C MET A 806 -13.81 2.11 -92.10
N LYS A 807 -14.24 1.82 -90.87
CA LYS A 807 -15.62 1.92 -90.41
C LYS A 807 -15.71 2.37 -88.96
N ALA A 808 -16.84 3.00 -88.61
CA ALA A 808 -17.21 3.51 -87.30
C ALA A 808 -18.67 3.19 -86.99
N VAL B 90 -36.64 21.68 37.65
CA VAL B 90 -36.96 22.60 36.55
C VAL B 90 -35.89 22.55 35.47
N ALA B 91 -36.29 22.75 34.22
CA ALA B 91 -35.42 22.70 33.06
C ALA B 91 -34.39 23.82 32.92
N ALA B 92 -34.53 24.92 33.66
CA ALA B 92 -33.62 26.05 33.62
C ALA B 92 -32.16 25.68 33.85
N GLY B 93 -31.89 24.74 34.78
CA GLY B 93 -30.56 24.26 35.08
C GLY B 93 -29.96 23.51 33.90
N HIS B 94 -30.73 22.62 33.28
CA HIS B 94 -30.32 21.85 32.12
C HIS B 94 -30.04 22.79 30.94
N ALA B 95 -30.92 23.76 30.69
CA ALA B 95 -30.79 24.72 29.62
C ALA B 95 -29.52 25.56 29.73
N THR B 96 -29.21 26.10 30.92
CA THR B 96 -27.99 26.87 31.09
C THR B 96 -26.75 25.98 30.98
N LEU B 97 -26.83 24.72 31.40
CA LEU B 97 -25.72 23.80 31.24
C LEU B 97 -25.46 23.51 29.77
N ARG B 98 -26.48 23.36 28.93
CA ARG B 98 -26.28 23.19 27.50
C ARG B 98 -25.49 24.37 26.95
N GLU B 99 -25.86 25.58 27.38
CA GLU B 99 -25.22 26.81 26.91
C GLU B 99 -23.75 26.89 27.29
N HIS B 100 -23.38 26.55 28.53
CA HIS B 100 -21.99 26.56 28.95
C HIS B 100 -21.18 25.56 28.13
N LEU B 101 -21.71 24.37 27.89
CA LEU B 101 -21.04 23.36 27.09
C LEU B 101 -20.88 23.80 25.65
N ARG B 102 -21.91 24.44 25.06
CA ARG B 102 -21.89 24.95 23.70
C ARG B 102 -20.82 26.02 23.53
N ASP B 103 -20.79 26.98 24.46
CA ASP B 103 -19.87 28.10 24.50
C ASP B 103 -18.41 27.64 24.55
N ILE B 104 -18.09 26.69 25.43
CA ILE B 104 -16.75 26.16 25.58
C ILE B 104 -16.21 25.49 24.33
N LYS B 105 -17.06 24.87 23.51
CA LYS B 105 -16.66 24.23 22.27
C LYS B 105 -16.80 25.09 21.02
N ALA B 106 -17.21 26.35 21.16
CA ALA B 106 -17.28 27.31 20.07
C ALA B 106 -15.98 28.08 19.88
N GLU B 107 -14.98 27.84 20.73
CA GLU B 107 -13.67 28.47 20.72
C GLU B 107 -12.77 28.07 19.56
N ASN B 108 -11.88 28.99 19.15
CA ASN B 108 -10.91 28.81 18.09
C ASN B 108 -9.62 28.19 18.58
N THR B 109 -9.61 26.87 18.82
CA THR B 109 -8.45 26.11 19.22
C THR B 109 -7.61 25.74 18.01
N ASP B 110 -7.30 26.74 17.17
CA ASP B 110 -6.61 26.63 15.90
C ASP B 110 -5.13 26.29 15.98
N ALA B 111 -4.61 25.72 14.89
CA ALA B 111 -3.23 25.29 14.71
C ALA B 111 -2.72 25.67 13.32
N ASN B 112 -1.39 25.80 13.19
CA ASN B 112 -0.74 26.20 11.96
C ASN B 112 -0.69 25.14 10.87
N PHE B 113 -0.45 25.61 9.65
CA PHE B 113 -0.21 24.82 8.46
C PHE B 113 1.29 24.72 8.25
N TYR B 114 1.76 23.75 7.46
CA TYR B 114 3.17 23.56 7.22
C TYR B 114 3.50 23.33 5.75
N VAL B 115 4.36 24.17 5.19
CA VAL B 115 4.85 23.96 3.83
C VAL B 115 6.06 23.06 4.00
N CYS B 116 5.94 21.81 3.57
CA CYS B 116 6.98 20.82 3.72
C CYS B 116 7.78 20.69 2.43
N PRO B 117 8.97 21.29 2.32
CA PRO B 117 9.78 21.19 1.12
C PRO B 117 10.34 19.79 0.99
N PRO B 118 10.61 19.30 -0.22
CA PRO B 118 11.11 17.97 -0.47
C PRO B 118 12.58 17.80 -0.10
N PRO B 119 12.97 16.78 0.67
CA PRO B 119 14.35 16.56 1.05
C PRO B 119 15.24 16.16 -0.12
N THR B 120 16.45 16.75 -0.17
CA THR B 120 17.46 16.52 -1.19
C THR B 120 18.49 15.47 -0.83
N GLY B 121 18.60 15.11 0.45
CA GLY B 121 19.60 14.17 0.94
C GLY B 121 20.80 14.86 1.57
N ALA B 122 20.69 16.14 1.94
CA ALA B 122 21.76 16.85 2.62
C ALA B 122 22.03 16.26 3.99
N THR B 123 20.98 15.86 4.71
CA THR B 123 21.04 15.18 5.99
C THR B 123 20.24 13.89 5.86
N VAL B 124 20.86 12.78 6.27
CA VAL B 124 20.33 11.44 6.15
C VAL B 124 20.50 10.70 7.48
N VAL B 125 19.48 9.90 7.85
CA VAL B 125 19.47 9.12 9.05
C VAL B 125 19.10 7.67 8.77
N GLN B 126 19.52 6.78 9.68
CA GLN B 126 19.22 5.37 9.64
C GLN B 126 18.57 4.95 10.95
N PHE B 127 18.04 3.72 10.98
CA PHE B 127 17.33 3.19 12.14
C PHE B 127 17.83 1.82 12.53
N GLU B 128 17.50 1.42 13.76
CA GLU B 128 17.86 0.13 14.32
C GLU B 128 17.22 -1.01 13.53
N GLN B 129 17.79 -2.21 13.67
CA GLN B 129 17.33 -3.41 13.00
C GLN B 129 17.01 -4.52 13.99
N PRO B 130 16.05 -5.39 13.68
CA PRO B 130 15.76 -6.55 14.51
C PRO B 130 17.02 -7.41 14.60
N ARG B 131 17.23 -8.07 15.74
CA ARG B 131 18.40 -8.87 16.01
C ARG B 131 18.05 -10.18 16.71
N ARG B 132 18.65 -11.28 16.29
CA ARG B 132 18.43 -12.57 16.92
C ARG B 132 19.04 -12.54 18.32
N CYS B 133 18.37 -13.22 19.26
CA CYS B 133 18.80 -13.32 20.64
C CYS B 133 18.55 -14.73 21.18
N PRO B 134 19.26 -15.11 22.25
CA PRO B 134 19.19 -16.46 22.79
C PRO B 134 17.80 -16.92 23.20
N THR B 135 17.53 -18.20 22.99
CA THR B 135 16.31 -18.87 23.38
C THR B 135 16.31 -19.23 24.86
N ARG B 136 17.51 -19.28 25.47
CA ARG B 136 17.83 -19.59 26.84
C ARG B 136 18.97 -18.70 27.33
N PRO B 137 19.03 -18.32 28.61
CA PRO B 137 20.12 -17.53 29.13
C PRO B 137 21.48 -18.16 28.90
N GLU B 138 22.47 -17.38 28.47
CA GLU B 138 23.81 -17.85 28.18
C GLU B 138 24.93 -17.00 28.76
N GLY B 139 24.69 -15.72 29.06
CA GLY B 139 25.69 -14.82 29.61
C GLY B 139 26.03 -15.13 31.06
N GLN B 140 27.29 -14.88 31.43
CA GLN B 140 27.82 -15.08 32.77
C GLN B 140 27.97 -13.73 33.47
N ASN B 141 28.17 -13.77 34.79
CA ASN B 141 28.40 -12.58 35.60
C ASN B 141 27.40 -11.45 35.38
N TYR B 142 26.10 -11.77 35.27
CA TYR B 142 25.06 -10.78 35.08
C TYR B 142 24.98 -9.82 36.25
N THR B 143 24.74 -8.54 35.96
CA THR B 143 24.61 -7.49 36.95
C THR B 143 23.77 -6.32 36.47
N GLU B 144 23.01 -5.71 37.39
CA GLU B 144 22.21 -4.52 37.16
C GLU B 144 23.08 -3.28 37.35
N GLY B 145 22.76 -2.19 36.65
CA GLY B 145 23.52 -0.96 36.80
C GLY B 145 22.94 0.22 36.04
N ILE B 146 23.41 1.41 36.43
CA ILE B 146 23.07 2.68 35.81
C ILE B 146 24.12 2.91 34.73
N ALA B 147 23.72 3.46 33.58
CA ALA B 147 24.64 3.73 32.49
C ALA B 147 24.39 5.07 31.83
N VAL B 148 25.45 5.69 31.31
CA VAL B 148 25.41 6.94 30.59
C VAL B 148 26.19 6.74 29.31
N VAL B 149 25.52 6.83 28.15
CA VAL B 149 26.13 6.60 26.87
C VAL B 149 26.57 7.92 26.24
N PHE B 150 27.85 8.03 25.88
CA PHE B 150 28.43 9.16 25.20
C PHE B 150 28.69 8.80 23.74
N LYS B 151 28.55 9.77 22.85
CA LYS B 151 28.75 9.63 21.42
C LYS B 151 29.78 10.66 20.94
N GLU B 152 30.47 10.38 19.84
CA GLU B 152 31.46 11.31 19.31
C GLU B 152 30.82 12.63 18.91
N ASN B 153 31.37 13.74 19.38
CA ASN B 153 30.85 15.07 19.08
C ASN B 153 31.35 15.57 17.73
N ILE B 154 30.45 15.58 16.73
CA ILE B 154 30.74 16.09 15.41
C ILE B 154 30.69 17.60 15.31
N ALA B 155 30.18 18.30 16.33
CA ALA B 155 30.09 19.74 16.44
C ALA B 155 29.68 20.44 15.15
N PRO B 156 28.47 20.22 14.63
CA PRO B 156 28.03 20.80 13.38
C PRO B 156 28.06 22.32 13.39
N TYR B 157 28.73 22.92 12.40
CA TYR B 157 28.78 24.35 12.21
C TYR B 157 27.84 24.67 11.05
N LYS B 158 26.72 25.33 11.36
CA LYS B 158 25.70 25.71 10.40
C LYS B 158 25.80 27.19 10.08
N PHE B 159 25.76 27.55 8.79
CA PHE B 159 25.89 28.91 8.31
C PHE B 159 25.07 29.15 7.05
N LYS B 160 25.08 30.40 6.56
CA LYS B 160 24.32 30.82 5.39
C LYS B 160 25.23 31.05 4.19
N ALA B 161 24.83 30.53 3.02
CA ALA B 161 25.58 30.65 1.78
C ALA B 161 24.67 31.05 0.63
N THR B 162 25.17 31.87 -0.30
CA THR B 162 24.42 32.35 -1.44
C THR B 162 25.01 31.76 -2.73
N MET B 163 24.21 31.18 -3.61
CA MET B 163 24.68 30.62 -4.87
C MET B 163 24.11 31.38 -6.06
N TYR B 164 24.95 31.66 -7.05
CA TYR B 164 24.66 32.46 -8.23
C TYR B 164 24.91 31.68 -9.52
N TYR B 165 23.96 31.62 -10.43
CA TYR B 165 24.14 30.94 -11.70
C TYR B 165 23.23 31.50 -12.78
N LYS B 166 23.54 31.21 -14.05
CA LYS B 166 22.77 31.64 -15.20
C LYS B 166 22.33 30.43 -16.01
N ASP B 167 21.02 30.25 -16.18
CA ASP B 167 20.43 29.22 -17.02
C ASP B 167 20.37 29.76 -18.44
N VAL B 168 20.92 29.04 -19.41
CA VAL B 168 20.95 29.41 -20.82
C VAL B 168 20.19 28.38 -21.65
N THR B 169 19.42 28.86 -22.63
CA THR B 169 18.61 28.05 -23.52
C THR B 169 18.82 28.49 -24.96
N VAL B 170 18.86 27.53 -25.90
CA VAL B 170 19.05 27.77 -27.32
C VAL B 170 18.12 26.90 -28.14
N SER B 171 17.41 27.52 -29.09
CA SER B 171 16.48 26.90 -30.01
C SER B 171 16.64 27.47 -31.41
N GLN B 172 16.38 26.66 -32.44
CA GLN B 172 16.55 26.97 -33.84
C GLN B 172 15.46 27.84 -34.45
N VAL B 173 15.18 29.01 -33.86
CA VAL B 173 14.15 29.93 -34.25
C VAL B 173 14.16 30.39 -35.71
N TRP B 174 15.32 30.36 -36.37
CA TRP B 174 15.46 30.76 -37.76
C TRP B 174 14.65 29.92 -38.73
N PHE B 175 14.23 28.71 -38.35
CA PHE B 175 13.35 27.88 -39.14
C PHE B 175 11.89 28.32 -39.08
N GLY B 176 11.52 29.17 -38.12
CA GLY B 176 10.17 29.63 -37.87
C GLY B 176 9.59 28.94 -36.65
N HIS B 177 8.86 29.68 -35.82
CA HIS B 177 8.28 29.23 -34.57
C HIS B 177 7.49 27.94 -34.63
N ARG B 178 6.75 27.71 -35.73
CA ARG B 178 5.94 26.52 -35.95
C ARG B 178 6.74 25.24 -36.17
N TYR B 179 7.96 25.35 -36.70
CA TYR B 179 8.81 24.23 -37.03
C TYR B 179 9.98 24.02 -36.08
N SER B 180 10.46 25.09 -35.44
CA SER B 180 11.56 25.08 -34.50
C SER B 180 11.40 24.04 -33.39
N GLN B 181 10.16 23.75 -32.99
CA GLN B 181 9.79 22.78 -31.98
C GLN B 181 10.31 21.38 -32.24
N PHE B 182 10.40 20.98 -33.51
CA PHE B 182 10.87 19.67 -33.92
C PHE B 182 12.38 19.57 -34.03
N MET B 183 13.09 20.71 -34.03
CA MET B 183 14.53 20.79 -34.14
C MET B 183 15.26 20.54 -32.83
N GLY B 184 14.53 20.43 -31.71
CA GLY B 184 15.07 20.23 -30.38
C GLY B 184 15.51 21.53 -29.72
N ILE B 185 15.91 21.43 -28.45
CA ILE B 185 16.34 22.53 -27.62
C ILE B 185 17.54 22.15 -26.77
N PHE B 186 18.51 23.07 -26.70
CA PHE B 186 19.75 22.92 -25.95
C PHE B 186 19.72 23.81 -24.72
N GLU B 187 20.17 23.30 -23.57
CA GLU B 187 20.26 24.04 -22.32
C GLU B 187 21.57 23.78 -21.59
N ASP B 188 22.09 24.81 -20.93
CA ASP B 188 23.30 24.78 -20.13
C ASP B 188 23.17 25.71 -18.93
N ARG B 189 23.73 25.34 -17.78
CA ARG B 189 23.72 26.09 -16.55
C ARG B 189 25.16 26.50 -16.26
N ALA B 190 25.44 27.81 -16.23
CA ALA B 190 26.77 28.34 -16.05
C ALA B 190 26.95 29.17 -14.78
N PRO B 191 28.11 29.14 -14.13
CA PRO B 191 28.35 29.94 -12.94
C PRO B 191 28.55 31.40 -13.31
N VAL B 192 28.16 32.32 -12.42
CA VAL B 192 28.36 33.74 -12.63
C VAL B 192 29.81 34.07 -12.30
N PRO B 193 30.58 34.76 -13.16
CA PRO B 193 31.95 35.10 -12.86
C PRO B 193 32.05 36.14 -11.75
N PHE B 194 33.17 36.17 -11.02
CA PHE B 194 33.33 37.04 -9.87
C PHE B 194 33.07 38.52 -10.13
N GLU B 195 33.60 39.08 -11.22
CA GLU B 195 33.40 40.47 -11.54
C GLU B 195 31.92 40.83 -11.69
N GLU B 196 31.06 39.91 -12.13
CA GLU B 196 29.64 40.17 -12.22
C GLU B 196 29.00 40.15 -10.84
N VAL B 197 29.39 39.22 -9.97
CA VAL B 197 28.86 39.16 -8.62
C VAL B 197 29.21 40.40 -7.81
N ILE B 198 30.42 40.94 -7.97
CA ILE B 198 30.86 42.11 -7.23
C ILE B 198 30.43 43.42 -7.86
N ASP B 199 30.67 43.62 -9.16
CA ASP B 199 30.43 44.87 -9.84
C ASP B 199 29.02 45.09 -10.39
N LYS B 200 28.18 44.06 -10.47
CA LYS B 200 26.82 44.17 -10.96
C LYS B 200 25.80 43.76 -9.90
N ILE B 201 25.93 42.56 -9.34
CA ILE B 201 24.95 42.10 -8.36
C ILE B 201 25.09 42.83 -7.03
N ASN B 202 26.24 42.78 -6.35
CA ASN B 202 26.38 43.48 -5.09
C ASN B 202 26.27 45.00 -5.27
N ALA B 203 26.77 45.56 -6.37
CA ALA B 203 26.73 46.99 -6.59
C ALA B 203 25.39 47.57 -6.97
N LYS B 204 24.55 46.86 -7.73
CA LYS B 204 23.30 47.38 -8.25
C LYS B 204 22.10 46.44 -8.28
N GLY B 205 22.27 45.14 -8.06
CA GLY B 205 21.19 44.18 -8.12
C GLY B 205 20.79 43.81 -9.54
N VAL B 206 21.74 43.77 -10.46
CA VAL B 206 21.52 43.47 -11.87
C VAL B 206 22.49 42.44 -12.44
N CYS B 207 22.13 41.82 -13.57
CA CYS B 207 22.96 40.87 -14.30
C CYS B 207 23.16 41.36 -15.73
N ARG B 208 24.23 40.93 -16.40
CA ARG B 208 24.59 41.37 -17.74
C ARG B 208 23.69 40.95 -18.89
N SER B 209 22.73 40.05 -18.73
CA SER B 209 21.86 39.61 -19.81
C SER B 209 22.57 38.93 -20.97
N THR B 210 23.75 38.37 -20.71
CA THR B 210 24.59 37.65 -21.64
C THR B 210 25.37 36.58 -20.88
N ALA B 211 25.74 35.48 -21.54
CA ALA B 211 26.42 34.38 -20.88
C ALA B 211 27.30 33.57 -21.83
N LYS B 212 28.45 33.11 -21.33
CA LYS B 212 29.35 32.23 -22.06
C LYS B 212 28.94 30.80 -21.74
N TYR B 213 28.76 29.98 -22.78
CA TYR B 213 28.38 28.57 -22.67
C TYR B 213 29.21 27.76 -23.65
N VAL B 214 29.36 26.45 -23.38
CA VAL B 214 30.12 25.56 -24.22
C VAL B 214 29.20 24.58 -24.95
N ARG B 215 29.36 24.53 -26.28
CA ARG B 215 28.64 23.64 -27.17
C ARG B 215 29.62 23.19 -28.26
N ASN B 216 29.64 21.91 -28.60
CA ASN B 216 30.56 21.34 -29.55
C ASN B 216 32.01 21.60 -29.17
N ASN B 217 32.29 21.60 -27.87
CA ASN B 217 33.58 21.87 -27.24
C ASN B 217 34.19 23.22 -27.59
N LEU B 218 33.34 24.23 -27.81
CA LEU B 218 33.70 25.59 -28.14
C LEU B 218 32.85 26.57 -27.33
N GLU B 219 33.46 27.67 -26.86
CA GLU B 219 32.78 28.71 -26.13
C GLU B 219 32.04 29.66 -27.06
N THR B 220 30.77 29.95 -26.73
CA THR B 220 29.87 30.82 -27.47
C THR B 220 29.15 31.74 -26.49
N THR B 221 28.78 32.94 -26.95
CA THR B 221 28.10 33.93 -26.14
C THR B 221 26.63 34.06 -26.52
N ALA B 222 25.74 33.85 -25.55
CA ALA B 222 24.30 34.01 -25.69
C ALA B 222 23.84 35.39 -25.27
N PHE B 223 22.65 35.82 -25.69
CA PHE B 223 22.07 37.10 -25.34
C PHE B 223 20.57 36.95 -25.12
N HIS B 224 20.01 37.48 -24.03
CA HIS B 224 18.60 37.36 -23.76
C HIS B 224 17.77 37.93 -24.90
N ARG B 225 16.90 37.13 -25.53
CA ARG B 225 16.08 37.52 -26.66
C ARG B 225 16.87 38.05 -27.84
N ASP B 226 18.13 37.63 -27.95
CA ASP B 226 19.07 37.92 -29.02
C ASP B 226 19.38 39.39 -29.28
N ASP B 227 19.21 40.27 -28.29
CA ASP B 227 19.52 41.69 -28.39
C ASP B 227 20.87 42.05 -27.77
N HIS B 228 21.12 43.33 -27.49
CA HIS B 228 22.38 43.82 -26.95
C HIS B 228 22.54 43.66 -25.45
N GLU B 229 23.79 43.59 -24.98
CA GLU B 229 24.14 43.48 -23.58
C GLU B 229 23.60 44.69 -22.81
N THR B 230 22.66 44.44 -21.91
CA THR B 230 21.99 45.43 -21.09
C THR B 230 21.67 44.86 -19.72
N ASP B 231 21.84 45.64 -18.66
CA ASP B 231 21.64 45.21 -17.30
C ASP B 231 20.18 44.93 -16.96
N MET B 232 19.87 43.70 -16.55
CA MET B 232 18.55 43.26 -16.15
C MET B 232 18.42 43.21 -14.63
N GLU B 233 17.32 43.72 -14.07
CA GLU B 233 17.11 43.74 -12.63
C GLU B 233 16.59 42.44 -12.04
N LEU B 234 17.19 42.08 -10.91
CA LEU B 234 16.82 40.93 -10.11
C LEU B 234 15.58 41.27 -9.30
N LYS B 235 14.54 40.43 -9.38
CA LYS B 235 13.29 40.57 -8.69
C LYS B 235 12.99 39.34 -7.84
N PRO B 236 12.37 39.46 -6.67
CA PRO B 236 12.10 38.32 -5.80
C PRO B 236 11.22 37.25 -6.44
N ALA B 237 11.52 35.98 -6.14
CA ALA B 237 10.71 34.86 -6.59
C ALA B 237 9.49 34.74 -5.67
N ASN B 238 8.29 34.57 -6.21
CA ASN B 238 7.09 34.48 -5.41
C ASN B 238 7.07 33.25 -4.50
N ALA B 239 7.60 32.12 -4.98
CA ALA B 239 7.66 30.87 -4.24
C ALA B 239 8.71 30.85 -3.13
N ALA B 240 9.52 31.90 -2.98
CA ALA B 240 10.56 31.98 -1.98
C ALA B 240 10.03 32.01 -0.55
N THR B 241 10.58 31.14 0.29
CA THR B 241 10.27 31.02 1.70
C THR B 241 10.84 32.18 2.49
N ARG B 242 10.35 32.42 3.71
CA ARG B 242 10.81 33.46 4.62
C ARG B 242 12.31 33.50 4.77
N THR B 243 12.93 32.31 4.84
CA THR B 243 14.35 32.08 5.02
C THR B 243 15.09 31.80 3.74
N SER B 244 14.68 30.81 2.94
CA SER B 244 15.27 30.47 1.66
C SER B 244 14.89 31.45 0.55
N ARG B 245 15.33 32.70 0.71
CA ARG B 245 15.10 33.82 -0.18
C ARG B 245 15.73 33.58 -1.53
N GLY B 246 15.15 34.12 -2.60
CA GLY B 246 15.64 33.94 -3.96
C GLY B 246 15.19 35.04 -4.91
N TRP B 247 15.93 35.23 -6.01
CA TRP B 247 15.68 36.25 -7.01
C TRP B 247 15.97 35.76 -8.41
N HIS B 248 15.36 36.37 -9.42
CA HIS B 248 15.53 36.04 -10.82
C HIS B 248 15.50 37.27 -11.71
N THR B 249 15.97 37.16 -12.95
CA THR B 249 15.79 38.21 -13.92
C THR B 249 14.44 38.04 -14.61
N THR B 250 13.99 36.81 -14.86
CA THR B 250 12.73 36.48 -15.48
C THR B 250 12.08 35.27 -14.82
N ASP B 251 10.77 35.10 -15.05
CA ASP B 251 9.94 34.06 -14.47
C ASP B 251 9.46 32.99 -15.45
N LEU B 252 9.97 32.94 -16.68
CA LEU B 252 9.53 32.02 -17.72
C LEU B 252 9.46 30.55 -17.32
N LYS B 253 10.39 30.06 -16.49
CA LYS B 253 10.41 28.68 -16.05
C LYS B 253 9.30 28.30 -15.08
N TYR B 254 8.60 29.27 -14.50
CA TYR B 254 7.54 29.09 -13.52
C TYR B 254 6.15 29.37 -14.05
N ASN B 255 6.03 29.62 -15.36
CA ASN B 255 4.80 29.90 -16.07
C ASN B 255 4.38 28.75 -16.97
N PRO B 256 3.09 28.64 -17.32
CA PRO B 256 2.61 27.65 -18.27
C PRO B 256 3.07 28.01 -19.67
N SER B 257 2.94 27.11 -20.65
CA SER B 257 3.38 27.29 -22.01
C SER B 257 4.86 27.59 -22.14
N ARG B 258 5.63 27.09 -21.18
CA ARG B 258 7.06 27.25 -20.97
C ARG B 258 7.92 26.92 -22.18
N VAL B 259 7.68 25.78 -22.83
CA VAL B 259 8.44 25.36 -23.99
C VAL B 259 8.17 26.28 -25.18
N GLU B 260 6.93 26.70 -25.38
CA GLU B 260 6.55 27.63 -26.43
C GLU B 260 7.19 28.99 -26.19
N ALA B 261 7.26 29.43 -24.93
CA ALA B 261 7.90 30.67 -24.54
C ALA B 261 9.40 30.65 -24.86
N PHE B 262 10.05 29.49 -24.81
CA PHE B 262 11.44 29.35 -25.19
C PHE B 262 11.58 29.47 -26.71
N HIS B 263 10.77 28.71 -27.46
CA HIS B 263 10.77 28.71 -28.90
C HIS B 263 10.34 30.03 -29.54
N ARG B 264 9.78 30.96 -28.75
CA ARG B 264 9.40 32.30 -29.16
C ARG B 264 10.61 33.17 -29.47
N TYR B 265 11.79 32.79 -29.00
CA TYR B 265 13.05 33.48 -29.16
C TYR B 265 14.16 32.53 -29.55
N GLY B 266 15.28 33.04 -30.07
CA GLY B 266 16.41 32.21 -30.45
C GLY B 266 17.10 31.66 -29.20
N THR B 267 17.43 32.55 -28.28
CA THR B 267 18.09 32.22 -27.02
C THR B 267 17.51 33.00 -25.86
N THR B 268 17.54 32.39 -24.67
CA THR B 268 17.10 33.00 -23.44
C THR B 268 18.16 32.77 -22.37
N VAL B 269 18.31 33.74 -21.46
CA VAL B 269 19.29 33.72 -20.40
C VAL B 269 18.61 34.20 -19.12
N ASN B 270 18.55 33.37 -18.08
CA ASN B 270 17.95 33.76 -16.81
C ASN B 270 18.98 33.70 -15.70
N CYS B 271 19.24 34.83 -15.03
CA CYS B 271 20.17 34.94 -13.93
C CYS B 271 19.45 34.67 -12.61
N ILE B 272 19.99 33.78 -11.78
CA ILE B 272 19.40 33.40 -10.51
C ILE B 272 20.38 33.66 -9.37
N VAL B 273 19.83 34.07 -8.23
CA VAL B 273 20.54 34.26 -6.98
C VAL B 273 19.67 33.56 -5.94
N GLU B 274 20.25 32.72 -5.09
CA GLU B 274 19.49 31.92 -4.16
C GLU B 274 20.23 31.78 -2.84
N GLU B 275 19.59 32.08 -1.71
CA GLU B 275 20.21 32.00 -0.40
C GLU B 275 19.81 30.70 0.28
N VAL B 276 20.80 29.89 0.68
CA VAL B 276 20.61 28.57 1.26
C VAL B 276 21.44 28.31 2.50
N ASP B 277 20.98 27.36 3.33
CA ASP B 277 21.72 26.90 4.48
C ASP B 277 22.87 26.02 4.03
N ALA B 278 23.93 25.96 4.84
CA ALA B 278 25.09 25.12 4.61
C ALA B 278 25.55 24.56 5.95
N ARG B 279 26.08 23.34 5.96
CA ARG B 279 26.56 22.69 7.16
C ARG B 279 27.92 22.05 6.94
N SER B 280 28.78 22.14 7.96
CA SER B 280 30.10 21.54 7.96
C SER B 280 30.31 20.87 9.31
N VAL B 281 30.84 19.66 9.35
CA VAL B 281 31.07 18.92 10.58
C VAL B 281 32.55 18.65 10.76
N TYR B 282 33.01 18.41 12.00
CA TYR B 282 34.41 18.16 12.28
C TYR B 282 35.01 17.13 11.34
N PRO B 283 36.22 17.30 10.80
CA PRO B 283 37.20 18.34 11.00
C PRO B 283 36.99 19.65 10.25
N TYR B 284 35.84 19.82 9.58
CA TYR B 284 35.52 20.98 8.78
C TYR B 284 36.35 21.13 7.52
N ASP B 285 36.67 20.01 6.86
CA ASP B 285 37.42 19.98 5.62
C ASP B 285 36.55 20.13 4.39
N GLU B 286 35.22 20.07 4.54
CA GLU B 286 34.23 20.13 3.49
C GLU B 286 32.93 20.69 4.04
N PHE B 287 31.97 21.07 3.18
CA PHE B 287 30.66 21.50 3.62
C PHE B 287 29.59 21.11 2.61
N VAL B 288 28.34 20.96 3.06
CA VAL B 288 27.24 20.58 2.20
C VAL B 288 26.22 21.70 2.15
N LEU B 289 25.66 21.96 0.96
CA LEU B 289 24.64 22.97 0.75
C LEU B 289 23.26 22.35 0.91
N ALA B 290 22.23 23.17 1.19
CA ALA B 290 20.87 22.68 1.32
C ALA B 290 20.30 22.03 0.06
N THR B 291 21.01 22.11 -1.07
CA THR B 291 20.67 21.50 -2.34
C THR B 291 21.16 20.06 -2.45
N GLY B 292 21.89 19.56 -1.45
CA GLY B 292 22.47 18.23 -1.40
C GLY B 292 23.85 18.15 -2.03
N ASP B 293 24.37 19.26 -2.57
CA ASP B 293 25.67 19.34 -3.19
C ASP B 293 26.79 19.63 -2.21
N PHE B 294 27.89 18.88 -2.29
CA PHE B 294 29.07 19.09 -1.46
C PHE B 294 30.01 20.11 -2.09
N VAL B 295 30.84 20.74 -1.25
CA VAL B 295 31.86 21.69 -1.65
C VAL B 295 33.12 21.26 -0.90
N TYR B 296 34.10 20.71 -1.61
CA TYR B 296 35.29 20.14 -1.01
C TYR B 296 36.35 21.17 -0.62
N MET B 297 35.95 22.11 0.25
CA MET B 297 36.77 23.17 0.78
C MET B 297 36.34 23.48 2.20
N SER B 298 37.27 23.82 3.09
CA SER B 298 36.94 24.17 4.46
C SER B 298 36.26 25.52 4.50
N PRO B 299 35.08 25.70 5.12
CA PRO B 299 34.43 26.99 5.19
C PRO B 299 35.23 28.05 5.93
N PHE B 300 36.31 27.68 6.62
CA PHE B 300 37.20 28.59 7.32
C PHE B 300 38.42 28.99 6.51
N TYR B 301 38.58 28.49 5.29
CA TYR B 301 39.69 28.78 4.40
C TYR B 301 39.73 30.25 4.02
N GLY B 302 40.92 30.78 3.70
CA GLY B 302 41.10 32.17 3.34
C GLY B 302 42.57 32.58 3.35
N TYR B 303 42.90 33.79 2.87
CA TYR B 303 44.27 34.26 2.84
C TYR B 303 44.84 34.69 4.18
N ARG B 304 44.00 34.76 5.22
CA ARG B 304 44.40 35.13 6.57
C ARG B 304 45.39 34.12 7.14
N GLU B 305 46.26 34.57 8.04
CA GLU B 305 47.31 33.77 8.63
C GLU B 305 46.86 32.42 9.18
N GLY B 306 45.78 32.40 9.96
CA GLY B 306 45.24 31.20 10.55
C GLY B 306 44.32 30.38 9.62
N SER B 307 44.21 30.76 8.35
CA SER B 307 43.30 30.13 7.40
C SER B 307 43.91 29.54 6.15
N HIS B 308 45.07 30.00 5.66
CA HIS B 308 45.64 29.44 4.45
C HIS B 308 46.14 28.01 4.63
N THR B 309 46.10 27.49 5.86
CA THR B 309 46.45 26.15 6.27
C THR B 309 45.29 25.17 6.18
N GLU B 310 44.04 25.64 6.03
CA GLU B 310 42.88 24.77 5.98
C GLU B 310 42.76 24.01 4.67
N HIS B 311 41.99 22.92 4.69
CA HIS B 311 41.82 22.07 3.53
C HIS B 311 41.07 22.72 2.38
N THR B 312 41.51 22.42 1.15
CA THR B 312 40.90 22.86 -0.10
C THR B 312 41.30 21.91 -1.22
N SER B 313 40.33 21.57 -2.08
CA SER B 313 40.56 20.74 -3.24
C SER B 313 40.70 21.55 -4.53
N TYR B 314 40.34 22.83 -4.51
CA TYR B 314 40.31 23.72 -5.64
C TYR B 314 41.53 24.62 -5.75
N ALA B 315 41.92 24.94 -6.98
CA ALA B 315 43.03 25.83 -7.31
C ALA B 315 42.70 27.28 -7.01
N ALA B 316 43.73 28.09 -6.77
CA ALA B 316 43.59 29.50 -6.44
C ALA B 316 42.80 30.32 -7.44
N ASP B 317 42.76 29.95 -8.72
CA ASP B 317 42.02 30.64 -9.75
C ASP B 317 40.51 30.61 -9.53
N ARG B 318 40.00 29.57 -8.87
CA ARG B 318 38.59 29.36 -8.60
C ARG B 318 38.11 29.91 -7.27
N PHE B 319 38.96 30.59 -6.50
CA PHE B 319 38.59 31.13 -5.20
C PHE B 319 39.10 32.55 -5.02
N LYS B 320 38.27 33.41 -4.44
CA LYS B 320 38.63 34.79 -4.14
C LYS B 320 38.01 35.21 -2.81
N GLN B 321 38.81 35.88 -1.97
CA GLN B 321 38.37 36.39 -0.68
C GLN B 321 38.34 37.91 -0.77
N VAL B 322 37.17 38.52 -0.57
CA VAL B 322 37.00 39.96 -0.65
C VAL B 322 36.98 40.56 0.75
N ASP B 323 37.96 41.42 1.04
CA ASP B 323 38.06 42.14 2.29
C ASP B 323 37.28 43.44 2.25
N GLY B 324 36.75 43.88 3.39
CA GLY B 324 36.00 45.12 3.48
C GLY B 324 34.74 45.15 2.62
N PHE B 325 34.14 43.98 2.39
CA PHE B 325 32.95 43.83 1.58
C PHE B 325 31.71 44.33 2.30
N TYR B 326 31.00 45.30 1.72
CA TYR B 326 29.76 45.82 2.25
C TYR B 326 28.61 45.15 1.53
N ALA B 327 27.93 44.22 2.20
CA ALA B 327 26.80 43.54 1.61
C ALA B 327 25.70 44.53 1.24
N ARG B 328 24.88 44.15 0.26
CA ARG B 328 23.76 44.94 -0.21
C ARG B 328 22.59 43.98 -0.41
N ASP B 329 21.43 44.33 0.13
CA ASP B 329 20.25 43.50 -0.04
C ASP B 329 19.75 43.55 -1.48
N LEU B 330 18.88 42.61 -1.85
CA LEU B 330 18.27 42.52 -3.16
C LEU B 330 16.80 42.92 -3.13
N THR B 331 16.08 42.66 -2.04
CA THR B 331 14.69 43.10 -1.93
C THR B 331 14.70 44.58 -1.58
N THR B 332 15.30 44.98 -0.45
CA THR B 332 15.52 46.36 -0.11
C THR B 332 16.83 46.79 -0.77
N LYS B 333 17.05 48.09 -0.98
CA LYS B 333 18.24 48.60 -1.64
C LYS B 333 19.32 49.05 -0.67
N ALA B 334 19.19 48.67 0.60
CA ALA B 334 20.09 49.04 1.68
C ALA B 334 21.43 48.31 1.68
N ARG B 335 22.46 49.04 2.11
CA ARG B 335 23.81 48.57 2.32
C ARG B 335 23.98 48.19 3.79
N ALA B 336 24.81 47.18 4.07
CA ALA B 336 25.11 46.79 5.44
C ALA B 336 25.87 47.90 6.16
N THR B 337 25.68 48.00 7.48
CA THR B 337 26.30 49.01 8.31
C THR B 337 27.79 48.76 8.55
N ALA B 338 28.19 47.51 8.73
CA ALA B 338 29.56 47.07 8.98
C ALA B 338 30.05 46.13 7.90
N PRO B 339 31.31 46.23 7.47
CA PRO B 339 31.88 45.37 6.46
C PRO B 339 32.21 43.98 7.00
N THR B 340 32.35 43.02 6.09
CA THR B 340 32.72 41.64 6.36
C THR B 340 33.77 41.17 5.36
N THR B 341 34.26 39.94 5.55
CA THR B 341 35.19 39.28 4.64
C THR B 341 34.36 38.23 3.92
N ARG B 342 34.22 38.30 2.60
CA ARG B 342 33.39 37.37 1.84
C ARG B 342 34.19 36.41 0.98
N ASN B 343 34.00 35.12 1.24
CA ASN B 343 34.60 34.05 0.47
C ASN B 343 33.74 33.82 -0.76
N LEU B 344 34.38 33.56 -1.90
CA LEU B 344 33.75 33.41 -3.20
C LEU B 344 34.42 32.25 -3.92
N LEU B 345 33.66 31.27 -4.40
CA LEU B 345 34.18 30.08 -5.05
C LEU B 345 33.39 29.72 -6.31
N THR B 346 34.06 29.39 -7.42
CA THR B 346 33.39 29.02 -8.65
C THR B 346 33.47 27.53 -8.96
N THR B 347 32.36 26.81 -8.79
CA THR B 347 32.25 25.41 -9.19
C THR B 347 31.87 25.37 -10.67
N PRO B 348 31.90 24.25 -11.38
CA PRO B 348 31.49 24.25 -12.78
C PRO B 348 30.01 24.47 -13.01
N LYS B 349 29.13 24.32 -12.02
CA LYS B 349 27.71 24.58 -12.16
C LYS B 349 27.32 25.99 -11.74
N PHE B 350 27.75 26.41 -10.55
CA PHE B 350 27.40 27.69 -9.97
C PHE B 350 28.52 28.30 -9.15
N THR B 351 28.47 29.63 -8.95
CA THR B 351 29.38 30.31 -8.06
C THR B 351 28.70 30.30 -6.69
N VAL B 352 29.45 30.16 -5.60
CA VAL B 352 28.89 30.15 -4.25
C VAL B 352 29.71 31.08 -3.36
N ALA B 353 29.03 31.77 -2.45
CA ALA B 353 29.63 32.73 -1.55
C ALA B 353 29.16 32.56 -0.11
N TRP B 354 30.01 32.92 0.86
CA TRP B 354 29.69 32.86 2.27
C TRP B 354 30.56 33.83 3.05
N ASP B 355 30.10 34.30 4.20
CA ASP B 355 30.89 35.20 5.03
C ASP B 355 31.93 34.40 5.79
N TRP B 356 33.19 34.83 5.72
CA TRP B 356 34.29 34.21 6.45
C TRP B 356 34.27 34.65 7.91
N VAL B 357 34.69 33.75 8.79
CA VAL B 357 34.79 33.94 10.22
C VAL B 357 35.99 33.16 10.74
N PRO B 358 36.66 33.59 11.82
CA PRO B 358 37.76 32.82 12.37
C PRO B 358 37.25 31.47 12.84
N LYS B 359 38.12 30.45 12.80
CA LYS B 359 37.80 29.10 13.21
C LYS B 359 37.29 29.09 14.65
N ARG B 360 36.20 28.37 14.89
CA ARG B 360 35.55 28.26 16.19
C ARG B 360 36.48 27.70 17.26
N PRO B 361 36.32 28.08 18.53
CA PRO B 361 37.11 27.52 19.62
C PRO B 361 36.80 26.04 19.80
N SER B 362 37.77 25.25 20.29
CA SER B 362 37.61 23.84 20.52
C SER B 362 36.54 23.51 21.55
N VAL B 363 35.91 22.34 21.42
CA VAL B 363 34.86 21.84 22.29
C VAL B 363 35.14 20.40 22.70
N CYS B 364 34.42 19.91 23.72
CA CYS B 364 34.58 18.56 24.23
C CYS B 364 34.31 17.51 23.17
N THR B 365 35.18 16.49 23.11
CA THR B 365 35.17 15.42 22.13
C THR B 365 33.93 14.53 22.12
N MET B 366 33.17 14.44 23.21
CA MET B 366 31.99 13.59 23.27
C MET B 366 30.83 14.25 23.98
N THR B 367 29.62 13.97 23.50
CA THR B 367 28.38 14.48 24.05
C THR B 367 27.57 13.36 24.71
N LYS B 368 26.89 13.70 25.80
CA LYS B 368 26.00 12.79 26.49
C LYS B 368 24.83 12.52 25.57
N TRP B 369 24.66 11.27 25.14
CA TRP B 369 23.60 10.87 24.24
C TRP B 369 22.36 10.35 24.95
N GLN B 370 22.55 9.50 25.97
CA GLN B 370 21.48 8.87 26.71
C GLN B 370 21.85 8.64 28.17
N GLU B 371 20.85 8.80 29.04
CA GLU B 371 20.90 8.49 30.46
C GLU B 371 20.03 7.26 30.62
N VAL B 372 20.58 6.13 31.07
CA VAL B 372 19.85 4.89 31.19
C VAL B 372 19.80 4.38 32.62
N ASP B 373 18.58 4.31 33.17
CA ASP B 373 18.32 3.86 34.53
C ASP B 373 18.62 2.38 34.73
N GLU B 374 18.22 1.54 33.78
CA GLU B 374 18.40 0.09 33.82
C GLU B 374 19.21 -0.43 32.65
N MET B 375 20.45 -0.87 32.92
CA MET B 375 21.30 -1.46 31.91
C MET B 375 22.01 -2.68 32.50
N LEU B 376 21.72 -3.85 31.93
CA LEU B 376 22.28 -5.11 32.35
C LEU B 376 23.59 -5.39 31.64
N ARG B 377 24.67 -5.65 32.39
CA ARG B 377 25.95 -6.04 31.85
C ARG B 377 26.06 -7.55 31.99
N SER B 378 26.55 -8.22 30.94
CA SER B 378 26.76 -9.66 30.93
C SER B 378 28.08 -9.98 30.23
N GLU B 379 28.77 -11.04 30.65
CA GLU B 379 30.04 -11.46 30.08
C GLU B 379 29.83 -12.70 29.22
N TYR B 380 30.22 -12.66 27.95
CA TYR B 380 30.05 -13.77 27.04
C TYR B 380 31.04 -13.75 25.89
N GLY B 381 31.60 -14.90 25.52
CA GLY B 381 32.55 -15.02 24.44
C GLY B 381 33.75 -14.10 24.56
N GLY B 382 34.22 -13.84 25.78
CA GLY B 382 35.33 -12.94 26.04
C GLY B 382 35.03 -11.47 25.77
N SER B 383 33.76 -11.07 25.86
CA SER B 383 33.29 -9.72 25.63
C SER B 383 32.12 -9.36 26.54
N PHE B 384 31.98 -8.09 26.91
CA PHE B 384 30.83 -7.61 27.66
C PHE B 384 29.72 -7.28 26.67
N ARG B 385 28.47 -7.50 27.06
CA ARG B 385 27.30 -7.17 26.27
C ARG B 385 26.33 -6.42 27.18
N PHE B 386 26.09 -5.14 26.87
CA PHE B 386 25.17 -4.30 27.61
C PHE B 386 23.84 -4.22 26.89
N SER B 387 22.73 -4.28 27.62
CA SER B 387 21.39 -4.20 27.07
C SER B 387 20.43 -3.50 28.02
N SER B 388 19.35 -2.94 27.45
CA SER B 388 18.34 -2.20 28.16
C SER B 388 17.01 -2.21 27.42
N ASP B 389 15.93 -1.82 28.11
CA ASP B 389 14.61 -1.66 27.54
C ASP B 389 14.44 -0.30 26.90
N ALA B 390 15.19 0.71 27.35
CA ALA B 390 15.15 2.07 26.87
C ALA B 390 15.83 2.29 25.52
N ILE B 391 16.73 1.39 25.12
CA ILE B 391 17.49 1.44 23.88
C ILE B 391 17.50 0.04 23.29
N CYS B 392 17.03 -0.15 22.06
CA CYS B 392 17.00 -1.48 21.46
C CYS B 392 18.35 -2.04 21.02
N THR B 393 19.38 -1.20 20.88
CA THR B 393 20.73 -1.59 20.53
C THR B 393 21.43 -2.29 21.69
N THR B 394 22.22 -3.32 21.37
CA THR B 394 23.06 -4.03 22.32
C THR B 394 24.50 -3.62 22.06
N PHE B 395 25.20 -3.17 23.11
CA PHE B 395 26.57 -2.72 22.98
C PHE B 395 27.57 -3.81 23.35
N THR B 396 28.48 -4.16 22.44
CA THR B 396 29.50 -5.16 22.65
C THR B 396 30.85 -4.51 22.94
N THR B 397 31.66 -5.04 23.86
CA THR B 397 32.93 -4.46 24.22
C THR B 397 33.94 -5.47 24.74
N ASN B 398 35.24 -5.15 24.71
CA ASN B 398 36.26 -5.99 25.33
C ASN B 398 36.16 -5.90 26.85
N LEU B 399 36.73 -6.86 27.57
CA LEU B 399 36.70 -6.92 29.01
C LEU B 399 37.54 -5.85 29.71
N THR B 400 38.48 -5.21 29.01
CA THR B 400 39.35 -4.19 29.56
C THR B 400 38.66 -2.82 29.64
N GLU B 401 38.79 -2.18 30.80
CA GLU B 401 38.25 -0.85 31.04
C GLU B 401 39.14 0.19 30.39
N TYR B 402 38.56 1.22 29.76
CA TYR B 402 39.30 2.26 29.07
C TYR B 402 39.96 3.26 30.01
N PRO B 403 41.23 3.64 29.82
CA PRO B 403 41.93 4.57 30.68
C PRO B 403 41.61 6.03 30.35
N LEU B 404 40.35 6.42 30.57
CA LEU B 404 39.84 7.74 30.28
C LEU B 404 40.56 8.88 30.99
N SER B 405 41.04 8.67 32.21
CA SER B 405 41.70 9.66 33.03
C SER B 405 42.89 10.36 32.38
N ARG B 406 43.66 9.66 31.55
CA ARG B 406 44.81 10.18 30.83
C ARG B 406 44.48 10.75 29.45
N VAL B 407 43.19 10.88 29.12
CA VAL B 407 42.69 11.36 27.86
C VAL B 407 41.77 12.56 28.07
N ASP B 408 40.80 12.47 28.98
CA ASP B 408 39.90 13.55 29.35
C ASP B 408 40.55 14.42 30.40
N LEU B 409 41.65 15.08 30.03
CA LEU B 409 42.42 15.94 30.90
C LEU B 409 41.63 17.13 31.43
N GLY B 410 40.54 17.52 30.77
CA GLY B 410 39.64 18.58 31.17
C GLY B 410 38.49 18.13 32.05
N ASP B 411 38.36 16.83 32.33
CA ASP B 411 37.31 16.21 33.12
C ASP B 411 35.89 16.47 32.64
N CYS B 412 35.72 16.71 31.34
CA CYS B 412 34.44 17.00 30.72
C CYS B 412 33.46 15.83 30.81
N ILE B 413 33.90 14.65 30.35
CA ILE B 413 33.11 13.44 30.33
C ILE B 413 32.96 12.92 31.75
N GLY B 414 34.03 13.00 32.55
CA GLY B 414 34.02 12.59 33.94
C GLY B 414 32.94 13.31 34.73
N LYS B 415 32.88 14.64 34.68
CA LYS B 415 31.86 15.41 35.39
C LYS B 415 30.45 15.05 34.96
N ASP B 416 30.19 14.97 33.65
CA ASP B 416 28.88 14.64 33.13
C ASP B 416 28.41 13.26 33.58
N ALA B 417 29.29 12.26 33.55
CA ALA B 417 28.97 10.91 33.96
C ALA B 417 28.66 10.82 35.45
N ARG B 418 29.57 11.31 36.30
CA ARG B 418 29.42 11.28 37.74
C ARG B 418 28.15 11.98 38.20
N ASP B 419 27.84 13.15 37.61
CA ASP B 419 26.65 13.90 37.97
C ASP B 419 25.36 13.19 37.57
N ALA B 420 25.29 12.66 36.34
CA ALA B 420 24.11 11.96 35.86
C ALA B 420 23.82 10.69 36.66
N MET B 421 24.85 9.90 36.97
CA MET B 421 24.69 8.69 37.75
C MET B 421 24.15 9.01 39.14
N ASP B 422 24.67 10.05 39.80
CA ASP B 422 24.20 10.43 41.12
C ASP B 422 22.76 10.94 41.09
N ARG B 423 22.37 11.70 40.06
CA ARG B 423 21.00 12.18 39.91
C ARG B 423 20.03 11.02 39.79
N ILE B 424 20.32 10.06 38.91
CA ILE B 424 19.47 8.90 38.69
C ILE B 424 19.42 8.01 39.93
N PHE B 425 20.57 7.74 40.54
CA PHE B 425 20.63 6.91 41.73
C PHE B 425 19.79 7.51 42.85
N ALA B 426 19.94 8.80 43.12
CA ALA B 426 19.17 9.49 44.14
C ALA B 426 17.67 9.49 43.84
N ARG B 427 17.29 9.62 42.58
CA ARG B 427 15.89 9.66 42.16
C ARG B 427 15.17 8.32 42.24
N ARG B 428 15.82 7.22 41.86
CA ARG B 428 15.17 5.93 41.72
C ARG B 428 15.72 4.73 42.49
N TYR B 429 16.96 4.77 42.98
CA TYR B 429 17.59 3.63 43.61
C TYR B 429 18.00 3.78 45.07
N ASN B 430 18.04 5.02 45.58
CA ASN B 430 18.47 5.37 46.92
C ASN B 430 17.98 4.47 48.04
N ALA B 431 16.73 4.00 47.99
CA ALA B 431 16.11 3.17 49.00
C ALA B 431 15.95 1.70 48.65
N THR B 432 16.49 1.22 47.52
CA THR B 432 16.32 -0.14 47.05
C THR B 432 17.61 -0.86 46.69
N HIS B 433 18.67 -0.12 46.35
CA HIS B 433 19.95 -0.65 45.93
C HIS B 433 21.13 0.07 46.56
N ILE B 434 22.33 -0.49 46.34
CA ILE B 434 23.61 0.04 46.74
C ILE B 434 24.54 0.03 45.54
N LYS B 435 25.40 1.05 45.42
CA LYS B 435 26.38 1.11 44.35
C LYS B 435 27.64 0.38 44.80
N VAL B 436 28.09 -0.56 43.97
CA VAL B 436 29.19 -1.45 44.26
C VAL B 436 30.54 -0.77 44.38
N GLY B 437 30.99 -0.09 43.31
CA GLY B 437 32.26 0.60 43.26
C GLY B 437 32.24 1.81 42.33
N GLN B 438 33.40 2.39 42.04
CA GLN B 438 33.51 3.55 41.19
C GLN B 438 33.07 3.28 39.75
N PRO B 439 32.58 4.28 39.02
CA PRO B 439 32.17 4.12 37.64
C PRO B 439 33.29 3.58 36.75
N GLN B 440 32.90 2.83 35.72
CA GLN B 440 33.79 2.18 34.77
C GLN B 440 33.51 2.69 33.36
N TYR B 441 34.52 2.80 32.50
CA TYR B 441 34.35 3.30 31.15
C TYR B 441 34.72 2.25 30.11
N TYR B 442 33.89 2.06 29.09
CA TYR B 442 34.10 1.07 28.06
C TYR B 442 33.84 1.61 26.66
N LEU B 443 34.75 1.37 25.70
CA LEU B 443 34.56 1.77 24.33
C LEU B 443 33.84 0.66 23.57
N ALA B 444 32.56 0.85 23.28
CA ALA B 444 31.74 -0.13 22.60
C ALA B 444 31.83 -0.08 21.08
N ASN B 445 31.59 -1.21 20.43
CA ASN B 445 31.56 -1.31 18.98
C ASN B 445 30.53 -0.33 18.44
N GLY B 446 30.85 0.32 17.31
CA GLY B 446 30.03 1.37 16.72
C GLY B 446 30.51 2.77 17.11
N GLY B 447 31.46 2.88 18.03
CA GLY B 447 32.06 4.14 18.44
C GLY B 447 31.33 4.91 19.52
N PHE B 448 30.95 4.24 20.62
CA PHE B 448 30.31 4.84 21.77
C PHE B 448 31.16 4.62 23.01
N LEU B 449 31.10 5.55 23.97
CA LEU B 449 31.81 5.42 25.23
C LEU B 449 30.73 5.26 26.30
N ILE B 450 30.67 4.09 26.93
CA ILE B 450 29.68 3.78 27.95
C ILE B 450 30.28 3.92 29.33
N ALA B 451 29.75 4.87 30.12
CA ALA B 451 30.10 5.02 31.51
C ALA B 451 29.10 4.14 32.25
N TYR B 452 29.56 3.19 33.06
CA TYR B 452 28.74 2.23 33.76
C TYR B 452 28.93 2.28 35.26
N GLN B 453 27.85 2.07 36.02
CA GLN B 453 27.83 2.06 37.47
C GLN B 453 27.13 0.79 37.93
N PRO B 454 27.86 -0.25 38.36
CA PRO B 454 27.24 -1.48 38.83
C PRO B 454 26.52 -1.29 40.16
N LEU B 455 25.37 -1.94 40.30
CA LEU B 455 24.49 -1.92 41.45
C LEU B 455 24.12 -3.30 41.97
N LEU B 456 23.69 -3.35 43.24
CA LEU B 456 23.19 -4.52 43.92
C LEU B 456 21.91 -4.13 44.66
N SER B 457 20.87 -4.96 44.55
CA SER B 457 19.63 -4.73 45.27
C SER B 457 19.85 -5.06 46.74
N ASN B 458 19.08 -4.45 47.65
CA ASN B 458 19.23 -4.68 49.08
C ASN B 458 19.08 -6.15 49.46
N THR B 459 18.26 -6.91 48.74
CA THR B 459 18.11 -8.34 48.97
C THR B 459 19.40 -9.09 48.65
N LEU B 460 20.06 -8.82 47.53
CA LEU B 460 21.32 -9.46 47.19
C LEU B 460 22.43 -9.03 48.14
N ALA B 461 22.43 -7.78 48.58
CA ALA B 461 23.41 -7.28 49.52
C ALA B 461 23.41 -8.11 50.79
N GLU B 462 22.23 -8.47 51.30
CA GLU B 462 22.07 -9.30 52.47
C GLU B 462 22.65 -10.70 52.28
N LEU B 463 22.47 -11.28 51.09
CA LEU B 463 23.02 -12.59 50.77
C LEU B 463 24.54 -12.57 50.79
N TYR B 464 25.17 -11.51 50.29
CA TYR B 464 26.62 -11.39 50.36
C TYR B 464 27.07 -11.16 51.80
N VAL B 465 26.35 -10.36 52.58
CA VAL B 465 26.67 -10.11 53.97
C VAL B 465 26.65 -11.38 54.80
N ARG B 466 25.58 -12.19 54.73
CA ARG B 466 25.50 -13.43 55.47
C ARG B 466 26.55 -14.44 55.03
N GLU B 467 26.87 -14.51 53.74
CA GLU B 467 27.89 -15.39 53.22
C GLU B 467 29.28 -14.98 53.73
N HIS B 468 29.55 -13.68 53.78
CA HIS B 468 30.78 -13.14 54.30
C HIS B 468 30.92 -13.41 55.80
N LEU B 469 29.83 -13.32 56.56
CA LEU B 469 29.82 -13.62 57.98
C LEU B 469 30.13 -15.09 58.25
N ARG B 470 29.58 -16.02 57.45
CA ARG B 470 29.88 -17.43 57.59
C ARG B 470 31.32 -17.73 57.24
N GLU B 471 31.88 -17.05 56.26
CA GLU B 471 33.27 -17.18 55.86
C GLU B 471 34.20 -16.67 56.96
N GLN B 472 33.87 -15.54 57.60
CA GLN B 472 34.63 -14.98 58.70
C GLN B 472 34.55 -15.83 59.97
N SER B 473 33.42 -16.50 60.19
CA SER B 473 33.17 -17.36 61.34
C SER B 473 33.90 -18.69 61.28
N ARG B 474 34.35 -19.12 60.09
CA ARG B 474 35.08 -20.35 59.83
C ARG B 474 36.53 -20.24 60.28
N ILE B 501 32.94 -3.73 54.38
CA ILE B 501 32.73 -4.90 53.51
C ILE B 501 32.91 -4.50 52.05
N GLU B 502 33.78 -5.20 51.32
CA GLU B 502 34.11 -4.91 49.93
C GLU B 502 33.28 -5.67 48.91
N PHE B 503 32.08 -5.18 48.61
CA PHE B 503 31.21 -5.79 47.63
C PHE B 503 31.86 -5.95 46.27
N ALA B 504 32.75 -5.02 45.89
CA ALA B 504 33.47 -5.06 44.63
C ALA B 504 34.32 -6.31 44.46
N ARG B 505 34.79 -6.90 45.56
CA ARG B 505 35.56 -8.13 45.56
C ARG B 505 34.67 -9.36 45.66
N LEU B 506 33.65 -9.28 46.52
CA LEU B 506 32.70 -10.32 46.84
C LEU B 506 31.62 -10.59 45.80
N GLN B 507 31.53 -9.82 44.70
CA GLN B 507 30.48 -9.95 43.72
C GLN B 507 30.34 -11.30 43.05
N PHE B 508 31.23 -11.70 42.13
CA PHE B 508 31.08 -12.94 41.39
C PHE B 508 31.75 -14.17 42.00
N THR B 509 32.23 -14.08 43.25
CA THR B 509 32.91 -15.15 43.95
C THR B 509 32.05 -16.25 44.55
N TYR B 510 30.72 -16.16 44.49
CA TYR B 510 29.82 -17.13 45.07
C TYR B 510 28.84 -17.71 44.06
N ASN B 511 29.22 -18.84 43.47
CA ASN B 511 28.46 -19.54 42.45
C ASN B 511 27.01 -19.80 42.83
N HIS B 512 26.75 -20.26 44.06
CA HIS B 512 25.41 -20.55 44.53
C HIS B 512 24.51 -19.32 44.64
N ILE B 513 25.09 -18.12 44.74
CA ILE B 513 24.36 -16.86 44.77
C ILE B 513 24.18 -16.35 43.34
N GLN B 514 25.21 -16.47 42.50
CA GLN B 514 25.19 -15.99 41.14
C GLN B 514 24.36 -16.83 40.17
N ARG B 515 24.33 -18.16 40.31
CA ARG B 515 23.59 -19.03 39.42
C ARG B 515 22.11 -18.63 39.33
N PRO B 516 21.39 -18.41 40.42
CA PRO B 516 20.02 -17.92 40.36
C PRO B 516 19.88 -16.58 39.66
N VAL B 517 20.84 -15.68 39.87
CA VAL B 517 20.84 -14.35 39.29
C VAL B 517 21.05 -14.37 37.78
N ASN B 518 21.96 -15.20 37.27
CA ASN B 518 22.17 -15.31 35.83
C ASN B 518 20.90 -15.76 35.13
N ASP B 519 20.12 -16.67 35.75
CA ASP B 519 18.87 -17.14 35.18
C ASP B 519 17.78 -16.08 35.30
N MET B 520 17.69 -15.38 36.43
CA MET B 520 16.71 -14.33 36.64
C MET B 520 16.91 -13.18 35.66
N LEU B 521 18.10 -12.57 35.66
CA LEU B 521 18.40 -11.45 34.80
C LEU B 521 18.48 -11.86 33.33
N GLY B 522 18.94 -13.07 33.02
CA GLY B 522 18.99 -13.55 31.65
C GLY B 522 17.60 -13.56 31.03
N ARG B 523 16.57 -13.95 31.79
CA ARG B 523 15.20 -13.95 31.32
C ARG B 523 14.70 -12.53 31.08
N VAL B 524 15.11 -11.57 31.92
CA VAL B 524 14.75 -10.17 31.74
C VAL B 524 15.36 -9.62 30.46
N ALA B 525 16.65 -9.87 30.22
CA ALA B 525 17.32 -9.43 29.02
C ALA B 525 16.67 -10.00 27.77
N ILE B 526 16.27 -11.27 27.78
CA ILE B 526 15.60 -11.92 26.67
C ILE B 526 14.22 -11.31 26.44
N ALA B 527 13.48 -10.99 27.50
CA ALA B 527 12.18 -10.37 27.37
C ALA B 527 12.27 -9.02 26.66
N TRP B 528 13.27 -8.20 27.01
CA TRP B 528 13.49 -6.91 26.36
C TRP B 528 13.83 -7.08 24.89
N CYS B 529 14.63 -8.08 24.53
CA CYS B 529 14.97 -8.34 23.15
C CYS B 529 13.71 -8.65 22.32
N GLU B 530 12.83 -9.51 22.84
CA GLU B 530 11.60 -9.87 22.17
C GLU B 530 10.69 -8.67 21.97
N LEU B 531 10.58 -7.76 22.95
CA LEU B 531 9.80 -6.55 22.80
C LEU B 531 10.40 -5.64 21.74
N CYS B 532 11.71 -5.44 21.76
CA CYS B 532 12.36 -4.60 20.76
C CYS B 532 12.18 -5.14 19.35
N ASN B 533 12.37 -6.43 19.10
CA ASN B 533 12.18 -6.96 17.76
C ASN B 533 10.75 -6.77 17.28
N HIS B 534 9.77 -6.95 18.17
CA HIS B 534 8.36 -6.77 17.83
C HIS B 534 8.07 -5.32 17.51
N GLU B 535 8.45 -4.38 18.37
CA GLU B 535 8.22 -2.96 18.17
C GLU B 535 8.97 -2.39 16.97
N LEU B 536 10.25 -2.70 16.79
CA LEU B 536 11.04 -2.24 15.66
C LEU B 536 10.44 -2.68 14.34
N THR B 537 9.89 -3.90 14.27
CA THR B 537 9.31 -4.39 13.05
C THR B 537 8.08 -3.58 12.67
N LEU B 538 7.17 -3.32 13.62
CA LEU B 538 6.01 -2.50 13.34
C LEU B 538 6.40 -1.08 12.96
N TRP B 539 7.34 -0.48 13.69
CA TRP B 539 7.77 0.88 13.44
C TRP B 539 8.45 1.02 12.08
N ASN B 540 9.30 0.06 11.69
CA ASN B 540 9.97 0.09 10.41
C ASN B 540 9.02 -0.14 9.25
N GLU B 541 7.88 -0.83 9.43
CA GLU B 541 6.89 -0.95 8.38
C GLU B 541 6.09 0.33 8.28
N ALA B 542 5.71 0.96 9.40
CA ALA B 542 4.97 2.20 9.36
C ALA B 542 5.76 3.30 8.68
N ARG B 543 7.06 3.44 8.93
CA ARG B 543 7.85 4.47 8.27
C ARG B 543 7.91 4.28 6.76
N LYS B 544 7.74 3.05 6.26
CA LYS B 544 7.73 2.77 4.83
C LYS B 544 6.51 3.39 4.17
N LEU B 545 5.38 3.44 4.86
CA LEU B 545 4.12 3.97 4.38
C LEU B 545 3.96 5.48 4.54
N ASN B 546 4.35 6.03 5.70
CA ASN B 546 4.21 7.44 5.99
C ASN B 546 5.41 7.95 6.78
N PRO B 547 6.55 8.22 6.11
CA PRO B 547 7.74 8.68 6.78
C PRO B 547 7.54 10.05 7.42
N ASN B 548 6.71 10.94 6.88
CA ASN B 548 6.50 12.25 7.47
C ASN B 548 5.94 12.18 8.88
N ALA B 549 4.97 11.30 9.12
CA ALA B 549 4.38 11.15 10.44
C ALA B 549 5.35 10.53 11.43
N ILE B 550 6.00 9.43 11.04
CA ILE B 550 6.93 8.73 11.90
C ILE B 550 8.14 9.60 12.23
N ALA B 551 8.69 10.33 11.27
CA ALA B 551 9.80 11.21 11.53
C ALA B 551 9.39 12.34 12.46
N SER B 552 8.23 12.97 12.22
CA SER B 552 7.76 14.07 13.05
C SER B 552 7.57 13.66 14.50
N VAL B 553 7.04 12.44 14.73
CA VAL B 553 6.83 11.91 16.07
C VAL B 553 8.14 11.60 16.76
N THR B 554 9.12 11.08 16.01
CA THR B 554 10.42 10.72 16.55
C THR B 554 11.26 11.94 16.93
N VAL B 555 11.28 12.96 16.07
CA VAL B 555 12.04 14.18 16.24
C VAL B 555 11.36 15.18 17.16
N GLY B 556 10.05 15.08 17.37
CA GLY B 556 9.30 15.95 18.25
C GLY B 556 8.93 17.31 17.67
N ARG B 557 8.90 17.45 16.34
CA ARG B 557 8.55 18.64 15.60
C ARG B 557 8.24 18.25 14.16
N ARG B 558 7.46 19.04 13.41
CA ARG B 558 7.13 18.71 12.04
C ARG B 558 8.37 18.77 11.16
N VAL B 559 8.63 17.69 10.43
CA VAL B 559 9.73 17.56 9.49
C VAL B 559 9.23 16.82 8.25
N SER B 560 9.77 17.16 7.08
CA SER B 560 9.47 16.44 5.86
C SER B 560 10.51 15.33 5.77
N ALA B 561 10.11 14.16 5.27
CA ALA B 561 11.00 13.02 5.16
C ALA B 561 10.75 12.25 3.87
N ARG B 562 11.81 11.63 3.34
CA ARG B 562 11.76 10.90 2.09
C ARG B 562 12.71 9.71 2.13
N MET B 563 12.25 8.53 1.72
CA MET B 563 13.08 7.33 1.74
C MET B 563 13.95 7.28 0.50
N LEU B 564 15.28 7.43 0.66
CA LEU B 564 16.25 7.34 -0.42
C LEU B 564 16.78 5.91 -0.49
N GLY B 565 15.88 4.95 -0.68
CA GLY B 565 16.22 3.55 -0.70
C GLY B 565 16.05 3.00 0.71
N ASP B 566 17.15 2.64 1.38
CA ASP B 566 17.12 2.02 2.69
C ASP B 566 17.56 2.92 3.84
N VAL B 567 17.52 4.24 3.63
CA VAL B 567 17.80 5.29 4.58
C VAL B 567 16.82 6.43 4.36
N MET B 568 16.65 7.31 5.34
CA MET B 568 15.70 8.40 5.26
C MET B 568 16.36 9.77 5.25
N ALA B 569 16.01 10.61 4.27
CA ALA B 569 16.47 11.99 4.18
C ALA B 569 15.43 12.86 4.86
N VAL B 570 15.83 13.89 5.62
CA VAL B 570 14.90 14.74 6.35
C VAL B 570 15.18 16.23 6.21
N SER B 571 14.18 17.08 6.48
CA SER B 571 14.32 18.53 6.44
C SER B 571 13.24 19.22 7.25
N THR B 572 13.45 20.45 7.69
CA THR B 572 12.47 21.17 8.48
C THR B 572 11.36 21.78 7.65
N CYS B 573 10.09 21.54 7.99
CA CYS B 573 8.97 22.18 7.32
C CYS B 573 8.82 23.60 7.86
N VAL B 574 8.38 24.56 7.04
CA VAL B 574 8.18 25.93 7.47
C VAL B 574 6.73 26.17 7.84
N PRO B 575 6.40 26.73 9.00
CA PRO B 575 5.02 26.97 9.41
C PRO B 575 4.39 28.17 8.72
N VAL B 576 3.06 28.16 8.64
CA VAL B 576 2.20 29.17 8.06
C VAL B 576 0.98 29.36 8.95
N ALA B 577 0.68 30.61 9.31
CA ALA B 577 -0.45 30.94 10.16
C ALA B 577 -1.78 30.66 9.47
N ALA B 578 -2.76 30.15 10.21
CA ALA B 578 -4.05 29.75 9.67
C ALA B 578 -4.85 30.83 8.94
N ASP B 579 -4.76 32.09 9.35
CA ASP B 579 -5.48 33.18 8.71
C ASP B 579 -4.89 33.58 7.37
N ASN B 580 -3.66 33.17 7.06
CA ASN B 580 -3.01 33.44 5.78
C ASN B 580 -3.35 32.44 4.70
N VAL B 581 -4.21 31.44 4.97
CA VAL B 581 -4.61 30.43 4.01
C VAL B 581 -6.06 30.60 3.60
N ILE B 582 -6.33 30.47 2.29
CA ILE B 582 -7.62 30.58 1.65
C ILE B 582 -7.88 29.31 0.83
N VAL B 583 -9.10 28.79 0.85
CA VAL B 583 -9.50 27.59 0.13
C VAL B 583 -10.38 27.95 -1.06
N GLN B 584 -10.11 27.37 -2.24
CA GLN B 584 -10.87 27.64 -3.44
C GLN B 584 -12.24 26.95 -3.41
N ASN B 585 -13.26 27.55 -4.03
CA ASN B 585 -14.61 27.02 -4.00
C ASN B 585 -14.85 25.70 -4.73
N SER B 586 -13.97 25.18 -5.58
CA SER B 586 -14.23 23.93 -6.27
C SER B 586 -12.99 23.13 -6.65
N MET B 587 -13.20 21.82 -6.80
CA MET B 587 -12.19 20.84 -7.18
C MET B 587 -12.33 20.41 -8.63
N ARG B 588 -13.27 20.95 -9.40
CA ARG B 588 -13.43 20.64 -10.80
C ARG B 588 -12.28 21.22 -11.61
N ILE B 589 -11.98 20.62 -12.77
CA ILE B 589 -10.98 21.10 -13.69
C ILE B 589 -11.72 21.48 -14.97
N SER B 590 -11.64 22.74 -15.39
CA SER B 590 -12.31 23.23 -16.57
C SER B 590 -11.67 22.77 -17.88
N SER B 591 -10.35 22.64 -17.92
CA SER B 591 -9.56 22.26 -19.07
C SER B 591 -9.83 20.86 -19.61
N ARG B 592 -10.25 19.92 -18.77
CA ARG B 592 -10.53 18.55 -19.11
C ARG B 592 -11.73 18.08 -18.28
N PRO B 593 -12.91 17.86 -18.86
CA PRO B 593 -14.11 17.57 -18.12
C PRO B 593 -14.13 16.26 -17.35
N GLY B 594 -13.37 15.24 -17.75
CA GLY B 594 -13.37 13.96 -17.08
C GLY B 594 -12.62 13.88 -15.76
N ALA B 595 -11.77 14.85 -15.43
CA ALA B 595 -10.95 14.85 -14.24
C ALA B 595 -11.28 15.95 -13.24
N CYS B 596 -10.92 15.71 -11.98
CA CYS B 596 -11.13 16.58 -10.84
C CYS B 596 -9.99 16.43 -9.85
N TYR B 597 -9.64 17.48 -9.10
CA TYR B 597 -8.60 17.38 -8.09
C TYR B 597 -9.06 16.43 -6.98
N SER B 598 -8.18 15.62 -6.41
CA SER B 598 -8.55 14.69 -5.37
C SER B 598 -8.45 15.25 -3.95
N ARG B 599 -7.88 16.44 -3.81
CA ARG B 599 -7.62 17.16 -2.57
C ARG B 599 -7.82 18.64 -2.90
N PRO B 600 -8.43 19.46 -2.04
CA PRO B 600 -8.78 20.83 -2.40
C PRO B 600 -7.61 21.76 -2.67
N LEU B 601 -7.85 22.70 -3.59
CA LEU B 601 -6.90 23.74 -3.95
C LEU B 601 -6.91 24.84 -2.91
N VAL B 602 -5.76 25.49 -2.73
CA VAL B 602 -5.61 26.59 -1.78
C VAL B 602 -4.70 27.66 -2.35
N SER B 603 -4.69 28.82 -1.67
CA SER B 603 -3.82 29.94 -1.97
C SER B 603 -3.46 30.57 -0.62
N PHE B 604 -2.21 30.94 -0.42
CA PHE B 604 -1.74 31.44 0.86
C PHE B 604 -0.54 32.37 0.77
N ARG B 605 -0.13 32.90 1.92
CA ARG B 605 1.01 33.78 2.06
C ARG B 605 1.92 33.33 3.19
N TYR B 606 3.25 33.39 3.01
CA TYR B 606 4.15 33.08 4.09
C TYR B 606 4.13 34.18 5.15
N GLU B 607 3.93 35.43 4.72
CA GLU B 607 3.84 36.61 5.55
C GLU B 607 2.64 37.44 5.13
N ASP B 608 1.90 38.01 6.08
CA ASP B 608 0.66 38.73 5.91
C ASP B 608 0.56 39.71 4.76
N GLN B 609 1.64 40.43 4.45
CA GLN B 609 1.72 41.42 3.40
C GLN B 609 2.35 40.94 2.10
N GLY B 610 2.88 39.72 2.07
CA GLY B 610 3.57 39.14 0.93
C GLY B 610 2.72 38.76 -0.27
N PRO B 611 3.34 38.28 -1.35
CA PRO B 611 2.65 37.84 -2.54
C PRO B 611 1.88 36.55 -2.28
N LEU B 612 0.76 36.36 -2.99
CA LEU B 612 -0.09 35.19 -2.85
C LEU B 612 0.44 34.01 -3.66
N VAL B 613 0.70 32.89 -2.99
CA VAL B 613 1.19 31.65 -3.53
C VAL B 613 0.05 30.66 -3.73
N GLU B 614 -0.04 29.98 -4.88
CA GLU B 614 -1.05 28.98 -5.13
C GLU B 614 -0.53 27.58 -4.82
N GLY B 615 -1.37 26.69 -4.30
CA GLY B 615 -1.00 25.33 -3.96
C GLY B 615 -2.20 24.41 -3.80
N GLN B 616 -1.99 23.26 -3.17
CA GLN B 616 -3.00 22.25 -2.92
C GLN B 616 -2.84 21.76 -1.48
N LEU B 617 -3.95 21.49 -0.79
CA LEU B 617 -3.92 20.99 0.56
C LEU B 617 -3.32 19.59 0.59
N GLY B 618 -2.90 19.10 1.76
CA GLY B 618 -2.33 17.78 1.95
C GLY B 618 -2.76 17.18 3.28
N GLU B 619 -2.21 16.02 3.63
CA GLU B 619 -2.50 15.36 4.89
C GLU B 619 -2.00 16.18 6.07
N ASN B 620 -2.73 16.17 7.18
CA ASN B 620 -2.37 16.82 8.43
C ASN B 620 -1.80 18.23 8.29
N ASN B 621 -2.61 19.14 7.73
CA ASN B 621 -2.29 20.54 7.53
C ASN B 621 -1.08 20.86 6.65
N GLU B 622 -0.59 19.92 5.85
CA GLU B 622 0.50 20.21 4.93
C GLU B 622 -0.03 20.97 3.71
N LEU B 623 0.83 21.79 3.12
CA LEU B 623 0.53 22.55 1.92
C LEU B 623 1.54 22.14 0.85
N ARG B 624 1.08 21.85 -0.36
CA ARG B 624 1.88 21.40 -1.48
C ARG B 624 1.84 22.46 -2.58
N LEU B 625 2.96 22.73 -3.25
CA LEU B 625 3.02 23.74 -4.29
C LEU B 625 2.69 23.23 -5.68
N THR B 626 2.39 21.94 -5.84
CA THR B 626 2.22 21.27 -7.11
C THR B 626 0.89 21.34 -7.84
N ARG B 627 -0.25 21.18 -7.17
CA ARG B 627 -1.56 21.06 -7.81
C ARG B 627 -1.58 19.89 -8.78
N ASP B 628 -1.12 18.72 -8.35
CA ASP B 628 -1.01 17.52 -9.16
C ASP B 628 -1.82 16.32 -8.68
N ALA B 629 -2.45 16.35 -7.51
CA ALA B 629 -3.29 15.26 -7.06
C ALA B 629 -4.61 15.35 -7.79
N ILE B 630 -4.77 14.54 -8.84
CA ILE B 630 -5.90 14.49 -9.74
C ILE B 630 -6.46 13.08 -9.82
N GLU B 631 -7.77 12.96 -10.05
CA GLU B 631 -8.52 11.72 -10.15
C GLU B 631 -9.65 11.84 -11.16
N PRO B 632 -10.23 10.74 -11.66
CA PRO B 632 -11.37 10.81 -12.55
C PRO B 632 -12.57 11.26 -11.73
N CYS B 633 -13.42 12.12 -12.28
CA CYS B 633 -14.56 12.66 -11.55
C CYS B 633 -15.67 11.64 -11.34
N THR B 634 -16.03 11.37 -10.08
CA THR B 634 -17.07 10.45 -9.66
C THR B 634 -18.40 11.14 -9.39
N VAL B 635 -19.42 10.40 -8.97
CA VAL B 635 -20.70 10.91 -8.54
C VAL B 635 -20.98 10.50 -7.11
N GLY B 636 -21.74 11.31 -6.37
CA GLY B 636 -22.04 11.08 -4.98
C GLY B 636 -20.84 11.34 -4.06
N HIS B 637 -19.93 12.23 -4.47
CA HIS B 637 -18.73 12.56 -3.74
C HIS B 637 -18.99 13.42 -2.49
N ARG B 638 -18.44 13.00 -1.34
CA ARG B 638 -18.50 13.70 -0.08
C ARG B 638 -17.17 13.50 0.64
N ARG B 639 -16.52 14.57 1.15
CA ARG B 639 -15.25 14.49 1.83
C ARG B 639 -15.07 15.55 2.91
N TYR B 640 -14.28 15.22 3.93
CA TYR B 640 -13.88 16.09 5.02
C TYR B 640 -12.36 16.15 5.02
N PHE B 641 -11.75 17.31 4.81
CA PHE B 641 -10.30 17.44 4.84
C PHE B 641 -9.88 18.22 6.07
N THR B 642 -8.81 17.81 6.76
CA THR B 642 -8.33 18.51 7.93
C THR B 642 -7.89 19.91 7.52
N PHE B 643 -8.28 20.94 8.27
CA PHE B 643 -7.96 22.30 7.92
C PHE B 643 -7.88 23.21 9.14
N GLY B 644 -6.66 23.43 9.64
CA GLY B 644 -6.34 24.31 10.75
C GLY B 644 -7.14 24.08 12.02
N GLY B 645 -7.04 22.90 12.63
CA GLY B 645 -7.76 22.60 13.86
C GLY B 645 -9.27 22.50 13.70
N GLY B 646 -9.71 22.05 12.52
CA GLY B 646 -11.09 21.85 12.12
C GLY B 646 -11.13 21.06 10.82
N TYR B 647 -12.25 21.12 10.10
CA TYR B 647 -12.42 20.41 8.85
C TYR B 647 -13.15 21.25 7.81
N VAL B 648 -12.83 21.05 6.53
CA VAL B 648 -13.58 21.66 5.45
C VAL B 648 -14.35 20.53 4.77
N TYR B 649 -15.66 20.73 4.59
CA TYR B 649 -16.51 19.73 3.98
C TYR B 649 -16.79 20.09 2.52
N PHE B 650 -16.52 19.15 1.62
CA PHE B 650 -16.73 19.27 0.19
C PHE B 650 -17.78 18.26 -0.27
N GLU B 651 -18.72 18.71 -1.10
CA GLU B 651 -19.79 17.88 -1.62
C GLU B 651 -19.89 18.06 -3.13
N GLU B 652 -19.85 16.96 -3.88
CA GLU B 652 -19.85 16.96 -5.34
C GLU B 652 -18.84 17.92 -5.93
N TYR B 653 -17.62 17.84 -5.41
CA TYR B 653 -16.47 18.64 -5.79
C TYR B 653 -16.61 20.14 -5.55
N ALA B 654 -17.51 20.58 -4.67
CA ALA B 654 -17.72 21.98 -4.34
C ALA B 654 -17.58 22.22 -2.85
N TYR B 655 -16.91 23.31 -2.46
CA TYR B 655 -16.73 23.67 -1.06
C TYR B 655 -18.06 24.03 -0.43
N SER B 656 -18.38 23.49 0.74
CA SER B 656 -19.63 23.72 1.43
C SER B 656 -19.51 24.56 2.68
N HIS B 657 -18.79 24.09 3.71
CA HIS B 657 -18.61 24.82 4.95
C HIS B 657 -17.43 24.27 5.73
N GLN B 658 -17.13 24.89 6.89
CA GLN B 658 -16.01 24.52 7.73
C GLN B 658 -16.46 24.24 9.16
N LEU B 659 -16.22 23.01 9.63
CA LEU B 659 -16.59 22.57 10.96
C LEU B 659 -15.46 22.74 11.98
N SER B 660 -15.85 22.92 13.25
CA SER B 660 -14.90 22.93 14.35
C SER B 660 -14.57 21.48 14.66
N ARG B 661 -13.37 21.19 15.17
CA ARG B 661 -12.99 19.82 15.50
C ARG B 661 -13.91 19.22 16.55
N ALA B 662 -14.55 20.03 17.40
CA ALA B 662 -15.47 19.55 18.42
C ALA B 662 -16.85 19.18 17.91
N ASP B 663 -17.16 19.41 16.62
CA ASP B 663 -18.46 19.10 16.04
C ASP B 663 -18.68 17.64 15.69
N ILE B 664 -17.63 16.81 15.70
CA ILE B 664 -17.70 15.40 15.35
C ILE B 664 -17.41 14.53 16.56
N THR B 665 -18.14 13.42 16.75
CA THR B 665 -17.92 12.53 17.87
C THR B 665 -16.57 11.83 17.76
N THR B 666 -15.70 12.03 18.74
CA THR B 666 -14.39 11.42 18.79
C THR B 666 -14.49 9.98 19.29
N VAL B 667 -13.85 9.03 18.61
CA VAL B 667 -13.77 7.67 19.10
C VAL B 667 -12.79 7.75 20.25
N SER B 668 -13.30 7.56 21.47
CA SER B 668 -12.64 7.86 22.72
C SER B 668 -11.29 7.23 23.03
N THR B 669 -11.03 5.99 22.61
CA THR B 669 -9.85 5.21 22.89
C THR B 669 -9.80 4.03 21.94
N PHE B 670 -8.76 3.20 22.00
CA PHE B 670 -8.61 2.00 21.19
C PHE B 670 -9.75 0.99 21.33
N ILE B 671 -10.56 1.08 22.40
CA ILE B 671 -11.72 0.27 22.66
C ILE B 671 -12.79 1.14 23.33
N ASP B 672 -14.00 1.20 22.78
CA ASP B 672 -15.14 1.90 23.35
C ASP B 672 -16.49 1.38 22.89
N LEU B 673 -17.55 1.78 23.57
CA LEU B 673 -18.93 1.36 23.36
C LEU B 673 -19.89 2.54 23.34
N ASN B 674 -21.20 2.27 23.44
CA ASN B 674 -22.26 3.26 23.48
C ASN B 674 -22.38 4.14 22.24
N ILE B 675 -21.77 3.72 21.12
CA ILE B 675 -21.84 4.40 19.85
C ILE B 675 -23.14 4.05 19.13
N THR B 676 -23.74 5.04 18.47
CA THR B 676 -24.95 4.89 17.69
C THR B 676 -24.62 4.81 16.21
N MET B 677 -25.27 3.89 15.48
CA MET B 677 -25.06 3.67 14.07
C MET B 677 -26.36 3.31 13.36
N LEU B 678 -26.31 3.38 12.03
CA LEU B 678 -27.40 3.06 11.13
C LEU B 678 -26.97 1.98 10.15
N GLU B 679 -27.96 1.32 9.53
CA GLU B 679 -27.69 0.36 8.48
C GLU B 679 -27.76 1.13 7.17
N ASP B 680 -26.65 1.80 6.83
CA ASP B 680 -26.52 2.64 5.66
C ASP B 680 -27.02 1.98 4.38
N HIS B 681 -27.79 2.73 3.59
CA HIS B 681 -28.39 2.30 2.34
C HIS B 681 -27.96 3.28 1.25
N GLU B 682 -27.21 2.83 0.24
CA GLU B 682 -26.55 3.74 -0.68
C GLU B 682 -27.34 4.73 -1.51
N PHE B 683 -28.54 4.45 -2.01
CA PHE B 683 -29.32 5.36 -2.81
C PHE B 683 -28.50 5.95 -3.96
N VAL B 684 -28.13 5.08 -4.90
CA VAL B 684 -27.29 5.38 -6.04
C VAL B 684 -27.86 6.49 -6.90
N PRO B 685 -27.08 7.51 -7.28
CA PRO B 685 -27.54 8.56 -8.17
C PRO B 685 -27.80 7.95 -9.54
N LEU B 686 -28.96 8.28 -10.12
CA LEU B 686 -29.49 7.72 -11.34
C LEU B 686 -28.52 7.54 -12.51
N GLU B 687 -27.65 8.51 -12.75
CA GLU B 687 -26.70 8.52 -13.86
C GLU B 687 -25.73 7.35 -13.93
N VAL B 688 -25.49 6.68 -12.80
CA VAL B 688 -24.61 5.52 -12.74
C VAL B 688 -25.10 4.40 -13.65
N TYR B 689 -26.42 4.24 -13.80
CA TYR B 689 -27.02 3.19 -14.59
C TYR B 689 -27.02 3.41 -16.09
N THR B 690 -26.72 4.61 -16.59
CA THR B 690 -26.76 4.93 -18.00
C THR B 690 -25.43 5.41 -18.58
N ARG B 691 -24.88 6.50 -18.05
CA ARG B 691 -23.62 7.08 -18.49
C ARG B 691 -22.41 6.34 -17.93
N HIS B 692 -22.65 5.30 -17.14
CA HIS B 692 -21.64 4.49 -16.48
C HIS B 692 -20.75 5.34 -15.58
N GLU B 693 -21.35 6.34 -14.91
CA GLU B 693 -20.62 7.17 -13.96
C GLU B 693 -20.11 6.30 -12.82
N ILE B 694 -18.85 6.50 -12.42
CA ILE B 694 -18.29 5.75 -11.32
C ILE B 694 -18.72 6.37 -10.00
N LYS B 695 -19.31 5.55 -9.12
CA LYS B 695 -19.78 5.95 -7.82
C LYS B 695 -18.59 6.16 -6.87
N ASP B 696 -18.61 7.25 -6.10
CA ASP B 696 -17.58 7.54 -5.12
C ASP B 696 -17.48 6.42 -4.09
N SER B 697 -16.26 6.04 -3.74
CA SER B 697 -15.93 4.98 -2.80
C SER B 697 -14.93 5.42 -1.73
N GLY B 698 -14.82 6.72 -1.44
CA GLY B 698 -13.89 7.24 -0.46
C GLY B 698 -12.44 6.98 -0.84
N LEU B 699 -11.53 7.10 0.13
CA LEU B 699 -10.13 6.83 -0.07
C LEU B 699 -9.90 5.34 -0.23
N LEU B 700 -8.82 4.95 -0.91
CA LEU B 700 -8.50 3.57 -1.19
C LEU B 700 -7.87 2.81 -0.02
N ASP B 701 -8.48 1.70 0.36
CA ASP B 701 -7.94 0.76 1.33
C ASP B 701 -6.80 -0.01 0.67
N TYR B 702 -5.97 -0.72 1.44
CA TYR B 702 -4.91 -1.50 0.83
C TYR B 702 -5.47 -2.55 -0.12
N THR B 703 -6.63 -3.12 0.21
CA THR B 703 -7.30 -4.10 -0.62
C THR B 703 -7.81 -3.48 -1.92
N GLU B 704 -8.30 -2.25 -1.90
CA GLU B 704 -8.76 -1.57 -3.09
C GLU B 704 -7.59 -1.15 -3.97
N VAL B 705 -6.44 -0.79 -3.40
CA VAL B 705 -5.25 -0.46 -4.17
C VAL B 705 -4.82 -1.71 -4.91
N GLN B 706 -4.63 -2.84 -4.23
CA GLN B 706 -4.22 -4.05 -4.93
C GLN B 706 -5.28 -4.56 -5.90
N ARG B 707 -6.57 -4.31 -5.64
CA ARG B 707 -7.63 -4.69 -6.57
C ARG B 707 -7.57 -3.87 -7.84
N ARG B 708 -7.29 -2.56 -7.77
CA ARG B 708 -7.14 -1.73 -8.94
C ARG B 708 -5.85 -2.02 -9.68
N VAL B 709 -4.74 -2.30 -8.99
CA VAL B 709 -3.50 -2.66 -9.65
C VAL B 709 -3.69 -3.90 -10.51
N GLN B 710 -4.39 -4.92 -10.01
CA GLN B 710 -4.67 -6.12 -10.77
C GLN B 710 -5.64 -5.90 -11.92
N LEU B 711 -6.44 -4.83 -11.88
CA LEU B 711 -7.34 -4.48 -12.97
C LEU B 711 -6.57 -3.74 -14.06
N HIS B 712 -5.57 -2.93 -13.71
CA HIS B 712 -4.76 -2.23 -14.68
C HIS B 712 -3.88 -3.17 -15.48
N ASP B 713 -3.20 -4.15 -14.87
CA ASP B 713 -2.40 -5.07 -15.67
C ASP B 713 -3.26 -5.94 -16.57
N LEU B 714 -4.56 -6.07 -16.28
CA LEU B 714 -5.51 -6.75 -17.14
C LEU B 714 -5.86 -5.84 -18.31
N ARG B 715 -6.06 -4.53 -18.09
CA ARG B 715 -6.31 -3.60 -19.18
C ARG B 715 -5.11 -3.52 -20.10
N PHE B 716 -3.88 -3.53 -19.56
CA PHE B 716 -2.68 -3.53 -20.37
C PHE B 716 -2.61 -4.80 -21.22
N ALA B 717 -2.89 -5.97 -20.66
CA ALA B 717 -2.87 -7.21 -21.43
C ALA B 717 -3.83 -7.19 -22.61
N ASP B 718 -4.99 -6.54 -22.45
CA ASP B 718 -5.96 -6.40 -23.52
C ASP B 718 -5.49 -5.43 -24.59
N ILE B 719 -4.92 -4.27 -24.23
CA ILE B 719 -4.39 -3.30 -25.16
C ILE B 719 -3.21 -3.89 -25.93
N ASP B 720 -2.32 -4.58 -25.23
CA ASP B 720 -1.16 -5.26 -25.76
C ASP B 720 -1.57 -6.29 -26.81
N THR B 721 -2.57 -7.09 -26.49
CA THR B 721 -3.12 -8.09 -27.39
C THR B 721 -3.73 -7.43 -28.62
N VAL B 722 -4.47 -6.33 -28.48
CA VAL B 722 -5.06 -5.61 -29.59
C VAL B 722 -4.00 -5.13 -30.58
N ILE B 723 -2.85 -4.67 -30.10
CA ILE B 723 -1.76 -4.20 -30.93
C ILE B 723 -1.02 -5.35 -31.62
N HIS B 724 -0.75 -6.44 -30.91
CA HIS B 724 0.00 -7.58 -31.43
C HIS B 724 -0.81 -8.66 -32.14
N ALA B 725 -2.15 -8.66 -32.08
CA ALA B 725 -3.01 -9.60 -32.77
C ALA B 725 -3.16 -9.24 -34.25
N ASP B 726 -2.07 -9.43 -35.00
CA ASP B 726 -1.95 -9.17 -36.42
C ASP B 726 -2.84 -10.08 -37.25
N ALA B 727 -3.67 -9.49 -38.13
CA ALA B 727 -4.55 -10.21 -39.02
C ALA B 727 -3.82 -11.17 -39.95
N ASN B 728 -2.56 -10.87 -40.27
CA ASN B 728 -1.73 -11.73 -41.10
C ASN B 728 -1.44 -13.04 -40.37
N ALA B 729 -1.14 -12.98 -39.06
CA ALA B 729 -0.89 -14.13 -38.23
C ALA B 729 -2.13 -15.01 -38.11
N ALA B 730 -3.32 -14.42 -38.00
CA ALA B 730 -4.58 -15.14 -37.96
C ALA B 730 -4.83 -15.89 -39.25
N MET B 731 -4.47 -15.30 -40.40
CA MET B 731 -4.60 -15.95 -41.69
C MET B 731 -3.60 -17.10 -41.84
N PHE B 732 -2.34 -16.89 -41.44
CA PHE B 732 -1.31 -17.92 -41.49
C PHE B 732 -1.70 -19.13 -40.63
N ALA B 733 -2.30 -18.91 -39.46
CA ALA B 733 -2.76 -19.98 -38.59
C ALA B 733 -3.84 -20.82 -39.26
N GLY B 734 -4.78 -20.18 -39.96
CA GLY B 734 -5.85 -20.83 -40.69
C GLY B 734 -5.32 -21.67 -41.84
N LEU B 735 -4.35 -21.16 -42.59
CA LEU B 735 -3.71 -21.85 -43.69
C LEU B 735 -2.88 -23.02 -43.20
N GLY B 736 -2.16 -22.87 -42.08
CA GLY B 736 -1.37 -23.92 -41.49
C GLY B 736 -2.19 -25.15 -41.16
N ALA B 737 -3.35 -24.95 -40.53
CA ALA B 737 -4.28 -26.01 -40.18
C ALA B 737 -4.88 -26.68 -41.41
N PHE B 738 -5.14 -25.94 -42.48
CA PHE B 738 -5.67 -26.44 -43.72
C PHE B 738 -4.70 -27.38 -44.43
N PHE B 739 -3.42 -26.99 -44.53
CA PHE B 739 -2.41 -27.81 -45.18
C PHE B 739 -1.94 -28.99 -44.33
N GLU B 740 -1.94 -28.89 -43.00
CA GLU B 740 -1.56 -29.98 -42.12
C GLU B 740 -2.50 -31.17 -42.25
N GLY B 741 -3.80 -30.92 -42.44
CA GLY B 741 -4.82 -31.94 -42.58
C GLY B 741 -4.76 -32.74 -43.87
N MET B 742 -4.03 -32.27 -44.88
CA MET B 742 -3.85 -32.92 -46.17
C MET B 742 -2.65 -33.86 -46.23
N GLY B 743 -1.94 -34.07 -45.11
CA GLY B 743 -0.79 -34.95 -45.02
C GLY B 743 0.44 -34.44 -45.75
N ASP B 744 1.36 -35.33 -46.13
CA ASP B 744 2.59 -34.98 -46.82
C ASP B 744 2.36 -34.30 -48.17
N LEU B 745 1.27 -34.63 -48.87
CA LEU B 745 0.88 -33.97 -50.11
C LEU B 745 0.58 -32.50 -49.83
N GLY B 746 0.04 -32.21 -48.65
CA GLY B 746 -0.24 -30.87 -48.16
C GLY B 746 1.03 -30.13 -47.74
N ARG B 747 2.00 -30.81 -47.12
CA ARG B 747 3.26 -30.22 -46.72
C ARG B 747 4.08 -29.71 -47.90
N ALA B 748 4.15 -30.50 -48.97
CA ALA B 748 4.86 -30.17 -50.19
C ALA B 748 4.37 -28.88 -50.83
N VAL B 749 3.06 -28.64 -50.83
CA VAL B 749 2.44 -27.45 -51.36
C VAL B 749 2.50 -26.30 -50.35
N GLY B 750 2.18 -26.58 -49.09
CA GLY B 750 2.18 -25.63 -47.98
C GLY B 750 3.47 -24.83 -47.85
N LYS B 751 4.62 -25.51 -47.93
CA LYS B 751 5.94 -24.90 -47.86
C LYS B 751 6.16 -23.85 -48.94
N VAL B 752 5.59 -24.07 -50.13
CA VAL B 752 5.71 -23.18 -51.27
C VAL B 752 4.72 -22.02 -51.18
N VAL B 753 3.43 -22.29 -51.01
CA VAL B 753 2.42 -21.24 -50.94
C VAL B 753 2.60 -20.32 -49.75
N MET B 754 3.15 -20.79 -48.63
CA MET B 754 3.44 -19.95 -47.47
C MET B 754 4.43 -18.84 -47.85
N GLY B 755 5.39 -19.15 -48.73
CA GLY B 755 6.36 -18.20 -49.25
C GLY B 755 5.75 -17.22 -50.23
N ILE B 756 4.73 -17.64 -50.98
CA ILE B 756 3.99 -16.79 -51.90
C ILE B 756 3.18 -15.77 -51.12
N VAL B 757 2.43 -16.20 -50.10
CA VAL B 757 1.67 -15.33 -49.24
C VAL B 757 2.61 -14.40 -48.49
N GLY B 758 3.77 -14.90 -48.05
CA GLY B 758 4.82 -14.12 -47.41
C GLY B 758 5.31 -12.97 -48.28
N GLY B 759 5.36 -13.19 -49.59
CA GLY B 759 5.73 -12.20 -50.59
C GLY B 759 4.65 -11.16 -50.82
N VAL B 760 3.38 -11.53 -50.67
CA VAL B 760 2.24 -10.63 -50.79
C VAL B 760 2.20 -9.69 -49.60
N VAL B 761 2.27 -10.22 -48.38
CA VAL B 761 2.22 -9.42 -47.17
C VAL B 761 3.40 -8.45 -47.06
N SER B 762 4.59 -8.83 -47.53
CA SER B 762 5.75 -7.96 -47.51
C SER B 762 5.65 -6.84 -48.53
N ALA B 763 4.93 -7.06 -49.65
CA ALA B 763 4.68 -6.05 -50.65
C ALA B 763 3.66 -5.04 -50.14
N VAL B 764 2.57 -5.52 -49.54
CA VAL B 764 1.52 -4.70 -48.96
C VAL B 764 2.06 -3.84 -47.83
N SER B 765 2.86 -4.40 -46.92
CA SER B 765 3.47 -3.63 -45.84
C SER B 765 4.48 -2.63 -46.35
N GLY B 766 5.16 -2.91 -47.46
CA GLY B 766 6.09 -2.01 -48.11
C GLY B 766 5.38 -0.77 -48.65
N VAL B 767 4.19 -0.96 -49.25
CA VAL B 767 3.36 0.11 -49.77
C VAL B 767 2.78 0.94 -48.64
N SER B 768 2.22 0.33 -47.58
CA SER B 768 1.67 1.07 -46.47
C SER B 768 2.74 1.85 -45.70
N SER B 769 3.98 1.34 -45.64
CA SER B 769 5.11 2.01 -45.04
C SER B 769 5.48 3.25 -45.84
N PHE B 770 5.54 3.13 -47.17
CA PHE B 770 5.82 4.23 -48.08
C PHE B 770 4.74 5.30 -47.99
N MET B 771 3.47 4.90 -47.81
CA MET B 771 2.32 5.76 -47.68
C MET B 771 2.35 6.67 -46.45
N SER B 772 3.11 6.31 -45.41
CA SER B 772 3.26 7.08 -44.19
C SER B 772 4.06 8.36 -44.42
N ASN B 773 4.98 8.34 -45.38
CA ASN B 773 5.82 9.48 -45.73
C ASN B 773 5.00 10.49 -46.54
N PRO B 774 5.01 11.78 -46.20
CA PRO B 774 4.26 12.79 -46.92
C PRO B 774 4.50 12.84 -48.42
N PHE B 775 5.74 12.62 -48.87
CA PHE B 775 6.07 12.60 -50.29
C PHE B 775 5.43 11.42 -51.00
N GLY B 776 5.30 10.28 -50.32
CA GLY B 776 4.66 9.08 -50.85
C GLY B 776 3.15 9.27 -50.97
N ALA B 777 2.53 9.84 -49.94
CA ALA B 777 1.11 10.15 -49.91
C ALA B 777 0.73 11.13 -51.02
N LEU B 778 1.59 12.11 -51.28
CA LEU B 778 1.41 13.09 -52.33
C LEU B 778 1.57 12.49 -53.72
N ALA B 779 2.56 11.64 -53.93
CA ALA B 779 2.85 11.00 -55.20
C ALA B 779 1.68 10.18 -55.72
N VAL B 780 1.04 9.35 -54.89
CA VAL B 780 -0.11 8.57 -55.31
C VAL B 780 -1.31 9.45 -55.60
N GLY B 781 -1.49 10.55 -54.86
CA GLY B 781 -2.56 11.50 -55.07
C GLY B 781 -2.46 12.16 -56.45
N LEU B 782 -1.25 12.54 -56.85
CA LEU B 782 -0.96 13.13 -58.15
C LEU B 782 -1.25 12.15 -59.27
N LEU B 783 -0.83 10.89 -59.14
CA LEU B 783 -1.06 9.86 -60.14
C LEU B 783 -2.53 9.54 -60.32
N VAL B 784 -3.32 9.49 -59.23
CA VAL B 784 -4.74 9.25 -59.29
C VAL B 784 -5.45 10.37 -60.03
N LEU B 785 -5.11 11.62 -59.74
CA LEU B 785 -5.68 12.78 -60.41
C LEU B 785 -5.31 12.81 -61.89
N ALA B 786 -4.06 12.48 -62.23
CA ALA B 786 -3.58 12.43 -63.60
C ALA B 786 -4.31 11.37 -64.42
N GLY B 787 -4.51 10.18 -63.84
CA GLY B 787 -5.22 9.08 -64.47
C GLY B 787 -6.68 9.40 -64.70
N LEU B 788 -7.35 10.00 -63.71
CA LEU B 788 -8.74 10.40 -63.78
C LEU B 788 -8.95 11.47 -64.86
N ALA B 789 -8.10 12.49 -64.89
CA ALA B 789 -8.16 13.55 -65.89
C ALA B 789 -7.92 13.01 -67.30
N ALA B 790 -6.92 12.14 -67.48
CA ALA B 790 -6.61 11.53 -68.76
C ALA B 790 -7.80 10.72 -69.28
N ALA B 791 -8.43 9.93 -68.41
CA ALA B 791 -9.60 9.14 -68.75
C ALA B 791 -10.79 10.01 -69.12
N PHE B 792 -11.04 11.10 -68.37
CA PHE B 792 -12.14 12.01 -68.65
C PHE B 792 -11.95 12.76 -69.96
N PHE B 793 -10.75 13.28 -70.24
CA PHE B 793 -10.48 13.96 -71.50
C PHE B 793 -10.59 13.00 -72.67
N ALA B 794 -10.14 11.75 -72.52
CA ALA B 794 -10.27 10.73 -73.54
C ALA B 794 -11.72 10.36 -73.78
N PHE B 795 -12.53 10.21 -72.72
CA PHE B 795 -13.94 9.91 -72.82
C PHE B 795 -14.69 11.04 -73.54
N ARG B 796 -14.36 12.30 -73.24
CA ARG B 796 -14.91 13.46 -73.91
C ARG B 796 -14.56 13.44 -75.39
N TYR B 797 -13.34 13.02 -75.76
CA TYR B 797 -12.91 12.92 -77.14
C TYR B 797 -13.74 11.86 -77.87
N VAL B 798 -13.96 10.70 -77.25
CA VAL B 798 -14.78 9.63 -77.81
C VAL B 798 -16.21 10.10 -78.02
N MET B 799 -16.79 10.83 -77.06
CA MET B 799 -18.12 11.39 -77.15
C MET B 799 -18.24 12.39 -78.29
N ARG B 800 -17.23 13.21 -78.53
CA ARG B 800 -17.18 14.17 -79.62
C ARG B 800 -17.02 13.53 -80.99
N LEU B 801 -16.40 12.35 -81.07
CA LEU B 801 -16.23 11.60 -82.31
C LEU B 801 -17.48 10.80 -82.69
N GLN B 802 -18.15 10.20 -81.72
CA GLN B 802 -19.33 9.36 -81.91
C GLN B 802 -20.47 10.04 -82.67
N SER B 803 -20.64 11.35 -82.53
CA SER B 803 -21.68 12.13 -83.19
C SER B 803 -21.40 12.48 -84.65
N ASN B 804 -20.16 12.41 -85.12
CA ASN B 804 -19.77 12.78 -86.47
C ASN B 804 -18.48 12.10 -86.92
N PRO B 805 -18.49 10.77 -87.15
CA PRO B 805 -17.30 10.04 -87.56
C PRO B 805 -16.73 10.44 -88.91
N MET B 806 -17.53 11.07 -89.80
CA MET B 806 -17.10 11.50 -91.12
C MET B 806 -16.21 12.73 -91.13
N LYS B 807 -16.09 13.48 -90.03
CA LYS B 807 -15.26 14.67 -89.92
C LYS B 807 -14.79 14.89 -88.48
N ALA B 808 -13.47 14.83 -88.30
CA ALA B 808 -12.77 15.06 -87.04
C ALA B 808 -12.67 16.55 -86.71
N VAL C 90 45.38 20.19 27.14
CA VAL C 90 46.07 20.13 25.84
C VAL C 90 45.28 19.27 24.85
N ALA C 91 45.39 19.56 23.56
CA ALA C 91 44.69 18.87 22.49
C ALA C 91 45.12 17.44 22.22
N ALA C 92 46.29 16.99 22.68
CA ALA C 92 46.78 15.64 22.47
C ALA C 92 45.80 14.56 22.94
N GLY C 93 45.10 14.78 24.04
CA GLY C 93 44.10 13.88 24.57
C GLY C 93 42.90 13.77 23.64
N HIS C 94 42.36 14.91 23.22
CA HIS C 94 41.24 14.97 22.30
C HIS C 94 41.58 14.28 20.99
N ALA C 95 42.78 14.54 20.45
CA ALA C 95 43.25 13.96 19.21
C ALA C 95 43.33 12.44 19.27
N THR C 96 43.92 11.86 20.33
CA THR C 96 43.99 10.42 20.44
C THR C 96 42.62 9.81 20.66
N LEU C 97 41.69 10.52 21.30
CA LEU C 97 40.33 10.02 21.46
C LEU C 97 39.61 9.97 20.13
N ARG C 98 39.79 10.95 19.24
CA ARG C 98 39.21 10.91 17.91
C ARG C 98 39.72 9.66 17.20
N GLU C 99 41.04 9.42 17.29
CA GLU C 99 41.73 8.30 16.71
C GLU C 99 41.14 6.97 17.15
N HIS C 100 40.94 6.75 18.45
CA HIS C 100 40.37 5.51 18.96
C HIS C 100 38.95 5.29 18.47
N LEU C 101 38.11 6.32 18.49
CA LEU C 101 36.73 6.21 18.05
C LEU C 101 36.63 5.96 16.56
N ARG C 102 37.46 6.63 15.76
CA ARG C 102 37.54 6.49 14.32
C ARG C 102 38.00 5.08 13.94
N ASP C 103 38.96 4.53 14.69
CA ASP C 103 39.48 3.19 14.52
C ASP C 103 38.42 2.14 14.80
N ILE C 104 37.74 2.22 15.95
CA ILE C 104 36.73 1.27 16.36
C ILE C 104 35.55 1.21 15.40
N LYS C 105 35.12 2.34 14.84
CA LYS C 105 34.01 2.37 13.89
C LYS C 105 34.38 1.92 12.49
N ALA C 106 35.67 1.76 12.18
CA ALA C 106 36.15 1.28 10.90
C ALA C 106 36.21 -0.23 10.81
N GLU C 107 36.00 -0.96 11.91
CA GLU C 107 36.00 -2.41 11.96
C GLU C 107 34.87 -3.05 11.15
N ASN C 108 35.16 -4.18 10.51
CA ASN C 108 34.20 -4.94 9.75
C ASN C 108 33.21 -5.67 10.65
N THR C 109 31.92 -5.34 10.54
CA THR C 109 30.82 -5.95 11.27
C THR C 109 29.83 -6.45 10.24
N ASP C 110 30.34 -7.21 9.27
CA ASP C 110 29.65 -7.74 8.12
C ASP C 110 28.66 -8.85 8.41
N ALA C 111 27.65 -8.99 7.55
CA ALA C 111 26.59 -9.97 7.60
C ALA C 111 26.33 -10.57 6.23
N ASN C 112 25.75 -11.77 6.20
CA ASN C 112 25.45 -12.51 4.99
C ASN C 112 24.26 -11.98 4.20
N PHE C 113 24.22 -12.36 2.93
CA PHE C 113 23.12 -12.14 2.02
C PHE C 113 22.27 -13.40 2.00
N TYR C 114 21.01 -13.30 1.56
CA TYR C 114 20.12 -14.45 1.53
C TYR C 114 19.37 -14.58 0.22
N VAL C 115 19.47 -15.75 -0.43
CA VAL C 115 18.70 -16.02 -1.62
C VAL C 115 17.42 -16.68 -1.12
N CYS C 116 16.28 -15.98 -1.27
CA CYS C 116 15.01 -16.46 -0.78
C CYS C 116 14.16 -17.05 -1.91
N PRO C 117 14.12 -18.38 -2.06
CA PRO C 117 13.35 -19.01 -3.12
C PRO C 117 11.87 -18.88 -2.85
N PRO C 118 11.03 -18.64 -3.86
CA PRO C 118 9.60 -18.45 -3.70
C PRO C 118 8.89 -19.67 -3.15
N PRO C 119 8.06 -19.54 -2.11
CA PRO C 119 7.33 -20.66 -1.53
C PRO C 119 6.32 -21.28 -2.49
N THR C 120 6.27 -22.61 -2.54
CA THR C 120 5.36 -23.37 -3.39
C THR C 120 4.07 -23.76 -2.68
N GLY C 121 4.02 -23.62 -1.35
CA GLY C 121 2.87 -24.01 -0.55
C GLY C 121 3.00 -25.41 0.05
N ALA C 122 4.21 -25.97 0.12
CA ALA C 122 4.43 -27.28 0.72
C ALA C 122 4.19 -27.25 2.22
N THR C 123 4.51 -26.14 2.89
CA THR C 123 4.28 -25.90 4.29
C THR C 123 3.54 -24.57 4.41
N VAL C 124 2.43 -24.58 5.16
CA VAL C 124 1.53 -23.46 5.33
C VAL C 124 1.20 -23.28 6.80
N VAL C 125 1.12 -22.02 7.25
CA VAL C 125 0.77 -21.65 8.60
C VAL C 125 -0.37 -20.64 8.62
N GLN C 126 -1.07 -20.59 9.74
CA GLN C 126 -2.17 -19.67 9.98
C GLN C 126 -1.94 -18.89 11.27
N PHE C 127 -2.73 -17.84 11.47
CA PHE C 127 -2.59 -16.92 12.58
C PHE C 127 -3.79 -16.87 13.51
N GLU C 128 -3.56 -16.30 14.70
CA GLU C 128 -4.62 -16.07 15.66
C GLU C 128 -5.49 -14.92 15.17
N GLN C 129 -6.77 -14.93 15.55
CA GLN C 129 -7.74 -13.91 15.17
C GLN C 129 -8.21 -13.12 16.37
N PRO C 130 -8.56 -11.84 16.20
CA PRO C 130 -9.15 -11.05 17.27
C PRO C 130 -10.43 -11.72 17.72
N ARG C 131 -10.79 -11.59 19.00
CA ARG C 131 -11.94 -12.22 19.60
C ARG C 131 -12.70 -11.29 20.53
N ARG C 132 -14.03 -11.25 20.43
CA ARG C 132 -14.85 -10.44 21.32
C ARG C 132 -14.75 -11.02 22.72
N CYS C 133 -14.72 -10.13 23.73
CA CYS C 133 -14.65 -10.51 25.12
C CYS C 133 -15.56 -9.65 25.98
N PRO C 134 -15.91 -10.09 27.18
CA PRO C 134 -16.86 -9.41 28.05
C PRO C 134 -16.52 -7.96 28.37
N THR C 135 -17.57 -7.15 28.51
CA THR C 135 -17.50 -5.76 28.88
C THR C 135 -17.38 -5.59 30.39
N ARG C 136 -17.80 -6.61 31.14
CA ARG C 136 -17.82 -6.74 32.58
C ARG C 136 -17.49 -8.17 32.96
N PRO C 137 -16.84 -8.45 34.10
CA PRO C 137 -16.55 -9.81 34.51
C PRO C 137 -17.78 -10.70 34.58
N GLU C 138 -17.70 -11.92 34.07
CA GLU C 138 -18.81 -12.86 34.06
C GLU C 138 -18.49 -14.27 34.55
N GLY C 139 -17.23 -14.68 34.53
CA GLY C 139 -16.81 -16.00 34.96
C GLY C 139 -16.87 -16.20 36.46
N GLN C 140 -17.10 -17.45 36.88
CA GLN C 140 -17.17 -17.87 38.27
C GLN C 140 -15.94 -18.69 38.63
N ASN C 141 -15.70 -18.90 39.93
CA ASN C 141 -14.60 -19.69 40.45
C ASN C 141 -13.24 -19.35 39.83
N TYR C 142 -12.94 -18.07 39.65
CA TYR C 142 -11.67 -17.63 39.11
C TYR C 142 -10.51 -18.06 40.01
N THR C 143 -9.39 -18.46 39.38
CA THR C 143 -8.18 -18.87 40.07
C THR C 143 -6.94 -18.66 39.22
N GLU C 144 -5.83 -18.33 39.88
CA GLU C 144 -4.52 -18.23 39.28
C GLU C 144 -3.92 -19.63 39.21
N GLY C 145 -2.90 -19.82 38.37
CA GLY C 145 -2.23 -21.10 38.24
C GLY C 145 -1.17 -21.14 37.16
N ILE C 146 -0.32 -22.17 37.25
CA ILE C 146 0.73 -22.46 36.30
C ILE C 146 0.15 -23.45 35.30
N ALA C 147 0.52 -23.34 34.03
CA ALA C 147 0.03 -24.24 32.99
C ALA C 147 1.10 -24.66 32.01
N VAL C 148 0.95 -25.86 31.46
CA VAL C 148 1.84 -26.43 30.45
C VAL C 148 0.95 -26.98 29.36
N VAL C 149 1.06 -26.42 28.15
CA VAL C 149 0.23 -26.80 27.02
C VAL C 149 0.95 -27.77 26.12
N PHE C 150 0.31 -28.91 25.80
CA PHE C 150 0.82 -29.92 24.91
C PHE C 150 0.01 -29.96 23.61
N LYS C 151 0.69 -30.19 22.49
CA LYS C 151 0.13 -30.31 21.15
C LYS C 151 0.28 -31.74 20.67
N GLU C 152 -0.53 -32.17 19.70
CA GLU C 152 -0.38 -33.50 19.13
C GLU C 152 0.92 -33.58 18.36
N ASN C 153 1.71 -34.62 18.59
CA ASN C 153 3.00 -34.82 17.94
C ASN C 153 2.84 -35.46 16.56
N ILE C 154 2.99 -34.66 15.50
CA ILE C 154 2.92 -35.13 14.13
C ILE C 154 4.20 -35.81 13.66
N ALA C 155 5.30 -35.67 14.40
CA ALA C 155 6.59 -36.29 14.14
C ALA C 155 7.05 -36.22 12.68
N PRO C 156 7.30 -35.05 12.11
CA PRO C 156 7.69 -34.91 10.71
C PRO C 156 8.94 -35.69 10.37
N TYR C 157 8.89 -36.43 9.27
CA TYR C 157 10.00 -37.20 8.73
C TYR C 157 10.44 -36.53 7.44
N LYS C 158 11.60 -35.85 7.47
CA LYS C 158 12.18 -35.18 6.32
C LYS C 158 13.24 -36.07 5.69
N PHE C 159 13.22 -36.16 4.36
CA PHE C 159 14.15 -36.95 3.59
C PHE C 159 14.40 -36.32 2.23
N LYS C 160 15.35 -36.87 1.46
CA LYS C 160 15.74 -36.37 0.15
C LYS C 160 15.13 -37.23 -0.95
N ALA C 161 14.54 -36.60 -1.98
CA ALA C 161 13.94 -37.28 -3.10
C ALA C 161 14.42 -36.68 -4.41
N THR C 162 14.67 -37.50 -5.42
CA THR C 162 15.13 -37.07 -6.73
C THR C 162 14.00 -37.26 -7.74
N MET C 163 13.69 -36.27 -8.57
CA MET C 163 12.65 -36.38 -9.58
C MET C 163 13.24 -36.20 -10.97
N TYR C 164 12.83 -37.05 -11.92
CA TYR C 164 13.33 -37.11 -13.28
C TYR C 164 12.19 -36.92 -14.28
N TYR C 165 12.35 -36.04 -15.28
CA TYR C 165 11.33 -35.85 -16.30
C TYR C 165 11.93 -35.28 -17.57
N LYS C 166 11.27 -35.49 -18.72
CA LYS C 166 11.70 -34.99 -20.01
C LYS C 166 10.66 -34.00 -20.51
N ASP C 167 11.08 -32.75 -20.79
CA ASP C 167 10.24 -31.73 -21.35
C ASP C 167 10.38 -31.75 -22.87
N VAL C 168 9.26 -31.96 -23.57
CA VAL C 168 9.18 -32.04 -25.01
C VAL C 168 8.50 -30.80 -25.57
N THR C 169 8.92 -30.36 -26.77
CA THR C 169 8.35 -29.20 -27.44
C THR C 169 8.42 -29.42 -28.94
N VAL C 170 7.33 -29.11 -29.65
CA VAL C 170 7.14 -29.34 -31.06
C VAL C 170 6.58 -28.11 -31.76
N SER C 171 7.05 -27.80 -32.96
CA SER C 171 6.56 -26.69 -33.77
C SER C 171 6.55 -27.02 -35.25
N GLN C 172 5.75 -26.28 -36.04
CA GLN C 172 5.55 -26.48 -37.46
C GLN C 172 6.70 -25.96 -38.31
N VAL C 173 7.90 -26.50 -38.13
CA VAL C 173 9.12 -26.10 -38.82
C VAL C 173 9.09 -26.25 -40.33
N TRP C 174 8.30 -27.19 -40.86
CA TRP C 174 8.23 -27.49 -42.27
C TRP C 174 7.72 -26.37 -43.17
N PHE C 175 7.19 -25.28 -42.59
CA PHE C 175 6.78 -24.08 -43.31
C PHE C 175 7.89 -23.03 -43.39
N GLY C 176 8.95 -23.15 -42.60
CA GLY C 176 10.06 -22.22 -42.51
C GLY C 176 9.96 -21.36 -41.25
N HIS C 177 11.11 -21.08 -40.63
CA HIS C 177 11.26 -20.36 -39.38
C HIS C 177 10.52 -19.02 -39.31
N ARG C 178 10.43 -18.30 -40.43
CA ARG C 178 9.75 -17.02 -40.55
C ARG C 178 8.24 -17.10 -40.44
N TYR C 179 7.65 -18.30 -40.55
CA TYR C 179 6.22 -18.54 -40.53
C TYR C 179 5.75 -19.46 -39.41
N SER C 180 6.56 -20.43 -38.97
CA SER C 180 6.23 -21.37 -37.92
C SER C 180 5.69 -20.70 -36.65
N GLN C 181 6.17 -19.49 -36.36
CA GLN C 181 5.79 -18.66 -35.23
C GLN C 181 4.29 -18.40 -35.14
N PHE C 182 3.63 -18.21 -36.28
CA PHE C 182 2.21 -17.90 -36.36
C PHE C 182 1.31 -19.12 -36.19
N MET C 183 1.83 -20.32 -36.46
CA MET C 183 1.11 -21.58 -36.35
C MET C 183 1.16 -22.21 -34.96
N GLY C 184 1.69 -21.50 -33.97
CA GLY C 184 1.78 -21.93 -32.60
C GLY C 184 2.86 -22.96 -32.30
N ILE C 185 2.79 -23.51 -31.09
CA ILE C 185 3.72 -24.47 -30.53
C ILE C 185 3.00 -25.43 -29.59
N PHE C 186 3.47 -26.67 -29.52
CA PHE C 186 2.94 -27.71 -28.65
C PHE C 186 4.01 -28.13 -27.66
N GLU C 187 3.64 -28.34 -26.39
CA GLU C 187 4.57 -28.73 -25.34
C GLU C 187 3.98 -29.75 -24.39
N ASP C 188 4.83 -30.63 -23.85
CA ASP C 188 4.43 -31.69 -22.94
C ASP C 188 5.57 -32.07 -22.02
N ARG C 189 5.26 -32.48 -20.78
CA ARG C 189 6.18 -32.91 -19.75
C ARG C 189 5.89 -34.36 -19.46
N ALA C 190 6.88 -35.25 -19.66
CA ALA C 190 6.71 -36.68 -19.48
C ALA C 190 7.67 -37.31 -18.49
N PRO C 191 7.26 -38.33 -17.73
CA PRO C 191 8.12 -39.02 -16.79
C PRO C 191 9.16 -39.85 -17.53
N VAL C 192 10.34 -40.03 -16.92
CA VAL C 192 11.40 -40.85 -17.47
C VAL C 192 11.11 -42.30 -17.10
N PRO C 193 11.04 -43.27 -18.03
CA PRO C 193 10.77 -44.65 -17.68
C PRO C 193 11.88 -45.23 -16.82
N PHE C 194 11.57 -46.19 -15.95
CA PHE C 194 12.52 -46.76 -15.03
C PHE C 194 13.80 -47.30 -15.67
N GLU C 195 13.69 -47.95 -16.83
CA GLU C 195 14.84 -48.53 -17.48
C GLU C 195 15.85 -47.47 -17.90
N GLU C 196 15.41 -46.24 -18.17
CA GLU C 196 16.29 -45.14 -18.51
C GLU C 196 16.95 -44.58 -17.26
N VAL C 197 16.23 -44.49 -16.14
CA VAL C 197 16.80 -44.02 -14.89
C VAL C 197 17.88 -44.95 -14.37
N ILE C 198 17.72 -46.26 -14.54
CA ILE C 198 18.69 -47.24 -14.07
C ILE C 198 19.81 -47.48 -15.07
N ASP C 199 19.51 -47.77 -16.33
CA ASP C 199 20.50 -48.13 -17.32
C ASP C 199 21.21 -46.99 -18.04
N LYS C 200 20.72 -45.75 -17.92
CA LYS C 200 21.33 -44.59 -18.57
C LYS C 200 21.75 -43.54 -17.56
N ILE C 201 20.84 -43.06 -16.71
CA ILE C 201 21.18 -42.02 -15.76
C ILE C 201 22.09 -42.54 -14.65
N ASN C 202 21.66 -43.51 -13.84
CA ASN C 202 22.49 -44.03 -12.78
C ASN C 202 23.74 -44.71 -13.31
N ALA C 203 23.67 -45.43 -14.44
CA ALA C 203 24.82 -46.14 -14.97
C ALA C 203 25.88 -45.26 -15.61
N LYS C 204 25.53 -44.15 -16.25
CA LYS C 204 26.47 -43.31 -16.97
C LYS C 204 26.30 -41.80 -16.82
N GLY C 205 25.07 -41.30 -16.66
CA GLY C 205 24.77 -39.89 -16.52
C GLY C 205 24.25 -39.27 -17.81
N VAL C 206 23.50 -40.03 -18.60
CA VAL C 206 22.96 -39.63 -19.89
C VAL C 206 21.49 -39.97 -20.08
N CYS C 207 20.83 -39.33 -21.05
CA CYS C 207 19.45 -39.58 -21.44
C CYS C 207 19.39 -39.90 -22.93
N ARG C 208 18.35 -40.58 -23.42
CA ARG C 208 18.23 -41.01 -24.79
C ARG C 208 17.98 -39.98 -25.89
N SER C 209 17.76 -38.70 -25.60
CA SER C 209 17.47 -37.68 -26.59
C SER C 209 16.23 -37.94 -27.43
N THR C 210 15.31 -38.78 -26.95
CA THR C 210 14.05 -39.15 -27.57
C THR C 210 13.03 -39.40 -26.48
N ALA C 211 11.75 -39.11 -26.76
CA ALA C 211 10.69 -39.25 -25.78
C ALA C 211 9.33 -39.55 -26.38
N LYS C 212 8.52 -40.33 -25.67
CA LYS C 212 7.16 -40.64 -26.06
C LYS C 212 6.24 -39.60 -25.45
N TYR C 213 5.38 -39.00 -26.27
CA TYR C 213 4.40 -38.02 -25.88
C TYR C 213 3.06 -38.34 -26.53
N VAL C 214 1.97 -37.83 -25.96
CA VAL C 214 0.63 -38.04 -26.44
C VAL C 214 0.00 -36.74 -26.90
N ARG C 215 -0.48 -36.74 -28.14
CA ARG C 215 -1.17 -35.64 -28.79
C ARG C 215 -2.23 -36.26 -29.71
N ASN C 216 -3.40 -35.63 -29.81
CA ASN C 216 -4.52 -36.17 -30.57
C ASN C 216 -4.92 -37.55 -30.12
N ASN C 217 -4.73 -37.84 -28.82
CA ASN C 217 -5.00 -39.10 -28.16
C ASN C 217 -4.25 -40.29 -28.75
N LEU C 218 -3.03 -40.05 -29.24
CA LEU C 218 -2.15 -41.02 -29.86
C LEU C 218 -0.71 -40.78 -29.44
N GLU C 219 0.06 -41.86 -29.22
CA GLU C 219 1.46 -41.78 -28.87
C GLU C 219 2.33 -41.47 -30.08
N THR C 220 3.37 -40.65 -29.88
CA THR C 220 4.32 -40.24 -30.89
C THR C 220 5.70 -40.07 -30.25
N THR C 221 6.76 -40.32 -31.02
CA THR C 221 8.13 -40.23 -30.55
C THR C 221 8.84 -39.00 -31.10
N ALA C 222 9.32 -38.12 -30.21
CA ALA C 222 10.09 -36.94 -30.54
C ALA C 222 11.58 -37.23 -30.53
N PHE C 223 12.41 -36.37 -31.11
CA PHE C 223 13.85 -36.52 -31.15
C PHE C 223 14.55 -35.17 -31.03
N HIS C 224 15.57 -35.05 -30.17
CA HIS C 224 16.26 -33.78 -30.00
C HIS C 224 16.84 -33.30 -31.34
N ARG C 225 16.40 -32.13 -31.79
CA ARG C 225 16.77 -31.51 -33.05
C ARG C 225 16.50 -32.39 -34.27
N ASP C 226 15.56 -33.32 -34.14
CA ASP C 226 15.14 -34.25 -35.18
C ASP C 226 16.20 -35.24 -35.64
N ASP C 227 17.25 -35.43 -34.84
CA ASP C 227 18.34 -36.36 -35.07
C ASP C 227 18.03 -37.77 -34.60
N HIS C 228 19.00 -38.67 -34.60
CA HIS C 228 18.86 -40.04 -34.14
C HIS C 228 19.07 -40.18 -32.64
N GLU C 229 18.60 -41.29 -32.04
CA GLU C 229 18.75 -41.57 -30.63
C GLU C 229 20.22 -41.48 -30.21
N THR C 230 20.52 -40.60 -29.26
CA THR C 230 21.87 -40.33 -28.81
C THR C 230 21.93 -40.11 -27.30
N ASP C 231 22.94 -40.68 -26.64
CA ASP C 231 23.14 -40.52 -25.21
C ASP C 231 23.66 -39.12 -24.88
N MET C 232 22.76 -38.18 -24.56
CA MET C 232 23.11 -36.82 -24.21
C MET C 232 23.57 -36.69 -22.77
N GLU C 233 24.63 -35.90 -22.53
CA GLU C 233 25.21 -35.72 -21.22
C GLU C 233 24.48 -34.73 -20.31
N LEU C 234 24.23 -35.15 -19.08
CA LEU C 234 23.64 -34.33 -18.04
C LEU C 234 24.72 -33.43 -17.46
N LYS C 235 24.49 -32.11 -17.48
CA LYS C 235 25.38 -31.09 -16.98
C LYS C 235 24.70 -30.28 -15.88
N PRO C 236 25.40 -29.82 -14.84
CA PRO C 236 24.79 -29.08 -13.76
C PRO C 236 24.13 -27.79 -14.19
N ALA C 237 23.01 -27.42 -13.55
CA ALA C 237 22.34 -26.16 -13.79
C ALA C 237 23.10 -25.05 -13.09
N ASN C 238 23.27 -23.88 -13.71
CA ASN C 238 24.00 -22.78 -13.09
C ASN C 238 23.29 -22.23 -11.86
N ALA C 239 21.95 -22.18 -11.87
CA ALA C 239 21.13 -21.70 -10.78
C ALA C 239 20.96 -22.69 -9.64
N ALA C 240 21.60 -23.87 -9.70
CA ALA C 240 21.54 -24.89 -8.68
C ALA C 240 22.08 -24.43 -7.34
N THR C 241 21.23 -24.51 -6.31
CA THR C 241 21.58 -24.15 -4.95
C THR C 241 22.48 -25.21 -4.33
N ARG C 242 23.18 -24.89 -3.24
CA ARG C 242 24.05 -25.78 -2.51
C ARG C 242 23.43 -27.14 -2.21
N THR C 243 22.13 -27.13 -1.87
CA THR C 243 21.34 -28.28 -1.47
C THR C 243 20.38 -28.78 -2.54
N SER C 244 19.47 -27.97 -3.07
CA SER C 244 18.54 -28.34 -4.11
C SER C 244 19.18 -28.34 -5.49
N ARG C 245 20.14 -29.26 -5.69
CA ARG C 245 20.90 -29.45 -6.91
C ARG C 245 20.04 -29.89 -8.09
N GLY C 246 20.53 -29.68 -9.32
CA GLY C 246 19.85 -30.04 -10.54
C GLY C 246 20.77 -30.19 -11.74
N TRP C 247 20.31 -30.90 -12.77
CA TRP C 247 21.05 -31.17 -13.99
C TRP C 247 20.13 -31.16 -15.21
N HIS C 248 20.67 -30.88 -16.39
CA HIS C 248 19.93 -30.81 -17.64
C HIS C 248 20.73 -31.37 -18.81
N THR C 249 20.07 -31.67 -19.93
CA THR C 249 20.77 -31.99 -21.16
C THR C 249 21.07 -30.73 -21.94
N THR C 250 20.23 -29.69 -21.82
CA THR C 250 20.39 -28.41 -22.48
C THR C 250 19.87 -27.24 -21.65
N ASP C 251 20.28 -26.02 -21.98
CA ASP C 251 19.99 -24.77 -21.29
C ASP C 251 19.12 -23.77 -22.03
N LEU C 252 18.53 -24.12 -23.17
CA LEU C 252 17.74 -23.23 -24.02
C LEU C 252 16.69 -22.36 -23.35
N LYS C 253 16.15 -22.75 -22.19
CA LYS C 253 15.12 -22.00 -21.48
C LYS C 253 15.57 -20.70 -20.84
N TYR C 254 16.80 -20.63 -20.35
CA TYR C 254 17.34 -19.49 -19.62
C TYR C 254 17.92 -18.40 -20.52
N ASN C 255 18.36 -18.78 -21.72
CA ASN C 255 18.93 -17.90 -22.70
C ASN C 255 17.87 -17.05 -23.41
N PRO C 256 18.20 -15.87 -23.92
CA PRO C 256 17.27 -15.04 -24.68
C PRO C 256 16.93 -15.69 -26.01
N SER C 257 15.98 -15.10 -26.74
CA SER C 257 15.48 -15.58 -28.02
C SER C 257 15.05 -17.05 -27.99
N ARG C 258 14.44 -17.45 -26.88
CA ARG C 258 13.95 -18.78 -26.60
C ARG C 258 12.91 -19.27 -27.59
N VAL C 259 11.99 -18.39 -28.00
CA VAL C 259 10.96 -18.70 -28.97
C VAL C 259 11.58 -19.04 -30.32
N GLU C 260 12.56 -18.25 -30.79
CA GLU C 260 13.28 -18.51 -32.01
C GLU C 260 14.10 -19.79 -31.92
N ALA C 261 14.70 -20.07 -30.76
CA ALA C 261 15.46 -21.28 -30.52
C ALA C 261 14.56 -22.51 -30.63
N PHE C 262 13.33 -22.45 -30.12
CA PHE C 262 12.37 -23.52 -30.24
C PHE C 262 11.92 -23.70 -31.69
N HIS C 263 11.66 -22.60 -32.41
CA HIS C 263 11.24 -22.67 -33.80
C HIS C 263 12.34 -23.04 -34.80
N ARG C 264 13.62 -22.99 -34.40
CA ARG C 264 14.75 -23.37 -35.23
C ARG C 264 14.84 -24.87 -35.48
N TYR C 265 14.08 -25.68 -34.73
CA TYR C 265 14.03 -27.12 -34.83
C TYR C 265 12.58 -27.60 -34.80
N GLY C 266 12.29 -28.74 -35.45
CA GLY C 266 10.95 -29.28 -35.47
C GLY C 266 10.51 -29.72 -34.08
N THR C 267 11.39 -30.47 -33.40
CA THR C 267 11.18 -30.96 -32.06
C THR C 267 12.43 -30.80 -31.20
N THR C 268 12.21 -30.54 -29.92
CA THR C 268 13.25 -30.39 -28.91
C THR C 268 12.85 -31.20 -27.68
N VAL C 269 13.85 -31.77 -27.00
CA VAL C 269 13.66 -32.62 -25.84
C VAL C 269 14.73 -32.29 -24.81
N ASN C 270 14.33 -31.97 -23.58
CA ASN C 270 15.28 -31.64 -22.52
C ASN C 270 15.06 -32.52 -21.30
N CYS C 271 16.03 -33.38 -20.99
CA CYS C 271 16.00 -34.28 -19.85
C CYS C 271 16.43 -33.53 -18.60
N ILE C 272 15.60 -33.56 -17.55
CA ILE C 272 15.84 -32.90 -16.28
C ILE C 272 15.99 -33.93 -15.18
N VAL C 273 16.88 -33.65 -14.22
CA VAL C 273 17.08 -34.42 -13.02
C VAL C 273 17.19 -33.38 -11.92
N GLU C 274 16.49 -33.57 -10.80
CA GLU C 274 16.42 -32.55 -9.77
C GLU C 274 16.32 -33.17 -8.39
N GLU C 275 17.10 -32.69 -7.42
CA GLU C 275 17.11 -33.22 -6.07
C GLU C 275 16.37 -32.26 -5.14
N VAL C 276 15.28 -32.72 -4.51
CA VAL C 276 14.41 -31.92 -3.66
C VAL C 276 14.14 -32.54 -2.29
N ASP C 277 13.79 -31.70 -1.33
CA ASP C 277 13.38 -32.14 -0.02
C ASP C 277 11.96 -32.70 -0.07
N ALA C 278 11.65 -33.65 0.81
CA ALA C 278 10.33 -34.24 0.93
C ALA C 278 10.01 -34.43 2.40
N ARG C 279 8.73 -34.28 2.78
CA ARG C 279 8.29 -34.42 4.15
C ARG C 279 7.04 -35.30 4.23
N SER C 280 6.98 -36.12 5.28
CA SER C 280 5.84 -36.98 5.56
C SER C 280 5.54 -36.86 7.05
N VAL C 281 4.27 -36.78 7.44
CA VAL C 281 3.87 -36.66 8.83
C VAL C 281 2.97 -37.82 9.22
N TYR C 282 2.86 -38.13 10.51
CA TYR C 282 2.06 -39.23 11.00
C TYR C 282 0.65 -39.23 10.40
N PRO C 283 0.08 -40.36 9.98
CA PRO C 283 0.55 -41.73 10.01
C PRO C 283 1.55 -42.15 8.95
N TYR C 284 2.05 -41.21 8.14
CA TYR C 284 2.95 -41.45 7.04
C TYR C 284 2.33 -42.20 5.88
N ASP C 285 1.08 -41.88 5.54
CA ASP C 285 0.35 -42.45 4.41
C ASP C 285 0.59 -41.71 3.10
N GLU C 286 1.15 -40.51 3.16
CA GLU C 286 1.46 -39.62 2.04
C GLU C 286 2.74 -38.86 2.32
N PHE C 287 3.31 -38.21 1.29
CA PHE C 287 4.45 -37.32 1.47
C PHE C 287 4.34 -36.17 0.47
N VAL C 288 4.89 -35.00 0.81
CA VAL C 288 4.86 -33.83 -0.04
C VAL C 288 6.27 -33.46 -0.47
N LEU C 289 6.44 -33.10 -1.74
CA LEU C 289 7.71 -32.68 -2.30
C LEU C 289 7.87 -31.17 -2.17
N ALA C 290 9.10 -30.67 -2.20
CA ALA C 290 9.35 -29.24 -2.12
C ALA C 290 8.68 -28.44 -3.23
N THR C 291 8.24 -29.09 -4.32
CA THR C 291 7.54 -28.49 -5.43
C THR C 291 6.08 -28.19 -5.13
N GLY C 292 5.59 -28.59 -3.95
CA GLY C 292 4.22 -28.44 -3.50
C GLY C 292 3.31 -29.60 -3.90
N ASP C 293 3.84 -30.57 -4.66
CA ASP C 293 3.12 -31.74 -5.12
C ASP C 293 3.10 -32.87 -4.12
N PHE C 294 1.92 -33.46 -3.89
CA PHE C 294 1.75 -34.60 -3.01
C PHE C 294 1.98 -35.91 -3.75
N VAL C 295 2.33 -36.96 -3.00
CA VAL C 295 2.51 -38.30 -3.50
C VAL C 295 1.76 -39.21 -2.55
N TYR C 296 0.65 -39.81 -3.00
CA TYR C 296 -0.23 -40.61 -2.19
C TYR C 296 0.24 -42.03 -1.95
N MET C 297 1.46 -42.16 -1.41
CA MET C 297 2.12 -43.40 -1.07
C MET C 297 2.94 -43.20 0.19
N SER C 298 3.02 -44.21 1.05
CA SER C 298 3.84 -44.10 2.26
C SER C 298 5.31 -44.16 1.90
N PRO C 299 6.18 -43.25 2.35
CA PRO C 299 7.58 -43.30 2.03
C PRO C 299 8.30 -44.53 2.57
N PHE C 300 7.65 -45.32 3.43
CA PHE C 300 8.18 -46.55 3.99
C PHE C 300 7.71 -47.79 3.23
N TYR C 301 6.89 -47.64 2.19
CA TYR C 301 6.37 -48.72 1.38
C TYR C 301 7.48 -49.48 0.66
N GLY C 302 7.30 -50.78 0.40
CA GLY C 302 8.28 -51.61 -0.25
C GLY C 302 7.92 -53.08 -0.21
N TYR C 303 8.64 -53.94 -0.95
CA TYR C 303 8.38 -55.36 -0.99
C TYR C 303 8.85 -56.12 0.24
N ARG C 304 9.63 -55.48 1.11
CA ARG C 304 10.14 -56.05 2.34
C ARG C 304 8.98 -56.46 3.24
N GLU C 305 9.16 -57.51 4.04
CA GLU C 305 8.14 -58.07 4.90
C GLU C 305 7.39 -57.07 5.76
N GLY C 306 8.09 -56.15 6.42
CA GLY C 306 7.49 -55.16 7.27
C GLY C 306 6.92 -53.94 6.54
N SER C 307 7.02 -53.88 5.22
CA SER C 307 6.61 -52.73 4.43
C SER C 307 5.49 -52.95 3.42
N HIS C 308 5.24 -54.15 2.91
CA HIS C 308 4.18 -54.33 1.93
C HIS C 308 2.78 -54.09 2.49
N THR C 309 2.65 -53.91 3.80
CA THR C 309 1.42 -53.60 4.51
C THR C 309 1.15 -52.10 4.60
N GLU C 310 2.10 -51.25 4.21
CA GLU C 310 1.97 -49.81 4.23
C GLU C 310 0.98 -49.30 3.19
N HIS C 311 0.57 -48.03 3.34
CA HIS C 311 -0.39 -47.43 2.43
C HIS C 311 0.17 -47.05 1.07
N THR C 312 -0.63 -47.24 0.02
CA THR C 312 -0.33 -46.88 -1.35
C THR C 312 -1.61 -46.71 -2.15
N SER C 313 -1.65 -45.71 -3.03
CA SER C 313 -2.77 -45.45 -3.92
C SER C 313 -2.52 -45.88 -5.35
N TYR C 314 -1.28 -46.21 -5.71
CA TYR C 314 -0.85 -46.55 -7.06
C TYR C 314 -0.73 -48.05 -7.29
N ALA C 315 -0.95 -48.50 -8.53
CA ALA C 315 -0.81 -49.89 -8.90
C ALA C 315 0.65 -50.32 -8.94
N ALA C 316 0.93 -51.61 -8.75
CA ALA C 316 2.27 -52.17 -8.75
C ALA C 316 3.06 -51.90 -10.02
N ASP C 317 2.38 -51.65 -11.14
CA ASP C 317 3.01 -51.34 -12.42
C ASP C 317 3.81 -50.04 -12.38
N ARG C 318 3.39 -49.08 -11.56
CA ARG C 318 3.98 -47.78 -11.42
C ARG C 318 5.01 -47.65 -10.30
N PHE C 319 5.38 -48.76 -9.64
CA PHE C 319 6.33 -48.74 -8.56
C PHE C 319 7.33 -49.88 -8.70
N LYS C 320 8.61 -49.59 -8.49
CA LYS C 320 9.68 -50.55 -8.52
C LYS C 320 10.64 -50.26 -7.39
N GLN C 321 11.08 -51.30 -6.68
CA GLN C 321 12.03 -51.20 -5.59
C GLN C 321 13.30 -51.93 -6.01
N VAL C 322 14.41 -51.21 -6.16
CA VAL C 322 15.69 -51.76 -6.57
C VAL C 322 16.58 -52.01 -5.37
N ASP C 323 17.04 -53.25 -5.19
CA ASP C 323 17.96 -53.63 -4.13
C ASP C 323 19.39 -53.68 -4.63
N GLY C 324 20.37 -53.45 -3.74
CA GLY C 324 21.77 -53.44 -4.10
C GLY C 324 22.13 -52.29 -5.04
N PHE C 325 21.36 -51.19 -4.97
CA PHE C 325 21.55 -50.03 -5.80
C PHE C 325 22.74 -49.21 -5.34
N TYR C 326 23.59 -48.77 -6.28
CA TYR C 326 24.75 -47.95 -6.01
C TYR C 326 24.60 -46.61 -6.72
N ALA C 327 24.43 -45.53 -5.95
CA ALA C 327 24.29 -44.19 -6.51
C ALA C 327 25.55 -43.76 -7.26
N ARG C 328 25.40 -42.78 -8.15
CA ARG C 328 26.44 -42.18 -8.96
C ARG C 328 26.18 -40.69 -8.98
N ASP C 329 27.04 -39.89 -8.32
CA ASP C 329 26.85 -38.46 -8.31
C ASP C 329 27.07 -37.87 -9.70
N LEU C 330 26.11 -37.06 -10.17
CA LEU C 330 26.17 -36.47 -11.49
C LEU C 330 27.22 -35.37 -11.64
N THR C 331 27.72 -34.77 -10.56
CA THR C 331 28.77 -33.77 -10.61
C THR C 331 30.14 -34.43 -10.58
N THR C 332 30.34 -35.40 -9.68
CA THR C 332 31.57 -36.16 -9.51
C THR C 332 31.29 -37.61 -9.86
N LYS C 333 31.59 -38.00 -11.10
CA LYS C 333 31.33 -39.32 -11.66
C LYS C 333 32.06 -40.42 -10.91
N ALA C 334 31.45 -40.91 -9.83
CA ALA C 334 31.96 -41.94 -8.96
C ALA C 334 30.81 -42.66 -8.24
N ARG C 335 30.90 -44.00 -8.15
CA ARG C 335 29.93 -44.83 -7.47
C ARG C 335 30.02 -44.67 -5.96
N ALA C 336 28.88 -44.77 -5.28
CA ALA C 336 28.83 -44.75 -3.83
C ALA C 336 29.51 -45.98 -3.25
N THR C 337 30.02 -45.87 -2.02
CA THR C 337 30.75 -46.93 -1.34
C THR C 337 29.90 -48.05 -0.77
N ALA C 338 28.61 -47.81 -0.49
CA ALA C 338 27.71 -48.78 0.10
C ALA C 338 26.37 -48.87 -0.61
N PRO C 339 25.79 -50.06 -0.77
CA PRO C 339 24.52 -50.25 -1.45
C PRO C 339 23.33 -49.81 -0.60
N THR C 340 22.24 -49.47 -1.27
CA THR C 340 20.97 -49.10 -0.67
C THR C 340 19.81 -49.73 -1.43
N THR C 341 18.60 -49.59 -0.87
CA THR C 341 17.36 -50.01 -1.50
C THR C 341 16.71 -48.72 -1.99
N ARG C 342 16.46 -48.59 -3.30
CA ARG C 342 15.90 -47.39 -3.87
C ARG C 342 14.48 -47.60 -4.39
N ASN C 343 13.54 -46.83 -3.84
CA ASN C 343 12.16 -46.81 -4.25
C ASN C 343 12.05 -45.91 -5.47
N LEU C 344 11.23 -46.31 -6.43
CA LEU C 344 11.06 -45.66 -7.71
C LEU C 344 9.56 -45.64 -8.05
N LEU C 345 8.99 -44.47 -8.35
CA LEU C 345 7.59 -44.30 -8.64
C LEU C 345 7.33 -43.41 -9.84
N THR C 346 6.41 -43.78 -10.72
CA THR C 346 6.07 -43.02 -11.91
C THR C 346 4.73 -42.32 -11.80
N THR C 347 4.70 -41.00 -11.60
CA THR C 347 3.47 -40.23 -11.66
C THR C 347 3.21 -39.88 -13.12
N PRO C 348 2.07 -39.34 -13.54
CA PRO C 348 1.87 -39.00 -14.94
C PRO C 348 2.72 -37.83 -15.42
N LYS C 349 3.31 -37.02 -14.53
CA LYS C 349 4.14 -35.89 -14.88
C LYS C 349 5.63 -36.22 -14.85
N PHE C 350 6.10 -36.77 -13.73
CA PHE C 350 7.50 -37.07 -13.49
C PHE C 350 7.69 -38.37 -12.72
N THR C 351 8.90 -38.95 -12.84
CA THR C 351 9.30 -40.11 -12.08
C THR C 351 9.96 -39.58 -10.81
N VAL C 352 9.79 -40.22 -9.65
CA VAL C 352 10.38 -39.79 -8.41
C VAL C 352 11.02 -40.98 -7.70
N ALA C 353 12.15 -40.74 -7.04
CA ALA C 353 12.92 -41.78 -6.36
C ALA C 353 13.38 -41.32 -4.99
N TRP C 354 13.55 -42.26 -4.06
CA TRP C 354 14.04 -41.99 -2.73
C TRP C 354 14.62 -43.26 -2.12
N ASP C 355 15.58 -43.13 -1.21
CA ASP C 355 16.16 -44.28 -0.54
C ASP C 355 15.20 -44.80 0.52
N TRP C 356 14.92 -46.11 0.47
CA TRP C 356 14.06 -46.76 1.44
C TRP C 356 14.83 -47.02 2.73
N VAL C 357 14.11 -46.92 3.86
CA VAL C 357 14.61 -47.14 5.19
C VAL C 357 13.50 -47.77 6.02
N PRO C 358 13.80 -48.62 7.02
CA PRO C 358 12.76 -49.18 7.86
C PRO C 358 12.09 -48.08 8.64
N LYS C 359 10.81 -48.26 8.96
CA LYS C 359 10.00 -47.33 9.73
C LYS C 359 10.65 -47.06 11.08
N ARG C 360 10.77 -45.80 11.50
CA ARG C 360 11.38 -45.45 12.76
C ARG C 360 10.57 -45.93 13.97
N PRO C 361 11.17 -46.13 15.14
CA PRO C 361 10.44 -46.49 16.34
C PRO C 361 9.48 -45.38 16.76
N SER C 362 8.38 -45.72 17.42
CA SER C 362 7.37 -44.77 17.86
C SER C 362 7.89 -43.80 18.92
N VAL C 363 7.23 -42.64 19.02
CA VAL C 363 7.53 -41.56 19.94
C VAL C 363 6.27 -41.11 20.68
N CYS C 364 6.42 -40.31 21.74
CA CYS C 364 5.31 -39.85 22.54
C CYS C 364 4.30 -39.06 21.71
N THR C 365 3.03 -39.35 21.94
CA THR C 365 1.88 -38.79 21.23
C THR C 365 1.76 -37.27 21.30
N MET C 366 2.36 -36.61 22.30
CA MET C 366 2.26 -35.18 22.46
C MET C 366 3.59 -34.53 22.83
N THR C 367 3.77 -33.29 22.38
CA THR C 367 4.95 -32.49 22.63
C THR C 367 4.59 -31.23 23.41
N LYS C 368 5.49 -30.80 24.28
CA LYS C 368 5.33 -29.58 25.06
C LYS C 368 5.39 -28.40 24.10
N TRP C 369 4.28 -27.67 23.96
CA TRP C 369 4.16 -26.54 23.07
C TRP C 369 4.53 -25.21 23.72
N GLN C 370 4.06 -25.00 24.96
CA GLN C 370 4.28 -23.79 25.72
C GLN C 370 4.28 -24.04 27.23
N GLU C 371 5.15 -23.33 27.94
CA GLU C 371 5.20 -23.27 29.39
C GLU C 371 4.60 -21.91 29.74
N VAL C 372 3.62 -21.84 30.64
CA VAL C 372 2.95 -20.59 30.99
C VAL C 372 2.95 -20.33 32.49
N ASP C 373 3.62 -19.24 32.88
CA ASP C 373 3.75 -18.82 34.26
C ASP C 373 2.46 -18.30 34.88
N GLU C 374 1.58 -17.68 34.08
CA GLU C 374 0.33 -17.10 34.52
C GLU C 374 -0.82 -17.51 33.63
N MET C 375 -1.73 -18.36 34.14
CA MET C 375 -2.89 -18.78 33.41
C MET C 375 -4.11 -18.81 34.32
N LEU C 376 -5.07 -17.93 34.03
CA LEU C 376 -6.30 -17.80 34.77
C LEU C 376 -7.34 -18.80 34.25
N ARG C 377 -7.93 -19.57 35.16
CA ARG C 377 -9.00 -20.50 34.84
C ARG C 377 -10.30 -19.94 35.40
N SER C 378 -11.39 -19.96 34.63
CA SER C 378 -12.68 -19.49 35.06
C SER C 378 -13.79 -20.39 34.55
N GLU C 379 -14.79 -20.70 35.38
CA GLU C 379 -15.91 -21.54 35.04
C GLU C 379 -17.05 -20.68 34.50
N TYR C 380 -17.55 -21.00 33.30
CA TYR C 380 -18.62 -20.26 32.67
C TYR C 380 -19.40 -21.08 31.65
N GLY C 381 -20.73 -20.97 31.66
CA GLY C 381 -21.59 -21.68 30.73
C GLY C 381 -21.39 -23.19 30.73
N GLY C 382 -21.08 -23.78 31.90
CA GLY C 382 -20.82 -25.20 32.02
C GLY C 382 -19.53 -25.67 31.37
N SER C 383 -18.53 -24.79 31.27
CA SER C 383 -17.24 -25.06 30.66
C SER C 383 -16.14 -24.23 31.32
N PHE C 384 -14.90 -24.72 31.34
CA PHE C 384 -13.76 -23.95 31.80
C PHE C 384 -13.23 -23.12 30.64
N ARG C 385 -12.66 -21.97 30.96
CA ARG C 385 -12.01 -21.08 30.01
C ARG C 385 -10.67 -20.66 30.59
N PHE C 386 -9.58 -20.97 29.89
CA PHE C 386 -8.24 -20.62 30.31
C PHE C 386 -7.73 -19.47 29.46
N SER C 387 -7.06 -18.49 30.07
CA SER C 387 -6.51 -17.35 29.38
C SER C 387 -5.21 -16.88 30.03
N SER C 388 -4.37 -16.21 29.24
CA SER C 388 -3.07 -15.71 29.65
C SER C 388 -2.65 -14.55 28.77
N ASP C 389 -1.63 -13.81 29.22
CA ASP C 389 -0.99 -12.73 28.49
C ASP C 389 0.08 -13.27 27.54
N ALA C 390 0.65 -14.44 27.84
CA ALA C 390 1.69 -15.10 27.09
C ALA C 390 1.22 -15.75 25.80
N ILE C 391 -0.07 -16.07 25.69
CA ILE C 391 -0.69 -16.70 24.54
C ILE C 391 -2.02 -16.00 24.29
N CYS C 392 -2.28 -15.51 23.08
CA CYS C 392 -3.52 -14.80 22.82
C CYS C 392 -4.76 -15.65 22.63
N THR C 393 -4.66 -16.99 22.51
CA THR C 393 -5.81 -17.87 22.40
C THR C 393 -6.43 -18.16 23.76
N THR C 394 -7.75 -18.33 23.78
CA THR C 394 -8.51 -18.73 24.95
C THR C 394 -8.91 -20.20 24.76
N PHE C 395 -8.53 -21.07 25.70
CA PHE C 395 -8.84 -22.48 25.60
C PHE C 395 -10.14 -22.79 26.32
N THR C 396 -11.06 -23.52 25.68
CA THR C 396 -12.33 -23.91 26.25
C THR C 396 -12.34 -25.41 26.54
N THR C 397 -13.01 -25.87 27.60
CA THR C 397 -13.03 -27.28 27.97
C THR C 397 -14.21 -27.67 28.84
N ASN C 398 -14.59 -28.96 28.86
CA ASN C 398 -15.62 -29.44 29.76
C ASN C 398 -15.09 -29.45 31.19
N LEU C 399 -15.98 -29.46 32.20
CA LEU C 399 -15.59 -29.45 33.59
C LEU C 399 -14.91 -30.73 34.06
N THR C 400 -15.05 -31.85 33.35
CA THR C 400 -14.45 -33.12 33.71
C THR C 400 -12.97 -33.19 33.35
N GLU C 401 -12.16 -33.66 34.31
CA GLU C 401 -10.73 -33.85 34.13
C GLU C 401 -10.47 -35.10 33.31
N TYR C 402 -9.48 -35.07 32.41
CA TYR C 402 -9.15 -36.20 31.56
C TYR C 402 -8.34 -37.27 32.29
N PRO C 403 -8.67 -38.57 32.17
CA PRO C 403 -7.96 -39.64 32.84
C PRO C 403 -6.69 -40.03 32.09
N LEU C 404 -5.69 -39.14 32.11
CA LEU C 404 -4.42 -39.32 31.43
C LEU C 404 -3.64 -40.56 31.84
N SER C 405 -3.69 -40.95 33.12
CA SER C 405 -2.97 -42.07 33.67
C SER C 405 -3.19 -43.41 32.99
N ARG C 406 -4.35 -43.64 32.37
CA ARG C 406 -4.70 -44.86 31.67
C ARG C 406 -4.32 -44.88 30.20
N VAL C 407 -3.72 -43.82 29.66
CA VAL C 407 -3.26 -43.74 28.29
C VAL C 407 -1.78 -43.41 28.19
N ASP C 408 -1.24 -42.56 29.06
CA ASP C 408 0.17 -42.24 29.13
C ASP C 408 0.86 -43.28 30.02
N LEU C 409 0.79 -44.55 29.60
CA LEU C 409 1.34 -45.68 30.33
C LEU C 409 2.83 -45.59 30.57
N GLY C 410 3.56 -44.85 29.73
CA GLY C 410 4.98 -44.59 29.85
C GLY C 410 5.34 -43.36 30.67
N ASP C 411 4.36 -42.62 31.19
CA ASP C 411 4.51 -41.40 31.96
C ASP C 411 5.32 -40.32 31.24
N CYS C 412 5.27 -40.29 29.91
CA CYS C 412 6.03 -39.36 29.10
C CYS C 412 5.53 -37.92 29.20
N ILE C 413 4.21 -37.72 29.21
CA ILE C 413 3.59 -36.42 29.33
C ILE C 413 3.58 -36.00 30.79
N GLY C 414 3.21 -36.93 31.69
CA GLY C 414 3.17 -36.67 33.11
C GLY C 414 4.50 -36.17 33.66
N LYS C 415 5.61 -36.83 33.31
CA LYS C 415 6.94 -36.44 33.74
C LYS C 415 7.30 -35.02 33.31
N ASP C 416 7.05 -34.69 32.04
CA ASP C 416 7.35 -33.37 31.50
C ASP C 416 6.52 -32.28 32.17
N ALA C 417 5.24 -32.52 32.43
CA ALA C 417 4.37 -31.56 33.08
C ALA C 417 4.81 -31.28 34.51
N ARG C 418 4.99 -32.32 35.33
CA ARG C 418 5.39 -32.19 36.71
C ARG C 418 6.72 -31.45 36.83
N ASP C 419 7.69 -31.76 35.98
CA ASP C 419 8.99 -31.12 35.99
C ASP C 419 8.93 -29.64 35.62
N ALA C 420 8.19 -29.29 34.56
CA ALA C 420 8.08 -27.91 34.13
C ALA C 420 7.37 -27.05 35.17
N MET C 421 6.29 -27.54 35.78
CA MET C 421 5.58 -26.81 36.80
C MET C 421 6.48 -26.55 38.00
N ASP C 422 7.25 -27.54 38.46
CA ASP C 422 8.15 -27.35 39.58
C ASP C 422 9.26 -26.35 39.28
N ARG C 423 9.80 -26.35 38.05
CA ARG C 423 10.81 -25.39 37.65
C ARG C 423 10.28 -23.97 37.72
N ILE C 424 9.09 -23.73 37.17
CA ILE C 424 8.46 -22.42 37.15
C ILE C 424 8.09 -21.97 38.57
N PHE C 425 7.46 -22.84 39.35
CA PHE C 425 7.06 -22.53 40.71
C PHE C 425 8.26 -22.14 41.56
N ALA C 426 9.35 -22.92 41.49
CA ALA C 426 10.57 -22.63 42.23
C ALA C 426 11.19 -21.30 41.81
N ARG C 427 11.15 -20.97 40.52
CA ARG C 427 11.73 -19.75 39.98
C ARG C 427 10.97 -18.48 40.32
N ARG C 428 9.63 -18.49 40.21
CA ARG C 428 8.80 -17.31 40.30
C ARG C 428 7.79 -17.22 41.44
N TYR C 429 7.40 -18.32 42.07
CA TYR C 429 6.35 -18.32 43.07
C TYR C 429 6.67 -18.87 44.45
N ASN C 430 7.84 -19.50 44.64
CA ASN C 430 8.26 -20.11 45.88
C ASN C 430 8.03 -19.30 47.15
N ALA C 431 8.19 -17.97 47.09
CA ALA C 431 8.03 -17.07 48.21
C ALA C 431 6.81 -16.17 48.17
N THR C 432 5.85 -16.41 47.27
CA THR C 432 4.70 -15.56 47.08
C THR C 432 3.36 -16.29 47.05
N HIS C 433 3.36 -17.57 46.68
CA HIS C 433 2.17 -18.39 46.55
C HIS C 433 2.35 -19.80 47.10
N ILE C 434 1.24 -20.53 47.15
CA ILE C 434 1.14 -21.93 47.55
C ILE C 434 0.39 -22.70 46.47
N LYS C 435 0.80 -23.95 46.22
CA LYS C 435 0.14 -24.83 45.29
C LYS C 435 -1.02 -25.51 46.00
N VAL C 436 -2.22 -25.48 45.41
CA VAL C 436 -3.41 -26.00 46.04
C VAL C 436 -3.46 -27.52 46.12
N GLY C 437 -3.08 -28.23 45.05
CA GLY C 437 -3.12 -29.68 45.01
C GLY C 437 -2.32 -30.28 43.86
N GLN C 438 -2.72 -31.48 43.42
CA GLN C 438 -2.06 -32.17 42.33
C GLN C 438 -2.42 -31.59 40.98
N PRO C 439 -1.55 -31.64 39.97
CA PRO C 439 -1.85 -31.15 38.65
C PRO C 439 -3.07 -31.82 38.05
N GLN C 440 -3.83 -31.08 37.24
CA GLN C 440 -5.05 -31.51 36.59
C GLN C 440 -4.91 -31.44 35.08
N TYR C 441 -5.45 -32.41 34.34
CA TYR C 441 -5.34 -32.47 32.89
C TYR C 441 -6.67 -32.23 32.19
N TYR C 442 -6.69 -31.36 31.18
CA TYR C 442 -7.89 -30.99 30.46
C TYR C 442 -7.70 -31.02 28.94
N LEU C 443 -8.59 -31.67 28.20
CA LEU C 443 -8.54 -31.68 26.74
C LEU C 443 -9.30 -30.48 26.20
N ALA C 444 -8.58 -29.49 25.68
CA ALA C 444 -9.17 -28.27 25.16
C ALA C 444 -9.58 -28.36 23.69
N ASN C 445 -10.65 -27.64 23.35
CA ASN C 445 -11.16 -27.56 21.99
C ASN C 445 -10.03 -27.06 21.09
N GLY C 446 -9.92 -27.65 19.89
CA GLY C 446 -8.84 -27.39 18.97
C GLY C 446 -7.74 -28.44 19.03
N GLY C 447 -7.82 -29.39 19.97
CA GLY C 447 -6.89 -30.50 20.09
C GLY C 447 -5.59 -30.18 20.83
N PHE C 448 -5.70 -29.74 22.09
CA PHE C 448 -4.59 -29.45 22.98
C PHE C 448 -4.85 -30.13 24.31
N LEU C 449 -3.78 -30.54 25.01
CA LEU C 449 -3.89 -31.10 26.35
C LEU C 449 -3.25 -30.09 27.27
N ILE C 450 -4.02 -29.55 28.23
CA ILE C 450 -3.53 -28.56 29.17
C ILE C 450 -3.33 -29.18 30.54
N ALA C 451 -2.08 -29.17 31.02
CA ALA C 451 -1.77 -29.58 32.38
C ALA C 451 -1.84 -28.28 33.19
N TYR C 452 -2.66 -28.25 34.24
CA TYR C 452 -2.88 -27.08 35.07
C TYR C 452 -2.56 -27.33 36.53
N GLN C 453 -2.04 -26.32 37.22
CA GLN C 453 -1.67 -26.36 38.62
C GLN C 453 -2.20 -25.11 39.31
N PRO C 454 -3.33 -25.18 40.02
CA PRO C 454 -3.91 -24.02 40.68
C PRO C 454 -3.09 -23.51 41.86
N LEU C 455 -2.97 -22.18 41.96
CA LEU C 455 -2.23 -21.47 42.98
C LEU C 455 -3.08 -20.49 43.78
N LEU C 456 -2.61 -20.15 44.98
CA LEU C 456 -3.17 -19.15 45.87
C LEU C 456 -2.02 -18.28 46.37
N SER C 457 -2.19 -16.95 46.33
CA SER C 457 -1.18 -16.05 46.87
C SER C 457 -1.18 -16.13 48.38
N ASN C 458 -0.02 -15.93 49.02
CA ASN C 458 0.11 -16.03 50.46
C ASN C 458 -0.87 -15.12 51.20
N THR C 459 -1.10 -13.91 50.65
CA THR C 459 -2.03 -12.95 51.22
C THR C 459 -3.47 -13.41 51.15
N LEU C 460 -3.86 -14.20 50.14
CA LEU C 460 -5.20 -14.72 49.98
C LEU C 460 -5.39 -15.99 50.80
N ALA C 461 -4.35 -16.83 50.90
CA ALA C 461 -4.39 -18.05 51.68
C ALA C 461 -4.79 -17.77 53.14
N GLU C 462 -4.31 -16.66 53.70
CA GLU C 462 -4.62 -16.23 55.04
C GLU C 462 -6.11 -16.07 55.31
N LEU C 463 -6.90 -15.62 54.31
CA LEU C 463 -8.33 -15.46 54.46
C LEU C 463 -9.00 -16.80 54.64
N TYR C 464 -8.54 -17.84 53.93
CA TYR C 464 -9.06 -19.17 54.10
C TYR C 464 -8.67 -19.72 55.46
N VAL C 465 -7.44 -19.47 55.92
CA VAL C 465 -6.95 -19.91 57.20
C VAL C 465 -7.79 -19.33 58.33
N ARG C 466 -7.98 -18.00 58.38
CA ARG C 466 -8.76 -17.37 59.42
C ARG C 466 -10.23 -17.77 59.37
N GLU C 467 -10.81 -17.96 58.18
CA GLU C 467 -12.18 -18.40 58.05
C GLU C 467 -12.36 -19.82 58.57
N HIS C 468 -11.38 -20.69 58.32
CA HIS C 468 -11.35 -22.05 58.81
C HIS C 468 -11.25 -22.07 60.34
N LEU C 469 -10.44 -21.18 60.93
CA LEU C 469 -10.31 -21.05 62.36
C LEU C 469 -11.61 -20.61 63.01
N ARG C 470 -12.34 -19.67 62.40
CA ARG C 470 -13.64 -19.24 62.90
C ARG C 470 -14.66 -20.37 62.81
N GLU C 471 -14.59 -21.21 61.78
CA GLU C 471 -15.45 -22.36 61.61
C GLU C 471 -15.16 -23.43 62.65
N GLN C 472 -13.89 -23.71 62.94
CA GLN C 472 -13.45 -24.66 63.95
C GLN C 472 -13.86 -24.23 65.36
N SER C 473 -13.92 -22.92 65.61
CA SER C 473 -14.28 -22.32 66.87
C SER C 473 -15.78 -22.29 67.14
N ARG C 474 -16.62 -22.65 66.16
CA ARG C 474 -18.07 -22.65 66.22
C ARG C 474 -18.65 -23.77 67.07
N ILE C 501 -4.66 -28.41 57.38
CA ILE C 501 -5.62 -27.69 56.53
C ILE C 501 -5.44 -28.09 55.07
N GLU C 502 -6.53 -28.22 54.32
CA GLU C 502 -6.52 -28.61 52.92
C GLU C 502 -7.27 -27.62 52.05
N PHE C 503 -6.53 -26.69 51.43
CA PHE C 503 -7.09 -25.65 50.59
C PHE C 503 -7.95 -26.18 49.44
N ALA C 504 -7.66 -27.36 48.91
CA ALA C 504 -8.43 -27.99 47.85
C ALA C 504 -9.91 -28.18 48.19
N ARG C 505 -10.25 -28.33 49.47
CA ARG C 505 -11.60 -28.49 49.95
C ARG C 505 -12.33 -27.16 50.12
N LEU C 506 -11.56 -26.10 50.38
CA LEU C 506 -12.04 -24.76 50.72
C LEU C 506 -12.09 -23.75 49.60
N GLN C 507 -11.32 -23.94 48.52
CA GLN C 507 -11.14 -22.95 47.48
C GLN C 507 -12.33 -22.12 47.04
N PHE C 508 -13.51 -22.71 46.80
CA PHE C 508 -14.67 -21.96 46.36
C PHE C 508 -15.86 -22.01 47.31
N THR C 509 -15.66 -22.41 48.57
CA THR C 509 -16.74 -22.53 49.54
C THR C 509 -17.13 -21.23 50.23
N TYR C 510 -16.28 -20.19 50.21
CA TYR C 510 -16.52 -18.94 50.88
C TYR C 510 -16.83 -17.80 49.92
N ASN C 511 -18.12 -17.57 49.67
CA ASN C 511 -18.61 -16.56 48.75
C ASN C 511 -18.06 -15.17 49.03
N HIS C 512 -17.98 -14.75 50.30
CA HIS C 512 -17.48 -13.43 50.66
C HIS C 512 -16.00 -13.24 50.36
N ILE C 513 -15.22 -14.32 50.23
CA ILE C 513 -13.81 -14.28 49.86
C ILE C 513 -13.69 -14.33 48.34
N GLN C 514 -14.51 -15.16 47.69
CA GLN C 514 -14.46 -15.35 46.25
C GLN C 514 -15.03 -14.20 45.43
N ARG C 515 -16.10 -13.52 45.89
CA ARG C 515 -16.71 -12.42 45.18
C ARG C 515 -15.71 -11.33 44.82
N PRO C 516 -14.87 -10.85 45.74
CA PRO C 516 -13.83 -9.88 45.42
C PRO C 516 -12.83 -10.39 44.39
N VAL C 517 -12.46 -11.68 44.48
CA VAL C 517 -11.50 -12.31 43.59
C VAL C 517 -12.03 -12.45 42.16
N ASN C 518 -13.29 -12.83 41.97
CA ASN C 518 -13.88 -12.93 40.65
C ASN C 518 -13.83 -11.58 39.95
N ASP C 519 -14.08 -10.48 40.66
CA ASP C 519 -14.03 -9.14 40.09
C ASP C 519 -12.60 -8.70 39.84
N MET C 520 -11.66 -9.00 40.74
CA MET C 520 -10.27 -8.64 40.58
C MET C 520 -9.64 -9.33 39.38
N LEU C 521 -9.68 -10.66 39.35
CA LEU C 521 -9.10 -11.45 38.27
C LEU C 521 -9.88 -11.28 36.97
N GLY C 522 -11.20 -11.09 37.02
CA GLY C 522 -11.98 -10.86 35.83
C GLY C 522 -11.50 -9.63 35.07
N ARG C 523 -11.13 -8.56 35.78
CA ARG C 523 -10.60 -7.36 35.17
C ARG C 523 -9.23 -7.62 34.55
N VAL C 524 -8.41 -8.47 35.16
CA VAL C 524 -7.11 -8.84 34.61
C VAL C 524 -7.29 -9.59 33.29
N ALA C 525 -8.17 -10.59 33.26
CA ALA C 525 -8.45 -11.34 32.06
C ALA C 525 -8.94 -10.46 30.92
N ILE C 526 -9.82 -9.51 31.22
CA ILE C 526 -10.34 -8.57 30.24
C ILE C 526 -9.22 -7.67 29.73
N ALA C 527 -8.34 -7.18 30.60
CA ALA C 527 -7.22 -6.34 30.20
C ALA C 527 -6.31 -7.06 29.20
N TRP C 528 -6.02 -8.34 29.44
CA TRP C 528 -5.22 -9.14 28.53
C TRP C 528 -5.91 -9.32 27.18
N CYS C 529 -7.23 -9.52 27.17
CA CYS C 529 -7.97 -9.63 25.93
C CYS C 529 -7.85 -8.37 25.09
N GLU C 530 -8.00 -7.19 25.70
CA GLU C 530 -7.89 -5.92 25.01
C GLU C 530 -6.50 -5.72 24.41
N LEU C 531 -5.45 -6.09 25.15
CA LEU C 531 -4.09 -5.99 24.64
C LEU C 531 -3.88 -6.94 23.46
N CYS C 532 -4.35 -8.19 23.57
CA CYS C 532 -4.23 -9.14 22.48
C CYS C 532 -4.94 -8.68 21.23
N ASN C 533 -6.20 -8.22 21.31
CA ASN C 533 -6.90 -7.75 20.12
C ASN C 533 -6.20 -6.56 19.48
N HIS C 534 -5.67 -5.65 20.29
CA HIS C 534 -4.96 -4.48 19.78
C HIS C 534 -3.67 -4.89 19.07
N GLU C 535 -2.83 -5.72 19.70
CA GLU C 535 -1.58 -6.17 19.12
C GLU C 535 -1.76 -7.08 17.91
N LEU C 536 -2.67 -8.06 17.97
CA LEU C 536 -2.94 -8.95 16.86
C LEU C 536 -3.42 -8.18 15.63
N THR C 537 -4.17 -7.09 15.81
CA THR C 537 -4.65 -6.34 14.68
C THR C 537 -3.51 -5.65 13.95
N LEU C 538 -2.58 -5.02 14.68
CA LEU C 538 -1.43 -4.39 14.07
C LEU C 538 -0.55 -5.42 13.39
N TRP C 539 -0.27 -6.53 14.07
CA TRP C 539 0.58 -7.58 13.55
C TRP C 539 0.01 -8.22 12.29
N ASN C 540 -1.30 -8.50 12.27
CA ASN C 540 -1.95 -9.06 11.10
C ASN C 540 -1.95 -8.13 9.90
N GLU C 541 -2.02 -6.82 10.10
CA GLU C 541 -1.93 -5.90 8.98
C GLU C 541 -0.50 -5.77 8.48
N ALA C 542 0.50 -5.77 9.37
CA ALA C 542 1.89 -5.69 8.97
C ALA C 542 2.29 -6.87 8.09
N ARG C 543 1.86 -8.09 8.39
CA ARG C 543 2.22 -9.23 7.56
C ARG C 543 1.65 -9.17 6.15
N LYS C 544 0.57 -8.43 5.90
CA LYS C 544 0.05 -8.30 4.55
C LYS C 544 0.93 -7.38 3.71
N LEU C 545 1.69 -6.48 4.33
CA LEU C 545 2.60 -5.57 3.65
C LEU C 545 3.96 -6.18 3.42
N ASN C 546 4.53 -6.84 4.43
CA ASN C 546 5.85 -7.44 4.35
C ASN C 546 5.90 -8.75 5.12
N PRO C 547 5.42 -9.85 4.55
CA PRO C 547 5.42 -11.13 5.23
C PRO C 547 6.82 -11.66 5.51
N ASN C 548 7.83 -11.36 4.68
CA ASN C 548 9.18 -11.84 4.93
C ASN C 548 9.75 -11.35 6.24
N ALA C 549 9.52 -10.07 6.59
CA ALA C 549 10.01 -9.51 7.83
C ALA C 549 9.27 -10.07 9.04
N ILE C 550 7.94 -10.12 8.98
CA ILE C 550 7.14 -10.63 10.08
C ILE C 550 7.41 -12.11 10.33
N ALA C 551 7.50 -12.93 9.28
CA ALA C 551 7.80 -14.34 9.43
C ALA C 551 9.19 -14.53 10.02
N SER C 552 10.19 -13.77 9.55
CA SER C 552 11.54 -13.90 10.04
C SER C 552 11.68 -13.62 11.53
N VAL C 553 11.00 -12.60 12.07
CA VAL C 553 11.09 -12.33 13.51
C VAL C 553 10.26 -13.29 14.33
N THR C 554 9.18 -13.84 13.76
CA THR C 554 8.33 -14.82 14.44
C THR C 554 9.06 -16.14 14.60
N VAL C 555 9.74 -16.60 13.55
CA VAL C 555 10.46 -17.87 13.50
C VAL C 555 11.87 -17.78 14.06
N GLY C 556 12.47 -16.59 14.12
CA GLY C 556 13.80 -16.39 14.67
C GLY C 556 14.96 -16.70 13.72
N ARG C 557 14.71 -16.72 12.41
CA ARG C 557 15.68 -16.96 11.35
C ARG C 557 15.10 -16.47 10.03
N ARG C 558 15.92 -16.14 9.03
CA ARG C 558 15.43 -15.66 7.75
C ARG C 558 14.66 -16.74 7.01
N VAL C 559 13.45 -16.41 6.57
CA VAL C 559 12.57 -17.27 5.81
C VAL C 559 11.86 -16.49 4.71
N SER C 560 11.60 -17.13 3.57
CA SER C 560 10.81 -16.54 2.51
C SER C 560 9.36 -16.80 2.90
N ALA C 561 8.46 -15.84 2.70
CA ALA C 561 7.06 -16.04 3.03
C ALA C 561 6.17 -15.42 1.96
N ARG C 562 4.99 -16.01 1.74
CA ARG C 562 4.07 -15.59 0.71
C ARG C 562 2.63 -15.86 1.11
N MET C 563 1.74 -14.88 0.94
CA MET C 563 0.34 -15.03 1.31
C MET C 563 -0.44 -15.74 0.20
N LEU C 564 -0.88 -16.98 0.46
CA LEU C 564 -1.69 -17.76 -0.45
C LEU C 564 -3.16 -17.53 -0.15
N GLY C 565 -3.58 -16.27 -0.17
CA GLY C 565 -4.94 -15.88 0.19
C GLY C 565 -4.95 -15.49 1.65
N ASP C 566 -5.60 -16.27 2.51
CA ASP C 566 -5.76 -15.96 3.92
C ASP C 566 -4.90 -16.79 4.86
N VAL C 567 -3.88 -17.47 4.34
CA VAL C 567 -2.86 -18.24 5.03
C VAL C 567 -1.50 -17.94 4.41
N MET C 568 -0.41 -18.32 5.07
CA MET C 568 0.93 -18.02 4.60
C MET C 568 1.80 -19.24 4.37
N ALA C 569 2.44 -19.31 3.20
CA ALA C 569 3.37 -20.35 2.82
C ALA C 569 4.79 -19.89 3.17
N VAL C 570 5.67 -20.76 3.66
CA VAL C 570 7.01 -20.40 4.07
C VAL C 570 8.10 -21.34 3.57
N SER C 571 9.34 -20.87 3.47
CA SER C 571 10.48 -21.65 3.04
C SER C 571 11.77 -21.10 3.63
N THR C 572 12.81 -21.93 3.77
CA THR C 572 14.08 -21.47 4.29
C THR C 572 14.92 -20.76 3.23
N CYS C 573 15.37 -19.53 3.50
CA CYS C 573 16.27 -18.83 2.59
C CYS C 573 17.67 -19.41 2.75
N VAL C 574 18.46 -19.46 1.68
CA VAL C 574 19.82 -19.97 1.72
C VAL C 574 20.81 -18.82 1.87
N PRO C 575 21.76 -18.86 2.82
CA PRO C 575 22.72 -17.79 3.01
C PRO C 575 23.85 -17.80 1.98
N VAL C 576 24.45 -16.63 1.77
CA VAL C 576 25.55 -16.35 0.87
C VAL C 576 26.53 -15.41 1.53
N ALA C 577 27.82 -15.76 1.56
CA ALA C 577 28.85 -14.94 2.16
C ALA C 577 29.08 -13.64 1.40
N ALA C 578 29.30 -12.53 2.12
CA ALA C 578 29.44 -11.22 1.52
C ALA C 578 30.53 -11.05 0.48
N ASP C 579 31.66 -11.75 0.59
CA ASP C 579 32.75 -11.65 -0.37
C ASP C 579 32.44 -12.32 -1.71
N ASN C 580 31.43 -13.19 -1.76
CA ASN C 580 31.01 -13.85 -2.97
C ASN C 580 30.02 -13.02 -3.79
N VAL C 581 29.69 -11.81 -3.38
CA VAL C 581 28.78 -10.91 -4.08
C VAL C 581 29.51 -9.72 -4.66
N ILE C 582 29.19 -9.38 -5.92
CA ILE C 582 29.73 -8.29 -6.71
C ILE C 582 28.59 -7.44 -7.21
N VAL C 583 28.75 -6.10 -7.22
CA VAL C 583 27.74 -5.16 -7.66
C VAL C 583 28.12 -4.53 -8.98
N GLN C 584 27.17 -4.46 -9.93
CA GLN C 584 27.40 -3.88 -11.24
C GLN C 584 27.47 -2.36 -11.18
N ASN C 585 28.29 -1.73 -12.02
CA ASN C 585 28.51 -0.30 -11.99
C ASN C 585 27.35 0.59 -12.42
N SER C 586 26.28 0.10 -13.05
CA SER C 586 25.19 0.96 -13.48
C SER C 586 23.83 0.29 -13.55
N MET C 587 22.78 1.07 -13.28
CA MET C 587 21.38 0.68 -13.31
C MET C 587 20.69 1.03 -14.62
N ARG C 588 21.38 1.67 -15.58
CA ARG C 588 20.82 2.00 -16.87
C ARG C 588 20.55 0.73 -17.68
N ILE C 589 19.59 0.78 -18.60
CA ILE C 589 19.29 -0.29 -19.51
C ILE C 589 19.63 0.20 -20.92
N SER C 590 20.54 -0.47 -21.63
CA SER C 590 20.95 -0.07 -22.96
C SER C 590 19.92 -0.37 -24.04
N SER C 591 19.18 -1.47 -23.91
CA SER C 591 18.19 -1.95 -24.85
C SER C 591 16.98 -1.03 -25.06
N ARG C 592 16.61 -0.24 -24.05
CA ARG C 592 15.49 0.68 -24.07
C ARG C 592 15.91 1.93 -23.30
N PRO C 593 16.06 3.10 -23.94
CA PRO C 593 16.60 4.27 -23.29
C PRO C 593 15.74 4.89 -22.20
N GLY C 594 14.41 4.78 -22.26
CA GLY C 594 13.52 5.38 -21.28
C GLY C 594 13.44 4.71 -19.91
N ALA C 595 13.95 3.48 -19.76
CA ALA C 595 13.88 2.72 -18.53
C ALA C 595 15.22 2.47 -17.86
N CYS C 596 15.18 2.22 -16.55
CA CYS C 596 16.32 1.96 -15.70
C CYS C 596 15.92 1.02 -14.57
N TYR C 597 16.83 0.17 -14.08
CA TYR C 597 16.50 -0.72 -12.97
C TYR C 597 16.25 0.11 -11.73
N SER C 598 15.29 -0.27 -10.87
CA SER C 598 14.97 0.48 -9.68
C SER C 598 15.76 0.12 -8.44
N ARG C 599 16.48 -1.00 -8.50
CA ARG C 599 17.29 -1.60 -7.46
C ARG C 599 18.52 -2.17 -8.17
N PRO C 600 19.74 -2.06 -7.65
CA PRO C 600 20.95 -2.40 -8.37
C PRO C 600 21.13 -3.87 -8.72
N LEU C 601 21.80 -4.10 -9.85
CA LEU C 601 22.13 -5.44 -10.33
C LEU C 601 23.34 -5.99 -9.62
N VAL C 602 23.39 -7.31 -9.45
CA VAL C 602 24.49 -8.00 -8.81
C VAL C 602 24.82 -9.30 -9.53
N SER C 603 25.98 -9.85 -9.15
CA SER C 603 26.49 -11.12 -9.64
C SER C 603 27.13 -11.82 -8.45
N PHE C 604 26.87 -13.11 -8.24
CA PHE C 604 27.39 -13.80 -7.07
C PHE C 604 27.57 -15.30 -7.29
N ARG C 605 28.11 -15.99 -6.29
CA ARG C 605 28.32 -17.43 -6.29
C ARG C 605 27.85 -18.02 -4.97
N TYR C 606 27.27 -19.23 -4.99
CA TYR C 606 26.90 -19.89 -3.75
C TYR C 606 28.12 -20.44 -3.02
N GLU C 607 29.18 -20.78 -3.75
CA GLU C 607 30.43 -21.31 -3.26
C GLU C 607 31.59 -20.63 -3.99
N ASP C 608 32.71 -20.41 -3.32
CA ASP C 608 33.87 -19.68 -3.80
C ASP C 608 34.40 -20.05 -5.19
N GLN C 609 34.31 -21.32 -5.58
CA GLN C 609 34.76 -21.85 -6.85
C GLN C 609 33.66 -22.04 -7.89
N GLY C 610 32.39 -21.83 -7.52
CA GLY C 610 31.24 -22.04 -8.37
C GLY C 610 31.05 -21.03 -9.50
N PRO C 611 30.12 -21.29 -10.43
CA PRO C 611 29.82 -20.39 -11.53
C PRO C 611 29.10 -19.16 -11.04
N LEU C 612 29.29 -18.02 -11.71
CA LEU C 612 28.67 -16.76 -11.33
C LEU C 612 27.22 -16.69 -11.83
N VAL C 613 26.31 -16.49 -10.87
CA VAL C 613 24.89 -16.31 -11.03
C VAL C 613 24.60 -14.82 -11.15
N GLU C 614 23.67 -14.42 -12.03
CA GLU C 614 23.29 -13.04 -12.20
C GLU C 614 21.92 -12.78 -11.59
N GLY C 615 21.82 -11.71 -10.79
CA GLY C 615 20.59 -11.35 -10.10
C GLY C 615 20.47 -9.85 -9.87
N GLN C 616 19.56 -9.47 -8.97
CA GLN C 616 19.27 -8.10 -8.58
C GLN C 616 19.16 -8.05 -7.06
N LEU C 617 19.67 -6.99 -6.45
CA LEU C 617 19.61 -6.82 -5.01
C LEU C 617 18.17 -6.66 -4.56
N GLY C 618 17.87 -6.90 -3.28
CA GLY C 618 16.55 -6.75 -2.69
C GLY C 618 16.65 -6.08 -1.33
N GLU C 619 15.52 -5.94 -0.65
CA GLU C 619 15.47 -5.34 0.67
C GLU C 619 16.13 -6.24 1.70
N ASN C 620 16.79 -5.65 2.71
CA ASN C 620 17.43 -6.36 3.79
C ASN C 620 18.31 -7.54 3.37
N ASN C 621 19.30 -7.27 2.53
CA ASN C 621 20.28 -8.22 2.02
C ASN C 621 19.75 -9.39 1.20
N GLU C 622 18.50 -9.35 0.72
CA GLU C 622 17.99 -10.40 -0.14
C GLU C 622 18.57 -10.28 -1.55
N LEU C 623 18.66 -11.42 -2.25
CA LEU C 623 19.13 -11.49 -3.62
C LEU C 623 18.03 -12.16 -4.44
N ARG C 624 17.67 -11.56 -5.58
CA ARG C 624 16.62 -12.04 -6.47
C ARG C 624 17.24 -12.48 -7.79
N LEU C 625 16.75 -13.55 -8.40
CA LEU C 625 17.29 -14.06 -9.65
C LEU C 625 16.65 -13.49 -10.91
N THR C 626 15.67 -12.60 -10.77
CA THR C 626 14.86 -12.10 -11.86
C THR C 626 15.35 -10.93 -12.71
N ARG C 627 15.95 -9.89 -12.14
CA ARG C 627 16.29 -8.67 -12.85
C ARG C 627 15.08 -8.05 -13.53
N ASP C 628 13.98 -7.91 -12.78
CA ASP C 628 12.71 -7.41 -13.25
C ASP C 628 12.22 -6.12 -12.58
N ALA C 629 12.87 -5.62 -11.53
CA ALA C 629 12.49 -4.37 -10.90
C ALA C 629 13.01 -3.23 -11.77
N ILE C 630 12.13 -2.69 -12.61
CA ILE C 630 12.39 -1.66 -13.60
C ILE C 630 11.45 -0.48 -13.38
N GLU C 631 11.91 0.73 -13.71
CA GLU C 631 11.19 1.99 -13.58
C GLU C 631 11.55 2.96 -14.69
N PRO C 632 10.77 4.01 -14.94
CA PRO C 632 11.13 5.00 -15.93
C PRO C 632 12.30 5.81 -15.38
N CYS C 633 13.28 6.14 -16.24
CA CYS C 633 14.46 6.86 -15.80
C CYS C 633 14.17 8.31 -15.46
N THR C 634 14.54 8.72 -14.24
CA THR C 634 14.36 10.05 -13.69
C THR C 634 15.64 10.89 -13.75
N VAL C 635 15.60 12.11 -13.22
CA VAL C 635 16.73 13.00 -13.10
C VAL C 635 16.90 13.44 -11.65
N GLY C 636 18.15 13.64 -11.22
CA GLY C 636 18.47 14.00 -9.85
C GLY C 636 18.35 12.81 -8.91
N HIS C 637 18.56 11.59 -9.40
CA HIS C 637 18.46 10.36 -8.66
C HIS C 637 19.62 10.13 -7.70
N ARG C 638 19.34 9.80 -6.44
CA ARG C 638 20.29 9.47 -5.40
C ARG C 638 19.68 8.38 -4.52
N ARG C 639 20.40 7.29 -4.23
CA ARG C 639 19.89 6.21 -3.40
C ARG C 639 20.98 5.50 -2.62
N TYR C 640 20.63 5.00 -1.43
CA TYR C 640 21.46 4.19 -0.56
C TYR C 640 20.77 2.84 -0.43
N PHE C 641 21.41 1.74 -0.83
CA PHE C 641 20.82 0.43 -0.70
C PHE C 641 21.58 -0.39 0.33
N THR C 642 20.90 -1.12 1.22
CA THR C 642 21.56 -1.93 2.23
C THR C 642 22.37 -3.02 1.54
N PHE C 643 23.64 -3.19 1.93
CA PHE C 643 24.52 -4.15 1.31
C PHE C 643 25.58 -4.66 2.28
N GLY C 644 25.34 -5.85 2.85
CA GLY C 644 26.24 -6.58 3.72
C GLY C 644 26.78 -5.80 4.92
N GLY C 645 25.92 -5.37 5.84
CA GLY C 645 26.34 -4.64 7.01
C GLY C 645 26.91 -3.27 6.73
N GLY C 646 26.42 -2.64 5.64
CA GLY C 646 26.80 -1.32 5.15
C GLY C 646 25.81 -0.88 4.08
N TYR C 647 26.20 0.08 3.25
CA TYR C 647 25.36 0.61 2.18
C TYR C 647 26.15 0.86 0.91
N VAL C 648 25.50 0.74 -0.25
CA VAL C 648 26.09 1.13 -1.51
C VAL C 648 25.32 2.36 -1.97
N TYR C 649 26.04 3.42 -2.36
CA TYR C 649 25.45 4.67 -2.78
C TYR C 649 25.51 4.80 -4.30
N PHE C 650 24.35 5.04 -4.92
CA PHE C 650 24.17 5.21 -6.35
C PHE C 650 23.71 6.63 -6.63
N GLU C 651 24.31 7.27 -7.64
CA GLU C 651 23.98 8.62 -8.05
C GLU C 651 23.78 8.66 -9.55
N GLU C 652 22.63 9.17 -10.01
CA GLU C 652 22.24 9.23 -11.41
C GLU C 652 22.39 7.89 -12.11
N TYR C 653 21.88 6.85 -11.45
CA TYR C 653 21.88 5.47 -11.89
C TYR C 653 23.26 4.84 -12.06
N ALA C 654 24.30 5.37 -11.42
CA ALA C 654 25.65 4.82 -11.46
C ALA C 654 26.20 4.58 -10.07
N TYR C 655 26.89 3.45 -9.85
CA TYR C 655 27.48 3.08 -8.59
C TYR C 655 28.61 4.05 -8.23
N SER C 656 28.60 4.59 -7.02
CA SER C 656 29.59 5.55 -6.56
C SER C 656 30.58 5.00 -5.54
N HIS C 657 30.12 4.60 -4.35
CA HIS C 657 30.97 4.05 -3.32
C HIS C 657 30.15 3.26 -2.31
N GLN C 658 30.84 2.68 -1.32
CA GLN C 658 30.24 1.87 -0.27
C GLN C 658 30.56 2.45 1.11
N LEU C 659 29.56 2.58 1.98
CA LEU C 659 29.69 3.11 3.32
C LEU C 659 29.55 2.03 4.40
N SER C 660 30.23 2.25 5.52
CA SER C 660 30.06 1.41 6.69
C SER C 660 28.77 1.83 7.38
N ARG C 661 28.07 0.94 8.09
CA ARG C 661 26.86 1.30 8.79
C ARG C 661 27.09 2.36 9.86
N ALA C 662 28.32 2.52 10.34
CA ALA C 662 28.66 3.52 11.34
C ALA C 662 28.85 4.92 10.77
N ASP C 663 28.85 5.10 9.45
CA ASP C 663 29.05 6.38 8.80
C ASP C 663 27.82 7.30 8.77
N ILE C 664 26.67 6.83 9.25
CA ILE C 664 25.41 7.56 9.26
C ILE C 664 24.87 7.67 10.68
N THR C 665 24.24 8.78 11.04
CA THR C 665 23.67 8.99 12.36
C THR C 665 22.42 8.14 12.58
N THR C 666 22.43 7.32 13.63
CA THR C 666 21.34 6.43 13.97
C THR C 666 20.32 7.08 14.89
N VAL C 667 19.03 6.90 14.56
CA VAL C 667 17.90 7.31 15.37
C VAL C 667 17.59 6.14 16.29
N SER C 668 18.42 6.01 17.33
CA SER C 668 18.50 4.93 18.29
C SER C 668 17.33 4.66 19.23
N THR C 669 16.28 5.47 19.21
CA THR C 669 15.11 5.31 20.06
C THR C 669 13.88 5.83 19.35
N PHE C 670 12.70 5.61 19.95
CA PHE C 670 11.45 6.09 19.39
C PHE C 670 11.23 7.58 19.57
N ILE C 671 12.01 8.26 20.41
CA ILE C 671 11.98 9.69 20.67
C ILE C 671 13.38 10.18 20.99
N ASP C 672 13.95 11.06 20.16
CA ASP C 672 15.25 11.68 20.37
C ASP C 672 15.30 13.13 19.93
N LEU C 673 16.30 13.87 20.43
CA LEU C 673 16.51 15.29 20.21
C LEU C 673 17.95 15.60 19.80
N ASN C 674 18.31 16.88 19.77
CA ASN C 674 19.62 17.39 19.43
C ASN C 674 20.08 17.10 18.00
N ILE C 675 19.16 16.67 17.14
CA ILE C 675 19.39 16.41 15.74
C ILE C 675 19.44 17.72 14.95
N THR C 676 20.37 17.81 14.01
CA THR C 676 20.56 18.97 13.15
C THR C 676 19.98 18.73 11.77
N MET C 677 19.29 19.73 11.22
CA MET C 677 18.65 19.69 9.92
C MET C 677 18.74 21.04 9.22
N LEU C 678 18.45 21.04 7.91
CA LEU C 678 18.46 22.21 7.06
C LEU C 678 17.10 22.41 6.40
N GLU C 679 16.86 23.62 5.88
CA GLU C 679 15.68 23.92 5.10
C GLU C 679 16.05 23.66 3.66
N ASP C 680 15.92 22.40 3.23
CA ASP C 680 16.30 21.95 1.91
C ASP C 680 15.69 22.75 0.76
N HIS C 681 16.51 23.01 -0.26
CA HIS C 681 16.15 23.73 -1.47
C HIS C 681 16.36 22.76 -2.63
N GLU C 682 15.34 22.44 -3.43
CA GLU C 682 15.52 21.37 -4.41
C GLU C 682 16.53 21.57 -5.52
N PHE C 683 16.68 22.77 -6.11
CA PHE C 683 17.61 23.03 -7.17
C PHE C 683 17.50 21.99 -8.28
N VAL C 684 16.32 21.93 -8.91
CA VAL C 684 16.03 20.94 -9.93
C VAL C 684 16.99 21.00 -11.10
N PRO C 685 17.34 19.85 -11.68
CA PRO C 685 18.21 19.81 -12.84
C PRO C 685 17.47 20.49 -13.99
N LEU C 686 18.27 21.24 -14.76
CA LEU C 686 17.86 22.08 -15.88
C LEU C 686 16.84 21.50 -16.84
N GLU C 687 16.98 20.21 -17.16
CA GLU C 687 16.15 19.49 -18.12
C GLU C 687 14.69 19.33 -17.76
N VAL C 688 14.31 19.36 -16.48
CA VAL C 688 12.94 19.18 -16.04
C VAL C 688 12.00 20.15 -16.73
N TYR C 689 12.40 21.43 -16.76
CA TYR C 689 11.62 22.50 -17.34
C TYR C 689 11.59 22.55 -18.86
N THR C 690 12.58 21.95 -19.54
CA THR C 690 12.73 22.05 -20.97
C THR C 690 12.42 20.80 -21.77
N ARG C 691 12.60 19.62 -21.18
CA ARG C 691 12.43 18.33 -21.81
C ARG C 691 11.42 17.43 -21.13
N HIS C 692 10.70 17.95 -20.14
CA HIS C 692 9.69 17.25 -19.36
C HIS C 692 10.23 16.03 -18.62
N GLU C 693 11.50 16.05 -18.21
CA GLU C 693 12.09 14.98 -17.44
C GLU C 693 11.41 14.89 -16.07
N ILE C 694 11.18 13.68 -15.57
CA ILE C 694 10.56 13.49 -14.26
C ILE C 694 11.62 13.52 -13.17
N LYS C 695 11.43 14.39 -12.18
CA LYS C 695 12.32 14.58 -11.05
C LYS C 695 12.20 13.43 -10.06
N ASP C 696 13.33 12.86 -9.64
CA ASP C 696 13.35 11.80 -8.65
C ASP C 696 12.65 12.24 -7.38
N SER C 697 11.83 11.34 -6.82
CA SER C 697 11.03 11.57 -5.62
C SER C 697 11.18 10.47 -4.59
N GLY C 698 12.29 9.73 -4.60
CA GLY C 698 12.55 8.63 -3.69
C GLY C 698 11.55 7.50 -3.83
N LEU C 699 11.50 6.61 -2.85
CA LEU C 699 10.55 5.51 -2.82
C LEU C 699 9.16 6.05 -2.54
N LEU C 700 8.14 5.34 -3.03
CA LEU C 700 6.75 5.77 -2.93
C LEU C 700 6.11 5.55 -1.56
N ASP C 701 5.57 6.61 -0.98
CA ASP C 701 4.77 6.55 0.24
C ASP C 701 3.42 5.94 -0.09
N TYR C 702 2.64 5.51 0.91
CA TYR C 702 1.32 4.97 0.62
C TYR C 702 0.44 6.01 -0.07
N THR C 703 0.57 7.29 0.32
CA THR C 703 -0.16 8.37 -0.28
C THR C 703 0.26 8.62 -1.73
N GLU C 704 1.53 8.42 -2.07
CA GLU C 704 2.02 8.58 -3.43
C GLU C 704 1.60 7.40 -4.30
N VAL C 705 1.54 6.19 -3.74
CA VAL C 705 1.08 5.02 -4.47
C VAL C 705 -0.38 5.24 -4.85
N GLN C 706 -1.26 5.57 -3.90
CA GLN C 706 -2.66 5.79 -4.23
C GLN C 706 -2.84 7.01 -5.13
N ARG C 707 -1.95 8.00 -5.08
CA ARG C 707 -2.01 9.14 -5.99
C ARG C 707 -1.70 8.70 -7.41
N ARG C 708 -0.74 7.81 -7.63
CA ARG C 708 -0.41 7.30 -8.95
C ARG C 708 -1.49 6.35 -9.45
N VAL C 709 -2.08 5.50 -8.61
CA VAL C 709 -3.14 4.62 -9.03
C VAL C 709 -4.32 5.43 -9.57
N GLN C 710 -4.69 6.52 -8.89
CA GLN C 710 -5.76 7.40 -9.35
C GLN C 710 -5.40 8.15 -10.62
N LEU C 711 -4.11 8.33 -10.94
CA LEU C 711 -3.69 8.95 -12.18
C LEU C 711 -3.75 7.95 -13.32
N HIS C 712 -3.44 6.68 -13.06
CA HIS C 712 -3.50 5.64 -14.08
C HIS C 712 -4.93 5.36 -14.52
N ASP C 713 -5.91 5.26 -13.62
CA ASP C 713 -7.26 5.03 -14.09
C ASP C 713 -7.83 6.23 -14.85
N LEU C 714 -7.24 7.41 -14.69
CA LEU C 714 -7.58 8.59 -15.47
C LEU C 714 -6.97 8.49 -16.85
N ARG C 715 -5.72 8.02 -16.97
CA ARG C 715 -5.09 7.80 -18.26
C ARG C 715 -5.85 6.74 -19.04
N PHE C 716 -6.29 5.66 -18.38
CA PHE C 716 -7.10 4.65 -19.03
C PHE C 716 -8.41 5.23 -19.53
N ALA C 717 -9.10 6.05 -18.74
CA ALA C 717 -10.34 6.66 -19.16
C ALA C 717 -10.16 7.52 -20.41
N ASP C 718 -9.03 8.22 -20.53
CA ASP C 718 -8.73 9.02 -21.70
C ASP C 718 -8.44 8.17 -22.93
N ILE C 719 -7.68 7.08 -22.79
CA ILE C 719 -7.38 6.15 -23.87
C ILE C 719 -8.65 5.45 -24.35
N ASP C 720 -9.51 5.03 -23.41
CA ASP C 720 -10.77 4.37 -23.65
C ASP C 720 -11.69 5.25 -24.48
N THR C 721 -11.83 6.53 -24.11
CA THR C 721 -12.63 7.48 -24.86
C THR C 721 -12.04 7.70 -26.25
N VAL C 722 -10.72 7.79 -26.42
CA VAL C 722 -10.09 7.96 -27.72
C VAL C 722 -10.45 6.82 -28.66
N ILE C 723 -10.57 5.59 -28.16
CA ILE C 723 -10.91 4.42 -28.95
C ILE C 723 -12.39 4.36 -29.26
N HIS C 724 -13.28 4.62 -28.28
CA HIS C 724 -14.71 4.51 -28.44
C HIS C 724 -15.44 5.74 -28.97
N ALA C 725 -14.81 6.92 -29.04
CA ALA C 725 -15.39 8.14 -29.57
C ALA C 725 -15.36 8.16 -31.09
N ASP C 726 -16.21 7.32 -31.70
CA ASP C 726 -16.34 7.16 -33.13
C ASP C 726 -16.93 8.39 -33.83
N ALA C 727 -16.36 8.78 -34.98
CA ALA C 727 -16.80 9.91 -35.77
C ALA C 727 -18.25 9.76 -36.23
N ASN C 728 -18.73 8.52 -36.40
CA ASN C 728 -20.10 8.25 -36.77
C ASN C 728 -21.06 8.72 -35.68
N ALA C 729 -20.73 8.50 -34.41
CA ALA C 729 -21.55 8.93 -33.28
C ALA C 729 -21.65 10.44 -33.23
N ALA C 730 -20.58 11.15 -33.56
CA ALA C 730 -20.56 12.61 -33.62
C ALA C 730 -21.47 13.11 -34.73
N MET C 731 -21.52 12.43 -35.88
CA MET C 731 -22.38 12.78 -36.99
C MET C 731 -23.84 12.52 -36.63
N PHE C 732 -24.16 11.37 -36.03
CA PHE C 732 -25.50 11.03 -35.60
C PHE C 732 -26.02 12.03 -34.57
N ALA C 733 -25.19 12.46 -33.62
CA ALA C 733 -25.55 13.47 -32.63
C ALA C 733 -25.88 14.79 -33.29
N GLY C 734 -25.15 15.17 -34.34
CA GLY C 734 -25.37 16.37 -35.12
C GLY C 734 -26.71 16.35 -35.85
N LEU C 735 -27.11 15.19 -36.38
CA LEU C 735 -28.38 14.99 -37.04
C LEU C 735 -29.52 15.02 -36.03
N GLY C 736 -29.33 14.42 -34.85
CA GLY C 736 -30.31 14.43 -33.77
C GLY C 736 -30.66 15.87 -33.38
N ALA C 737 -29.64 16.70 -33.18
CA ALA C 737 -29.78 18.10 -32.84
C ALA C 737 -30.50 18.92 -33.90
N PHE C 738 -30.45 18.51 -35.17
CA PHE C 738 -31.13 19.19 -36.27
C PHE C 738 -32.62 18.90 -36.26
N PHE C 739 -33.01 17.62 -36.18
CA PHE C 739 -34.41 17.23 -36.17
C PHE C 739 -35.17 17.61 -34.90
N GLU C 740 -34.49 17.77 -33.76
CA GLU C 740 -35.11 18.25 -32.53
C GLU C 740 -35.74 19.62 -32.71
N GLY C 741 -35.12 20.49 -33.51
CA GLY C 741 -35.59 21.83 -33.80
C GLY C 741 -36.65 21.91 -34.89
N MET C 742 -36.73 20.89 -35.75
CA MET C 742 -37.72 20.81 -36.82
C MET C 742 -39.08 20.32 -36.34
N GLY C 743 -39.11 19.57 -35.24
CA GLY C 743 -40.32 19.04 -34.64
C GLY C 743 -40.88 17.79 -35.31
N ASP C 744 -42.15 17.49 -35.06
CA ASP C 744 -42.85 16.32 -35.56
C ASP C 744 -42.82 16.16 -37.07
N LEU C 745 -42.87 17.25 -37.84
CA LEU C 745 -42.77 17.23 -39.28
C LEU C 745 -41.41 16.73 -39.74
N GLY C 746 -40.38 16.93 -38.92
CA GLY C 746 -39.01 16.51 -39.14
C GLY C 746 -38.74 15.07 -38.70
N ARG C 747 -39.42 14.54 -37.69
CA ARG C 747 -39.22 13.18 -37.22
C ARG C 747 -39.47 12.14 -38.30
N ALA C 748 -40.48 12.34 -39.13
CA ALA C 748 -40.82 11.47 -40.24
C ALA C 748 -39.69 11.39 -41.28
N VAL C 749 -39.00 12.51 -41.53
CA VAL C 749 -37.87 12.60 -42.43
C VAL C 749 -36.62 12.04 -41.77
N GLY C 750 -36.40 12.36 -40.49
CA GLY C 750 -35.29 11.91 -39.67
C GLY C 750 -35.14 10.40 -39.67
N LYS C 751 -36.24 9.67 -39.45
CA LYS C 751 -36.28 8.22 -39.46
C LYS C 751 -35.82 7.63 -40.77
N VAL C 752 -36.08 8.29 -41.89
CA VAL C 752 -35.70 7.86 -43.23
C VAL C 752 -34.22 8.17 -43.50
N VAL C 753 -33.77 9.41 -43.33
CA VAL C 753 -32.40 9.78 -43.58
C VAL C 753 -31.42 9.07 -42.67
N MET C 754 -31.82 8.71 -41.44
CA MET C 754 -30.99 7.95 -40.53
C MET C 754 -30.65 6.58 -41.11
N GLY C 755 -31.59 5.96 -41.82
CA GLY C 755 -31.41 4.70 -42.51
C GLY C 755 -30.49 4.82 -43.73
N ILE C 756 -30.52 5.98 -44.40
CA ILE C 756 -29.66 6.27 -45.54
C ILE C 756 -28.22 6.42 -45.07
N VAL C 757 -27.98 7.21 -44.02
CA VAL C 757 -26.66 7.39 -43.44
C VAL C 757 -26.17 6.06 -42.87
N GLY C 758 -27.05 5.26 -42.26
CA GLY C 758 -26.75 3.94 -41.76
C GLY C 758 -26.23 3.01 -42.87
N GLY C 759 -26.76 3.16 -44.08
CA GLY C 759 -26.35 2.43 -45.26
C GLY C 759 -25.00 2.89 -45.80
N VAL C 760 -24.67 4.17 -45.65
CA VAL C 760 -23.39 4.73 -46.05
C VAL C 760 -22.29 4.24 -45.12
N VAL C 761 -22.48 4.32 -43.81
CA VAL C 761 -21.47 3.89 -42.85
C VAL C 761 -21.22 2.40 -42.92
N SER C 762 -22.24 1.57 -43.19
CA SER C 762 -22.08 0.14 -43.32
C SER C 762 -21.32 -0.24 -44.59
N ALA C 763 -21.46 0.55 -45.67
CA ALA C 763 -20.73 0.34 -46.90
C ALA C 763 -19.26 0.70 -46.71
N VAL C 764 -18.98 1.83 -46.07
CA VAL C 764 -17.64 2.30 -45.78
C VAL C 764 -16.90 1.35 -44.86
N SER C 765 -17.54 0.83 -43.82
CA SER C 765 -16.94 -0.13 -42.91
C SER C 765 -16.71 -1.48 -43.59
N GLY C 766 -17.55 -1.85 -44.56
CA GLY C 766 -17.39 -3.06 -45.35
C GLY C 766 -16.14 -2.98 -46.23
N VAL C 767 -15.91 -1.82 -46.83
CA VAL C 767 -14.74 -1.55 -47.64
C VAL C 767 -13.47 -1.53 -46.78
N SER C 768 -13.46 -0.86 -45.64
CA SER C 768 -12.29 -0.84 -44.77
C SER C 768 -11.96 -2.22 -44.20
N SER C 769 -12.98 -3.05 -43.94
CA SER C 769 -12.80 -4.42 -43.47
C SER C 769 -12.16 -5.28 -44.55
N PHE C 770 -12.56 -5.11 -45.81
CA PHE C 770 -12.01 -5.81 -46.95
C PHE C 770 -10.59 -5.35 -47.25
N MET C 771 -10.33 -4.04 -47.17
CA MET C 771 -9.06 -3.39 -47.41
C MET C 771 -7.96 -3.85 -46.47
N SER C 772 -8.32 -4.26 -45.24
CA SER C 772 -7.39 -4.76 -44.24
C SER C 772 -6.77 -6.10 -44.61
N ASN C 773 -7.47 -6.92 -45.41
CA ASN C 773 -7.02 -8.22 -45.85
C ASN C 773 -5.97 -8.09 -46.95
N PRO C 774 -4.88 -8.86 -46.94
CA PRO C 774 -3.85 -8.78 -47.97
C PRO C 774 -4.35 -8.98 -49.40
N PHE C 775 -5.29 -9.91 -49.62
CA PHE C 775 -5.85 -10.15 -50.93
C PHE C 775 -6.68 -8.96 -51.41
N GLY C 776 -7.35 -8.26 -50.49
CA GLY C 776 -8.13 -7.07 -50.77
C GLY C 776 -7.25 -5.88 -51.12
N ALA C 777 -6.18 -5.67 -50.35
CA ALA C 777 -5.20 -4.62 -50.58
C ALA C 777 -4.50 -4.79 -51.92
N LEU C 778 -4.19 -6.03 -52.30
CA LEU C 778 -3.57 -6.37 -53.56
C LEU C 778 -4.52 -6.15 -54.74
N ALA C 779 -5.78 -6.56 -54.61
CA ALA C 779 -6.79 -6.42 -55.63
C ALA C 779 -7.05 -4.98 -56.02
N VAL C 780 -7.25 -4.08 -55.05
CA VAL C 780 -7.46 -2.68 -55.36
C VAL C 780 -6.23 -2.04 -55.99
N GLY C 781 -5.03 -2.46 -55.57
CA GLY C 781 -3.78 -1.98 -56.13
C GLY C 781 -3.66 -2.32 -57.61
N LEU C 782 -4.01 -3.55 -57.98
CA LEU C 782 -4.00 -4.04 -59.35
C LEU C 782 -4.98 -3.26 -60.22
N LEU C 783 -6.20 -3.02 -59.74
CA LEU C 783 -7.22 -2.27 -60.47
C LEU C 783 -6.83 -0.83 -60.71
N VAL C 784 -6.22 -0.15 -59.72
CA VAL C 784 -5.76 1.22 -59.86
C VAL C 784 -4.67 1.31 -60.92
N LEU C 785 -3.70 0.40 -60.91
CA LEU C 785 -2.64 0.36 -61.89
C LEU C 785 -3.16 0.06 -63.29
N ALA C 786 -4.12 -0.86 -63.43
CA ALA C 786 -4.73 -1.20 -64.70
C ALA C 786 -5.49 -0.02 -65.29
N GLY C 787 -6.25 0.71 -64.47
CA GLY C 787 -6.99 1.88 -64.88
C GLY C 787 -6.09 3.02 -65.32
N LEU C 788 -5.00 3.27 -64.57
CA LEU C 788 -4.02 4.30 -64.88
C LEU C 788 -3.30 4.00 -66.18
N ALA C 789 -2.87 2.75 -66.39
CA ALA C 789 -2.20 2.34 -67.60
C ALA C 789 -3.11 2.44 -68.82
N ALA C 790 -4.36 1.99 -68.70
CA ALA C 790 -5.35 2.08 -69.76
C ALA C 790 -5.60 3.52 -70.15
N ALA C 791 -5.75 4.42 -69.16
CA ALA C 791 -5.97 5.84 -69.39
C ALA C 791 -4.78 6.49 -70.09
N PHE C 792 -3.55 6.18 -69.68
CA PHE C 792 -2.35 6.72 -70.27
C PHE C 792 -2.16 6.23 -71.71
N PHE C 793 -2.35 4.94 -71.99
CA PHE C 793 -2.24 4.41 -73.34
C PHE C 793 -3.32 4.96 -74.25
N ALA C 794 -4.55 5.15 -73.75
CA ALA C 794 -5.63 5.73 -74.52
C ALA C 794 -5.36 7.20 -74.82
N PHE C 795 -4.84 7.96 -73.85
CA PHE C 795 -4.48 9.36 -74.01
C PHE C 795 -3.38 9.52 -75.04
N ARG C 796 -2.36 8.64 -75.03
CA ARG C 796 -1.29 8.61 -76.01
C ARG C 796 -1.83 8.29 -77.40
N TYR C 797 -2.75 7.33 -77.53
CA TYR C 797 -3.35 6.97 -78.80
C TYR C 797 -4.11 8.14 -79.40
N VAL C 798 -4.88 8.88 -78.60
CA VAL C 798 -5.60 10.06 -79.02
C VAL C 798 -4.63 11.16 -79.44
N MET C 799 -3.58 11.39 -78.65
CA MET C 799 -2.55 12.39 -78.93
C MET C 799 -1.85 12.14 -80.26
N ARG C 800 -1.59 10.88 -80.62
CA ARG C 800 -0.98 10.48 -81.87
C ARG C 800 -1.88 10.57 -83.08
N LEU C 801 -3.20 10.74 -82.90
CA LEU C 801 -4.19 10.89 -83.94
C LEU C 801 -4.69 12.31 -84.11
N GLN C 802 -4.74 13.11 -83.04
CA GLN C 802 -5.19 14.49 -83.04
C GLN C 802 -4.47 15.37 -84.05
N SER C 803 -3.18 15.15 -84.27
CA SER C 803 -2.34 15.88 -85.20
C SER C 803 -2.43 15.43 -86.65
N ASN C 804 -3.05 14.28 -86.95
CA ASN C 804 -3.14 13.71 -88.28
C ASN C 804 -4.31 12.75 -88.42
N PRO C 805 -5.56 13.23 -88.46
CA PRO C 805 -6.73 12.38 -88.57
C PRO C 805 -6.85 11.63 -89.89
N MET C 806 -6.14 12.04 -90.95
CA MET C 806 -6.16 11.42 -92.26
C MET C 806 -5.37 10.12 -92.37
N LYS C 807 -4.77 9.61 -91.29
CA LYS C 807 -4.00 8.39 -91.24
C LYS C 807 -4.23 7.61 -89.95
N ALA C 808 -4.18 6.29 -90.04
CA ALA C 808 -4.33 5.31 -88.98
C ALA C 808 -3.38 4.15 -89.15
N GLN D 1 -15.87 29.05 13.41
CA GLN D 1 -17.31 29.31 13.57
C GLN D 1 -17.79 30.28 12.50
N VAL D 2 -19.00 30.07 11.96
CA VAL D 2 -19.62 30.93 10.97
C VAL D 2 -20.36 32.07 11.63
N GLN D 3 -20.38 33.25 11.00
CA GLN D 3 -21.07 34.43 11.49
C GLN D 3 -21.87 35.11 10.39
N LEU D 4 -23.08 35.54 10.70
CA LEU D 4 -23.99 36.22 9.79
C LEU D 4 -24.10 37.70 10.12
N VAL D 5 -23.87 38.57 9.14
CA VAL D 5 -23.95 40.01 9.29
C VAL D 5 -25.26 40.47 8.65
N GLU D 6 -26.31 40.59 9.46
CA GLU D 6 -27.62 41.01 9.01
C GLU D 6 -27.72 42.50 8.77
N SER D 7 -28.52 42.94 7.79
CA SER D 7 -28.73 44.32 7.42
C SER D 7 -30.03 44.56 6.67
N GLY D 8 -30.39 45.83 6.49
CA GLY D 8 -31.57 46.27 5.77
C GLY D 8 -32.82 46.52 6.61
N GLY D 9 -32.81 46.19 7.90
CA GLY D 9 -33.94 46.42 8.80
C GLY D 9 -34.28 47.89 8.96
N GLY D 10 -35.50 48.20 9.35
CA GLY D 10 -35.95 49.58 9.52
C GLY D 10 -37.46 49.75 9.64
N SER D 11 -37.96 50.87 9.12
CA SER D 11 -39.37 51.22 9.15
C SER D 11 -39.81 51.93 7.87
N VAL D 12 -41.03 51.63 7.41
CA VAL D 12 -41.63 52.18 6.22
C VAL D 12 -43.12 52.43 6.43
N GLN D 13 -43.80 52.98 5.42
CA GLN D 13 -45.23 53.21 5.44
C GLN D 13 -45.97 52.06 4.78
N PRO D 14 -47.26 51.85 5.06
CA PRO D 14 -48.04 50.82 4.41
C PRO D 14 -47.97 50.96 2.89
N GLY D 15 -47.82 49.84 2.18
CA GLY D 15 -47.66 49.79 0.74
C GLY D 15 -46.22 49.92 0.27
N GLY D 16 -45.26 50.20 1.17
CA GLY D 16 -43.85 50.33 0.88
C GLY D 16 -43.14 49.01 0.61
N SER D 17 -41.82 49.07 0.45
CA SER D 17 -40.95 47.94 0.16
C SER D 17 -39.62 48.03 0.89
N LEU D 18 -38.98 46.88 1.13
CA LEU D 18 -37.70 46.73 1.79
C LEU D 18 -36.86 45.62 1.16
N ARG D 19 -35.58 45.55 1.55
CA ARG D 19 -34.65 44.56 1.09
C ARG D 19 -33.69 44.15 2.21
N LEU D 20 -33.99 43.05 2.89
CA LEU D 20 -33.14 42.52 3.93
C LEU D 20 -32.00 41.72 3.31
N SER D 21 -30.91 41.53 4.06
CA SER D 21 -29.78 40.76 3.60
C SER D 21 -28.95 40.20 4.75
N CYS D 22 -28.28 39.07 4.52
CA CYS D 22 -27.40 38.43 5.48
C CYS D 22 -26.15 37.92 4.76
N ALA D 23 -25.02 38.59 4.97
CA ALA D 23 -23.75 38.20 4.42
C ALA D 23 -23.06 37.25 5.39
N ALA D 24 -22.53 36.12 4.92
CA ALA D 24 -21.88 35.15 5.77
C ALA D 24 -20.36 35.14 5.61
N SER D 25 -19.67 34.83 6.70
CA SER D 25 -18.23 34.68 6.73
C SER D 25 -17.79 33.57 5.80
N ALA D 26 -16.55 33.59 5.31
CA ALA D 26 -16.02 32.62 4.36
C ALA D 26 -16.14 31.17 4.79
N SER D 27 -16.21 30.91 6.10
CA SER D 27 -16.34 29.59 6.71
C SER D 27 -17.64 28.85 6.43
N GLY D 28 -18.63 29.49 5.80
CA GLY D 28 -19.89 28.86 5.45
C GLY D 28 -20.40 29.43 4.13
N ARG D 29 -20.48 28.60 3.08
CA ARG D 29 -20.93 29.05 1.79
C ARG D 29 -22.44 28.90 1.67
N LEU D 30 -23.19 30.01 1.64
CA LEU D 30 -24.64 29.96 1.59
C LEU D 30 -25.22 29.21 0.40
N SER D 31 -24.61 29.29 -0.78
CA SER D 31 -25.13 28.62 -1.95
C SER D 31 -25.13 27.10 -1.84
N MET D 32 -24.43 26.54 -0.86
CA MET D 32 -24.36 25.12 -0.58
C MET D 32 -25.18 24.70 0.63
N SER D 33 -25.77 25.63 1.39
CA SER D 33 -26.56 25.31 2.57
C SER D 33 -27.76 24.43 2.27
N GLY D 34 -28.07 23.53 3.21
CA GLY D 34 -29.23 22.67 3.09
C GLY D 34 -30.50 23.50 3.23
N ALA D 35 -30.50 24.47 4.13
CA ALA D 35 -31.62 25.38 4.33
C ALA D 35 -31.09 26.75 4.74
N LEU D 36 -31.77 27.80 4.27
CA LEU D 36 -31.48 29.20 4.50
C LEU D 36 -32.82 29.92 4.62
N GLY D 37 -32.90 31.05 5.33
CA GLY D 37 -34.15 31.79 5.32
C GLY D 37 -34.38 32.68 6.54
N TRP D 38 -35.53 33.37 6.50
CA TRP D 38 -35.99 34.25 7.54
C TRP D 38 -37.16 33.66 8.31
N TYR D 39 -37.10 33.82 9.64
CA TYR D 39 -38.12 33.38 10.57
C TYR D 39 -38.57 34.56 11.40
N ARG D 40 -39.89 34.69 11.59
CA ARG D 40 -40.55 35.74 12.34
C ARG D 40 -40.87 35.28 13.76
N GLN D 41 -41.21 36.25 14.63
CA GLN D 41 -41.65 36.05 15.99
C GLN D 41 -42.73 37.04 16.36
N ARG D 47 -40.84 30.64 17.11
CA ARG D 47 -40.48 31.21 15.81
C ARG D 47 -41.38 30.62 14.72
N GLU D 48 -41.51 31.32 13.60
CA GLU D 48 -42.37 30.94 12.48
C GLU D 48 -41.68 31.22 11.15
N LEU D 49 -41.79 30.31 10.18
CA LEU D 49 -41.19 30.46 8.86
C LEU D 49 -41.78 31.61 8.06
N VAL D 50 -40.95 32.32 7.28
CA VAL D 50 -41.38 33.38 6.40
C VAL D 50 -40.98 33.08 4.96
N ALA D 51 -39.70 32.81 4.71
CA ALA D 51 -39.17 32.51 3.40
C ALA D 51 -37.86 31.75 3.53
N THR D 52 -37.67 30.65 2.77
CA THR D 52 -36.48 29.83 2.83
C THR D 52 -36.15 29.19 1.49
N ILE D 53 -34.92 28.66 1.37
CA ILE D 53 -34.43 27.94 0.22
C ILE D 53 -33.99 26.59 0.76
N THR D 54 -34.92 25.64 0.86
CA THR D 54 -34.75 24.35 1.50
C THR D 54 -33.93 23.30 0.76
N ASP D 55 -33.49 23.64 -0.45
CA ASP D 55 -32.57 22.85 -1.24
C ASP D 55 -31.94 23.86 -2.19
N ARG D 56 -30.73 23.58 -2.69
CA ARG D 56 -29.95 24.51 -3.48
C ARG D 56 -30.66 25.20 -4.64
N SER D 57 -31.80 24.66 -5.09
CA SER D 57 -32.61 25.20 -6.15
C SER D 57 -34.11 25.16 -5.86
N SER D 58 -34.55 25.17 -4.60
CA SER D 58 -35.96 25.08 -4.26
C SER D 58 -36.39 26.09 -3.20
N THR D 59 -37.48 26.82 -3.42
CA THR D 59 -37.94 27.91 -2.57
C THR D 59 -39.27 27.69 -1.87
N ASN D 60 -39.45 28.23 -0.68
CA ASN D 60 -40.65 28.15 0.14
C ASN D 60 -41.04 29.48 0.76
N TYR D 61 -42.35 29.68 1.00
CA TYR D 61 -42.90 30.88 1.60
C TYR D 61 -44.14 30.58 2.43
N ALA D 62 -44.43 31.45 3.41
CA ALA D 62 -45.66 31.37 4.16
C ALA D 62 -46.83 31.79 3.27
N ASP D 63 -48.05 31.33 3.56
CA ASP D 63 -49.22 31.63 2.74
C ASP D 63 -49.53 33.11 2.61
N SER D 64 -49.38 33.89 3.67
CA SER D 64 -49.62 35.32 3.70
C SER D 64 -48.56 36.13 2.96
N VAL D 65 -47.53 35.47 2.42
CA VAL D 65 -46.38 36.07 1.76
C VAL D 65 -46.26 35.74 0.28
N LYS D 66 -46.87 34.65 -0.20
CA LYS D 66 -46.79 34.23 -1.59
C LYS D 66 -47.11 35.36 -2.55
N GLY D 67 -46.19 35.62 -3.48
CA GLY D 67 -46.26 36.66 -4.48
C GLY D 67 -45.84 38.05 -4.01
N ARG D 68 -45.71 38.28 -2.70
CA ARG D 68 -45.33 39.54 -2.11
C ARG D 68 -43.83 39.66 -1.89
N PHE D 69 -43.21 38.62 -1.35
CA PHE D 69 -41.78 38.59 -1.08
C PHE D 69 -41.05 37.66 -2.04
N THR D 70 -39.75 37.88 -2.20
CA THR D 70 -38.88 37.12 -3.09
C THR D 70 -37.51 36.94 -2.45
N ILE D 71 -37.12 35.69 -2.21
CA ILE D 71 -35.82 35.36 -1.67
C ILE D 71 -34.85 35.04 -2.80
N SER D 72 -33.58 35.42 -2.66
CA SER D 72 -32.55 35.17 -3.66
C SER D 72 -31.18 35.07 -3.00
N ILE D 73 -30.15 34.71 -3.78
CA ILE D 73 -28.81 34.51 -3.28
C ILE D 73 -27.73 34.90 -4.29
N ASP D 74 -26.59 35.37 -3.77
CA ASP D 74 -25.41 35.77 -4.51
C ASP D 74 -24.20 35.01 -3.99
N ASP D 75 -23.70 34.04 -4.77
CA ASP D 75 -22.55 33.24 -4.40
C ASP D 75 -21.22 33.98 -4.48
N ALA D 76 -21.13 35.07 -5.23
CA ALA D 76 -19.90 35.83 -5.33
C ALA D 76 -19.63 36.60 -4.05
N GLU D 77 -20.67 37.25 -3.51
CA GLU D 77 -20.61 38.00 -2.27
C GLU D 77 -20.96 37.17 -1.05
N ASN D 78 -21.37 35.91 -1.23
CA ASN D 78 -21.77 34.97 -0.21
C ASN D 78 -22.82 35.58 0.71
N THR D 79 -23.89 36.10 0.11
CA THR D 79 -24.97 36.77 0.81
C THR D 79 -26.32 36.49 0.17
N MET D 80 -27.35 36.34 1.01
CA MET D 80 -28.71 36.14 0.56
C MET D 80 -29.52 37.42 0.78
N TYR D 81 -30.60 37.60 0.02
CA TYR D 81 -31.45 38.75 0.08
C TYR D 81 -32.92 38.37 0.13
N LEU D 82 -33.73 39.17 0.81
CA LEU D 82 -35.16 38.98 0.91
C LEU D 82 -35.85 40.28 0.50
N GLN D 83 -36.13 40.39 -0.80
CA GLN D 83 -36.84 41.53 -1.35
C GLN D 83 -38.29 41.38 -0.91
N MET D 84 -38.90 42.41 -0.34
CA MET D 84 -40.26 42.34 0.15
C MET D 84 -41.04 43.59 -0.27
N ASN D 85 -42.14 43.39 -0.99
CA ASN D 85 -42.95 44.46 -1.54
C ASN D 85 -44.38 44.50 -1.00
N SER D 86 -44.99 45.68 -1.09
CA SER D 86 -46.34 45.95 -0.66
C SER D 86 -46.60 45.52 0.78
N LEU D 87 -45.78 46.04 1.70
CA LEU D 87 -45.86 45.72 3.12
C LEU D 87 -47.14 46.24 3.75
N LYS D 88 -47.63 45.53 4.76
CA LYS D 88 -48.86 45.80 5.49
C LYS D 88 -48.60 45.92 6.99
N PRO D 89 -49.45 46.61 7.75
CA PRO D 89 -49.26 46.77 9.18
C PRO D 89 -49.22 45.45 9.95
N GLU D 90 -49.73 44.36 9.35
CA GLU D 90 -49.72 43.02 9.91
C GLU D 90 -48.39 42.30 9.78
N ASP D 91 -47.42 42.83 9.03
CA ASP D 91 -46.10 42.25 8.82
C ASP D 91 -45.05 42.67 9.83
N THR D 92 -45.36 43.59 10.75
CA THR D 92 -44.39 44.08 11.72
C THR D 92 -43.92 43.01 12.69
N GLY D 93 -42.64 43.07 13.08
CA GLY D 93 -42.06 42.14 14.02
C GLY D 93 -40.54 42.02 13.91
N VAL D 94 -39.99 41.03 14.61
CA VAL D 94 -38.58 40.70 14.58
C VAL D 94 -38.35 39.60 13.56
N TYR D 95 -37.39 39.81 12.65
CA TYR D 95 -37.01 38.87 11.62
C TYR D 95 -35.61 38.36 11.92
N TYR D 96 -35.44 37.04 12.01
CA TYR D 96 -34.17 36.40 12.29
C TYR D 96 -33.71 35.60 11.09
N CYS D 97 -32.55 35.91 10.50
CA CYS D 97 -32.04 35.07 9.43
C CYS D 97 -31.36 33.84 10.03
N ASN D 98 -31.41 32.71 9.33
CA ASN D 98 -30.85 31.45 9.75
C ASN D 98 -30.32 30.68 8.55
N ALA D 99 -29.23 29.93 8.76
CA ALA D 99 -28.60 29.12 7.74
C ALA D 99 -28.08 27.85 8.39
N ARG D 100 -28.18 26.71 7.71
CA ARG D 100 -27.73 25.45 8.26
C ARG D 100 -27.16 24.52 7.19
N TRP D 101 -26.06 23.85 7.56
CA TRP D 101 -25.32 22.96 6.69
C TRP D 101 -25.18 21.60 7.36
N ARG D 102 -25.95 20.60 6.93
CA ARG D 102 -25.79 19.23 7.35
C ARG D 102 -25.60 19.03 8.84
N GLY D 103 -26.43 19.67 9.66
CA GLY D 103 -26.39 19.60 11.10
C GLY D 103 -25.80 20.82 11.79
N MET D 104 -24.81 21.49 11.19
CA MET D 104 -24.30 22.74 11.72
C MET D 104 -25.40 23.77 11.51
N ASN D 105 -25.70 24.58 12.52
CA ASN D 105 -26.78 25.55 12.50
C ASN D 105 -26.29 26.92 12.95
N VAL D 106 -26.82 28.01 12.39
CA VAL D 106 -26.43 29.37 12.71
C VAL D 106 -27.61 30.33 12.68
N TRP D 107 -27.69 31.23 13.66
CA TRP D 107 -28.74 32.23 13.76
C TRP D 107 -28.15 33.64 13.81
N GLY D 108 -28.76 34.57 13.06
CA GLY D 108 -28.37 35.97 13.09
C GLY D 108 -29.11 36.70 14.20
N LYS D 109 -28.60 37.84 14.66
CA LYS D 109 -29.26 38.66 15.65
C LYS D 109 -30.48 39.27 14.98
N GLY D 110 -31.68 39.05 15.53
CA GLY D 110 -32.92 39.52 14.95
C GLY D 110 -32.99 41.03 14.72
N THR D 111 -33.61 41.45 13.61
CA THR D 111 -33.80 42.84 13.25
C THR D 111 -35.27 43.25 13.21
N ARG D 112 -35.57 44.45 13.69
CA ARG D 112 -36.89 45.04 13.70
C ARG D 112 -37.32 45.47 12.30
N VAL D 113 -38.62 45.33 12.04
CA VAL D 113 -39.28 45.75 10.82
C VAL D 113 -40.65 46.30 11.21
N THR D 114 -40.89 47.58 10.93
CA THR D 114 -42.12 48.26 11.28
C THR D 114 -42.81 48.94 10.10
N VAL D 115 -44.13 49.07 10.21
CA VAL D 115 -45.07 49.61 9.26
C VAL D 115 -46.11 50.45 9.98
N GLN E 1 34.94 -0.18 3.93
CA GLN E 1 36.20 0.58 3.94
C GLN E 1 36.85 0.55 2.57
N VAL E 2 37.60 1.59 2.19
CA VAL E 2 38.32 1.69 0.93
C VAL E 2 39.82 1.69 1.17
N GLN E 3 40.57 1.07 0.24
CA GLN E 3 42.01 0.97 0.28
C GLN E 3 42.62 1.59 -0.98
N LEU E 4 43.70 2.36 -0.82
CA LEU E 4 44.41 2.99 -1.91
C LEU E 4 45.83 2.44 -2.00
N VAL E 5 46.13 1.75 -3.11
CA VAL E 5 47.41 1.16 -3.39
C VAL E 5 48.21 2.12 -4.26
N GLU E 6 49.03 2.96 -3.62
CA GLU E 6 49.84 3.95 -4.30
C GLU E 6 51.19 3.40 -4.73
N SER E 7 51.65 3.75 -5.94
CA SER E 7 52.91 3.33 -6.49
C SER E 7 53.46 4.28 -7.54
N GLY E 8 54.68 4.00 -8.03
CA GLY E 8 55.36 4.78 -9.05
C GLY E 8 56.40 5.77 -8.54
N GLY E 9 56.51 5.97 -7.22
CA GLY E 9 57.47 6.87 -6.62
C GLY E 9 58.91 6.43 -6.84
N GLY E 10 59.88 7.31 -6.56
CA GLY E 10 61.29 6.99 -6.73
C GLY E 10 62.20 8.21 -6.83
N SER E 11 63.26 8.09 -7.64
CA SER E 11 64.24 9.12 -7.87
C SER E 11 64.62 9.23 -9.33
N VAL E 12 64.89 10.46 -9.80
CA VAL E 12 65.30 10.80 -11.15
C VAL E 12 66.31 11.94 -11.15
N GLN E 13 66.70 12.39 -12.34
CA GLN E 13 67.60 13.51 -12.54
C GLN E 13 66.81 14.72 -13.05
N PRO E 14 67.31 15.95 -12.90
CA PRO E 14 66.65 17.13 -13.42
C PRO E 14 66.33 16.99 -14.90
N GLY E 15 65.14 17.45 -15.29
CA GLY E 15 64.62 17.34 -16.64
C GLY E 15 63.92 16.01 -16.93
N GLY E 16 63.96 15.04 -16.02
CA GLY E 16 63.31 13.75 -16.15
C GLY E 16 61.79 13.81 -15.99
N SER E 17 61.16 12.64 -16.09
CA SER E 17 59.73 12.45 -15.99
C SER E 17 59.34 11.19 -15.22
N LEU E 18 58.16 11.17 -14.63
CA LEU E 18 57.59 10.09 -13.84
C LEU E 18 56.10 9.93 -14.07
N ARG E 19 55.56 8.82 -13.56
CA ARG E 19 54.14 8.48 -13.58
C ARG E 19 53.75 7.85 -12.25
N LEU E 20 53.04 8.62 -11.42
CA LEU E 20 52.49 8.10 -10.18
C LEU E 20 51.13 7.49 -10.48
N SER E 21 50.70 6.53 -9.66
CA SER E 21 49.39 5.92 -9.79
C SER E 21 48.86 5.52 -8.43
N CYS E 22 47.53 5.52 -8.30
CA CYS E 22 46.84 5.21 -7.07
C CYS E 22 45.60 4.41 -7.43
N ALA E 23 45.65 3.10 -7.23
CA ALA E 23 44.57 2.18 -7.53
C ALA E 23 43.68 1.98 -6.31
N ALA E 24 42.36 1.90 -6.49
CA ALA E 24 41.41 1.78 -5.40
C ALA E 24 40.62 0.47 -5.42
N SER E 25 40.26 -0.01 -4.22
CA SER E 25 39.44 -1.19 -4.03
C SER E 25 38.04 -0.96 -4.58
N ALA E 26 37.31 -2.03 -4.92
CA ALA E 26 35.97 -1.94 -5.50
C ALA E 26 34.95 -1.16 -4.67
N SER E 27 35.18 -1.01 -3.37
CA SER E 27 34.34 -0.28 -2.44
C SER E 27 34.29 1.23 -2.67
N GLY E 28 35.10 1.78 -3.59
CA GLY E 28 35.11 3.18 -3.93
C GLY E 28 35.47 3.36 -5.39
N ARG E 29 34.56 3.87 -6.21
CA ARG E 29 34.79 4.06 -7.63
C ARG E 29 35.38 5.45 -7.87
N LEU E 30 36.65 5.54 -8.25
CA LEU E 30 37.33 6.80 -8.43
C LEU E 30 36.65 7.74 -9.41
N SER E 31 36.11 7.26 -10.53
CA SER E 31 35.48 8.11 -11.52
C SER E 31 34.24 8.83 -11.02
N MET E 32 33.66 8.42 -9.89
CA MET E 32 32.50 9.03 -9.29
C MET E 32 32.82 9.92 -8.10
N SER E 33 34.09 9.99 -7.67
CA SER E 33 34.50 10.79 -6.53
C SER E 33 34.23 12.27 -6.71
N GLY E 34 33.90 12.96 -5.61
CA GLY E 34 33.69 14.40 -5.64
C GLY E 34 35.02 15.09 -5.90
N ALA E 35 36.09 14.63 -5.24
CA ALA E 35 37.43 15.12 -5.41
C ALA E 35 38.43 13.98 -5.30
N LEU E 36 39.52 14.08 -6.06
CA LEU E 36 40.62 13.14 -6.17
C LEU E 36 41.90 13.96 -6.36
N GLY E 37 43.06 13.45 -5.97
CA GLY E 37 44.29 14.17 -6.29
C GLY E 37 45.46 13.87 -5.39
N TRP E 38 46.57 14.57 -5.68
CA TRP E 38 47.81 14.48 -4.94
C TRP E 38 48.08 15.78 -4.17
N TYR E 39 48.49 15.60 -2.93
CA TYR E 39 48.87 16.68 -2.03
C TYR E 39 50.31 16.47 -1.60
N ARG E 40 51.08 17.55 -1.53
CA ARG E 40 52.49 17.58 -1.16
C ARG E 40 52.69 18.08 0.27
N GLN E 41 53.87 17.81 0.82
CA GLN E 41 54.31 18.25 2.13
C GLN E 41 55.79 18.59 2.14
N ARG E 47 49.83 20.29 4.62
CA ARG E 47 49.71 19.73 3.27
C ARG E 47 49.37 20.84 2.28
N GLU E 48 49.65 20.62 0.99
CA GLU E 48 49.43 21.57 -0.09
C GLU E 48 48.97 20.87 -1.35
N LEU E 49 48.04 21.46 -2.11
CA LEU E 49 47.53 20.90 -3.34
C LEU E 49 48.56 20.84 -4.46
N VAL E 50 48.52 19.81 -5.29
CA VAL E 50 49.38 19.64 -6.45
C VAL E 50 48.55 19.48 -7.72
N ALA E 51 47.65 18.49 -7.74
CA ALA E 51 46.79 18.23 -8.87
C ALA E 51 45.55 17.47 -8.41
N THR E 52 44.35 17.89 -8.85
CA THR E 52 43.11 17.25 -8.47
C THR E 52 42.07 17.30 -9.57
N ILE E 53 41.06 16.43 -9.47
CA ILE E 53 39.91 16.37 -10.34
C ILE E 53 38.75 16.71 -9.43
N THR E 54 38.50 18.02 -9.26
CA THR E 54 37.57 18.62 -8.32
C THR E 54 36.10 18.33 -8.54
N ASP E 55 35.77 17.76 -9.70
CA ASP E 55 34.46 17.32 -10.12
C ASP E 55 34.73 16.32 -11.24
N ARG E 56 33.80 15.42 -11.52
CA ARG E 56 33.94 14.31 -12.45
C ARG E 56 34.54 14.66 -13.81
N SER E 57 34.47 15.91 -14.24
CA SER E 57 35.01 16.41 -15.49
C SER E 57 35.76 17.73 -15.36
N SER E 58 36.36 18.04 -14.20
CA SER E 58 37.04 19.30 -13.99
C SER E 58 38.39 19.15 -13.29
N THR E 59 39.47 19.61 -13.92
CA THR E 59 40.83 19.48 -13.44
C THR E 59 41.43 20.76 -12.87
N ASN E 60 42.23 20.66 -11.80
CA ASN E 60 42.90 21.74 -11.10
C ASN E 60 44.37 21.44 -10.84
N TYR E 61 45.23 22.47 -10.79
CA TYR E 61 46.65 22.35 -10.57
C TYR E 61 47.24 23.55 -9.81
N ALA E 62 48.38 23.36 -9.15
CA ALA E 62 49.11 24.43 -8.53
C ALA E 62 49.79 25.29 -9.59
N ASP E 63 50.08 26.56 -9.31
CA ASP E 63 50.70 27.46 -10.28
C ASP E 63 52.05 27.01 -10.80
N SER E 64 52.92 26.46 -9.94
CA SER E 64 54.23 25.96 -10.31
C SER E 64 54.21 24.67 -11.12
N VAL E 65 53.02 24.12 -11.36
CA VAL E 65 52.78 22.86 -12.03
C VAL E 65 52.05 22.96 -13.35
N LYS E 66 51.31 24.04 -13.61
CA LYS E 66 50.54 24.21 -14.83
C LYS E 66 51.38 23.96 -16.08
N GLY E 67 50.88 23.07 -16.95
CA GLY E 67 51.51 22.65 -18.18
C GLY E 67 52.60 21.60 -18.04
N ARG E 68 53.11 21.34 -16.83
CA ARG E 68 54.16 20.37 -16.57
C ARG E 68 53.61 18.99 -16.25
N PHE E 69 52.60 18.92 -15.38
CA PHE E 69 51.97 17.68 -14.96
C PHE E 69 50.60 17.53 -15.60
N THR E 70 50.10 16.29 -15.64
CA THR E 70 48.82 15.93 -16.22
C THR E 70 48.17 14.81 -15.42
N ILE E 71 47.00 15.06 -14.83
CA ILE E 71 46.25 14.08 -14.10
C ILE E 71 45.22 13.43 -15.01
N SER E 72 44.98 12.13 -14.84
CA SER E 72 44.02 11.37 -15.62
C SER E 72 43.47 10.20 -14.81
N ILE E 73 42.47 9.50 -15.37
CA ILE E 73 41.79 8.42 -14.69
C ILE E 73 41.30 7.34 -15.64
N ASP E 74 41.29 6.09 -15.17
CA ASP E 74 40.81 4.92 -15.89
C ASP E 74 39.76 4.21 -15.03
N ASP E 75 38.50 4.23 -15.48
CA ASP E 75 37.39 3.61 -14.77
C ASP E 75 37.36 2.10 -14.83
N ALA E 76 38.00 1.47 -15.82
CA ALA E 76 38.06 0.02 -15.92
C ALA E 76 39.03 -0.53 -14.89
N GLU E 77 40.17 0.12 -14.74
CA GLU E 77 41.21 -0.22 -13.77
C GLU E 77 40.93 0.34 -12.38
N ASN E 78 39.98 1.27 -12.26
CA ASN E 78 39.65 2.00 -11.05
C ASN E 78 40.91 2.61 -10.46
N THR E 79 41.68 3.26 -11.32
CA THR E 79 43.00 3.80 -11.00
C THR E 79 43.22 5.16 -11.64
N MET E 80 43.78 6.11 -10.89
CA MET E 80 44.14 7.42 -11.39
C MET E 80 45.65 7.50 -11.54
N TYR E 81 46.09 8.33 -12.50
CA TYR E 81 47.48 8.52 -12.85
C TYR E 81 47.85 9.99 -12.84
N LEU E 82 49.09 10.30 -12.46
CA LEU E 82 49.63 11.65 -12.44
C LEU E 82 50.95 11.63 -13.20
N GLN E 83 50.87 11.89 -14.51
CA GLN E 83 52.03 11.99 -15.36
C GLN E 83 52.71 13.31 -15.02
N MET E 84 54.02 13.33 -14.78
CA MET E 84 54.73 14.53 -14.43
C MET E 84 56.04 14.61 -15.20
N ASN E 85 56.21 15.70 -15.94
CA ASN E 85 57.32 15.88 -16.87
C ASN E 85 58.19 17.10 -16.55
N SER E 86 59.44 17.05 -17.00
CA SER E 86 60.44 18.09 -16.82
C SER E 86 60.59 18.50 -15.36
N LEU E 87 60.86 17.52 -14.50
CA LEU E 87 61.03 17.68 -13.07
C LEU E 87 62.26 18.48 -12.71
N LYS E 88 62.20 19.23 -11.60
CA LYS E 88 63.22 20.13 -11.10
C LYS E 88 63.56 19.83 -9.65
N PRO E 89 64.71 20.27 -9.13
CA PRO E 89 65.11 20.05 -7.76
C PRO E 89 64.13 20.59 -6.73
N GLU E 90 63.32 21.58 -7.11
CA GLU E 90 62.29 22.19 -6.28
C GLU E 90 61.03 21.34 -6.13
N ASP E 91 60.86 20.25 -6.88
CA ASP E 91 59.72 19.38 -6.81
C ASP E 91 59.84 18.22 -5.82
N THR E 92 60.98 18.06 -5.14
CA THR E 92 61.18 16.96 -4.22
C THR E 92 60.32 17.04 -2.98
N GLY E 93 59.95 15.88 -2.42
CA GLY E 93 59.16 15.77 -1.22
C GLY E 93 58.27 14.55 -1.19
N VAL E 94 57.34 14.53 -0.22
CA VAL E 94 56.36 13.45 -0.06
C VAL E 94 55.08 13.84 -0.75
N TYR E 95 54.50 12.91 -1.50
CA TYR E 95 53.25 13.05 -2.22
C TYR E 95 52.24 12.07 -1.65
N TYR E 96 51.01 12.49 -1.39
CA TYR E 96 49.97 11.66 -0.82
C TYR E 96 48.72 11.64 -1.70
N CYS E 97 48.32 10.49 -2.26
CA CYS E 97 47.07 10.46 -2.98
C CYS E 97 45.92 10.53 -1.99
N ASN E 98 44.82 11.15 -2.39
CA ASN E 98 43.63 11.33 -1.58
C ASN E 98 42.40 11.28 -2.50
N ALA E 99 41.32 10.67 -2.00
CA ALA E 99 40.06 10.55 -2.72
C ALA E 99 38.93 10.73 -1.71
N ARG E 100 37.83 11.35 -2.11
CA ARG E 100 36.72 11.55 -1.20
C ARG E 100 35.38 11.56 -1.94
N TRP E 101 34.41 10.87 -1.34
CA TRP E 101 33.08 10.72 -1.87
C TRP E 101 32.07 11.25 -0.86
N ARG E 102 31.49 12.42 -1.13
CA ARG E 102 30.38 12.95 -0.36
C ARG E 102 30.53 12.82 1.15
N GLY E 103 31.65 13.31 1.70
CA GLY E 103 31.94 13.25 3.12
C GLY E 103 32.83 12.10 3.55
N MET E 104 32.81 10.96 2.85
CA MET E 104 33.65 9.82 3.17
C MET E 104 35.02 10.06 2.55
N ASN E 105 36.03 10.32 3.38
CA ASN E 105 37.38 10.65 2.96
C ASN E 105 38.37 9.50 3.10
N VAL E 106 39.41 9.46 2.26
CA VAL E 106 40.44 8.43 2.29
C VAL E 106 41.80 8.98 1.89
N TRP E 107 42.86 8.61 2.61
CA TRP E 107 44.23 9.01 2.34
C TRP E 107 45.13 7.81 2.09
N GLY E 108 46.01 7.91 1.10
CA GLY E 108 47.01 6.89 0.81
C GLY E 108 48.28 7.15 1.60
N LYS E 109 49.12 6.13 1.79
CA LYS E 109 50.40 6.28 2.45
C LYS E 109 51.31 7.05 1.52
N GLY E 110 51.94 8.11 2.01
CA GLY E 110 52.79 8.98 1.21
C GLY E 110 53.96 8.29 0.53
N THR E 111 54.32 8.74 -0.68
CA THR E 111 55.44 8.24 -1.46
C THR E 111 56.48 9.33 -1.68
N ARG E 112 57.76 8.92 -1.75
CA ARG E 112 58.90 9.78 -1.96
C ARG E 112 59.15 10.08 -3.43
N VAL E 113 59.59 11.30 -3.70
CA VAL E 113 59.98 11.77 -5.03
C VAL E 113 61.22 12.64 -4.86
N THR E 114 62.33 12.25 -5.49
CA THR E 114 63.59 12.96 -5.43
C THR E 114 64.19 13.25 -6.81
N VAL E 115 64.95 14.35 -6.87
CA VAL E 115 65.59 14.91 -8.04
C VAL E 115 66.99 15.39 -7.67
N GLN F 1 -16.45 -30.75 7.87
CA GLN F 1 -15.94 -32.10 7.63
C GLN F 1 -16.65 -32.74 6.44
N VAL F 2 -15.94 -33.50 5.61
CA VAL F 2 -16.49 -34.20 4.46
C VAL F 2 -17.07 -35.54 4.88
N GLN F 3 -18.16 -35.97 4.26
CA GLN F 3 -18.82 -37.23 4.54
C GLN F 3 -19.17 -37.97 3.25
N LEU F 4 -18.89 -39.27 3.20
CA LEU F 4 -19.14 -40.14 2.06
C LEU F 4 -20.34 -41.04 2.32
N VAL F 5 -21.33 -41.00 1.43
CA VAL F 5 -22.53 -41.80 1.49
C VAL F 5 -22.35 -42.97 0.53
N GLU F 6 -21.86 -44.09 1.05
CA GLU F 6 -21.63 -45.29 0.27
C GLU F 6 -22.90 -46.10 0.04
N SER F 7 -23.05 -46.66 -1.16
CA SER F 7 -24.21 -47.43 -1.57
C SER F 7 -23.91 -48.41 -2.70
N GLY F 8 -24.87 -49.27 -3.02
CA GLY F 8 -24.79 -50.26 -4.08
C GLY F 8 -24.32 -51.66 -3.68
N GLY F 9 -23.82 -51.85 -2.46
CA GLY F 9 -23.37 -53.15 -1.98
C GLY F 9 -24.49 -54.17 -1.89
N GLY F 10 -24.16 -55.46 -1.98
CA GLY F 10 -25.15 -56.52 -1.93
C GLY F 10 -24.60 -57.92 -2.16
N SER F 11 -25.43 -58.79 -2.74
CA SER F 11 -25.11 -60.17 -3.03
C SER F 11 -25.57 -60.58 -4.43
N VAL F 12 -24.77 -61.38 -5.13
CA VAL F 12 -25.03 -61.87 -6.47
C VAL F 12 -24.57 -63.32 -6.61
N GLN F 13 -24.63 -63.84 -7.84
CA GLN F 13 -24.18 -65.18 -8.20
C GLN F 13 -22.91 -65.09 -9.05
N PRO F 14 -22.10 -66.16 -9.14
CA PRO F 14 -20.92 -66.18 -9.98
C PRO F 14 -21.24 -65.79 -11.41
N GLY F 15 -20.41 -64.93 -12.00
CA GLY F 15 -20.59 -64.38 -13.33
C GLY F 15 -21.44 -63.13 -13.38
N GLY F 16 -22.03 -62.70 -12.25
CA GLY F 16 -22.84 -61.52 -12.14
C GLY F 16 -22.06 -60.20 -12.17
N SER F 17 -22.78 -59.09 -12.05
CA SER F 17 -22.26 -57.74 -12.08
C SER F 17 -22.92 -56.83 -11.05
N LEU F 18 -22.22 -55.78 -10.62
CA LEU F 18 -22.65 -54.80 -9.65
C LEU F 18 -22.15 -53.39 -10.00
N ARG F 19 -22.64 -52.40 -9.26
CA ARG F 19 -22.28 -51.00 -9.40
C ARG F 19 -22.27 -50.31 -8.04
N LEU F 20 -21.08 -50.18 -7.44
CA LEU F 20 -20.93 -49.47 -6.19
C LEU F 20 -20.84 -47.98 -6.45
N SER F 21 -21.10 -47.15 -5.44
CA SER F 21 -21.01 -45.71 -5.55
C SER F 21 -20.79 -45.02 -4.22
N CYS F 22 -20.15 -43.85 -4.24
CA CYS F 22 -19.88 -43.04 -3.07
C CYS F 22 -20.09 -41.57 -3.39
N ALA F 23 -21.21 -41.00 -2.93
CA ALA F 23 -21.52 -39.60 -3.10
C ALA F 23 -20.91 -38.80 -1.96
N ALA F 24 -20.32 -37.63 -2.24
CA ALA F 24 -19.70 -36.80 -1.23
C ALA F 24 -20.39 -35.46 -1.02
N SER F 25 -20.35 -34.97 0.22
CA SER F 25 -20.88 -33.67 0.60
C SER F 25 -20.15 -32.55 -0.14
N ALA F 26 -20.78 -31.39 -0.32
CA ALA F 26 -20.22 -30.26 -1.04
C ALA F 26 -18.86 -29.76 -0.53
N SER F 27 -18.49 -30.09 0.71
CA SER F 27 -17.23 -29.75 1.34
C SER F 27 -16.02 -30.44 0.75
N GLY F 28 -16.18 -31.38 -0.18
CA GLY F 28 -15.09 -32.07 -0.85
C GLY F 28 -15.50 -32.45 -2.26
N ARG F 29 -14.88 -31.86 -3.28
CA ARG F 29 -15.21 -32.12 -4.67
C ARG F 29 -14.39 -33.30 -5.17
N LEU F 30 -15.02 -34.46 -5.42
CA LEU F 30 -14.31 -35.66 -5.82
C LEU F 30 -13.45 -35.49 -7.07
N SER F 31 -13.91 -34.76 -8.08
CA SER F 31 -13.16 -34.59 -9.32
C SER F 31 -11.84 -33.86 -9.16
N MET F 32 -11.59 -33.20 -8.02
CA MET F 32 -10.35 -32.50 -7.72
C MET F 32 -9.45 -33.26 -6.76
N SER F 33 -9.88 -34.41 -6.23
CA SER F 33 -9.11 -35.19 -5.29
C SER F 33 -7.78 -35.68 -5.86
N GLY F 34 -6.78 -35.79 -4.98
CA GLY F 34 -5.49 -36.32 -5.37
C GLY F 34 -5.61 -37.81 -5.63
N ALA F 35 -6.37 -38.52 -4.79
CA ALA F 35 -6.65 -39.94 -4.92
C ALA F 35 -8.05 -40.25 -4.44
N LEU F 36 -8.67 -41.26 -5.06
CA LEU F 36 -10.01 -41.76 -4.82
C LEU F 36 -9.99 -43.27 -5.07
N GLY F 37 -10.91 -44.04 -4.49
CA GLY F 37 -10.97 -45.45 -4.84
C GLY F 37 -11.47 -46.37 -3.75
N TRP F 38 -11.48 -47.67 -4.07
CA TRP F 38 -11.92 -48.73 -3.19
C TRP F 38 -10.77 -49.64 -2.76
N TYR F 39 -10.84 -50.07 -1.50
CA TYR F 39 -9.87 -50.95 -0.89
C TYR F 39 -10.59 -52.12 -0.24
N ARG F 40 -10.11 -53.35 -0.51
CA ARG F 40 -10.63 -54.59 0.04
C ARG F 40 -9.94 -54.89 1.37
N GLN F 41 -10.57 -55.76 2.17
CA GLN F 41 -10.06 -56.24 3.45
C GLN F 41 -10.25 -57.74 3.56
N ARG F 47 -5.63 -53.60 4.75
CA ARG F 47 -6.36 -53.14 3.56
C ARG F 47 -5.50 -53.32 2.31
N GLU F 48 -6.14 -53.47 1.15
CA GLU F 48 -5.49 -53.68 -0.13
C GLU F 48 -6.24 -52.95 -1.24
N LEU F 49 -5.55 -52.25 -2.13
CA LEU F 49 -6.16 -51.50 -3.21
C LEU F 49 -6.87 -52.40 -4.22
N VAL F 50 -7.99 -51.91 -4.76
CA VAL F 50 -8.79 -52.57 -5.77
C VAL F 50 -8.84 -51.73 -7.05
N ALA F 51 -9.24 -50.47 -6.93
CA ALA F 51 -9.35 -49.54 -8.05
C ALA F 51 -9.27 -48.11 -7.54
N THR F 52 -8.51 -47.23 -8.20
CA THR F 52 -8.35 -45.85 -7.79
C THR F 52 -8.10 -44.92 -8.97
N ILE F 53 -8.19 -43.61 -8.71
CA ILE F 53 -7.91 -42.56 -9.67
C ILE F 53 -6.86 -41.67 -9.01
N THR F 54 -5.58 -41.95 -9.22
CA THR F 54 -4.46 -41.31 -8.55
C THR F 54 -4.08 -39.92 -9.01
N ASP F 55 -4.75 -39.44 -10.07
CA ASP F 55 -4.63 -38.08 -10.54
C ASP F 55 -5.91 -37.84 -11.31
N ARG F 56 -6.32 -36.57 -11.45
CA ARG F 56 -7.58 -36.16 -12.03
C ARG F 56 -7.94 -36.83 -13.36
N SER F 57 -6.97 -37.38 -14.08
CA SER F 57 -7.13 -38.10 -15.33
C SER F 57 -6.30 -39.37 -15.42
N SER F 58 -6.00 -40.06 -14.32
CA SER F 58 -5.19 -41.26 -14.33
C SER F 58 -5.74 -42.37 -13.43
N THR F 59 -5.90 -43.58 -13.97
CA THR F 59 -6.54 -44.71 -13.31
C THR F 59 -5.63 -45.90 -13.00
N ASN F 60 -5.92 -46.62 -11.92
CA ASN F 60 -5.17 -47.77 -11.45
C ASN F 60 -6.08 -48.91 -10.99
N TYR F 61 -5.61 -50.16 -11.11
CA TYR F 61 -6.34 -51.35 -10.71
C TYR F 61 -5.41 -52.45 -10.21
N ALA F 62 -5.93 -53.36 -9.38
CA ALA F 62 -5.19 -54.54 -8.97
C ALA F 62 -5.09 -55.49 -10.17
N ASP F 63 -4.07 -56.35 -10.23
CA ASP F 63 -3.87 -57.24 -11.35
C ASP F 63 -5.01 -58.22 -11.63
N SER F 64 -5.65 -58.75 -10.58
CA SER F 64 -6.78 -59.66 -10.70
C SER F 64 -8.06 -58.98 -11.15
N VAL F 65 -8.08 -57.65 -11.19
CA VAL F 65 -9.23 -56.83 -11.53
C VAL F 65 -9.20 -56.26 -12.94
N LYS F 66 -8.03 -56.17 -13.57
CA LYS F 66 -7.88 -55.62 -14.91
C LYS F 66 -8.85 -56.26 -15.89
N GLY F 67 -9.62 -55.42 -16.58
CA GLY F 67 -10.66 -55.80 -17.53
C GLY F 67 -12.01 -56.13 -16.91
N ARG F 68 -12.08 -56.52 -15.64
CA ARG F 68 -13.33 -56.83 -14.97
C ARG F 68 -14.05 -55.58 -14.48
N PHE F 69 -13.35 -54.71 -13.76
CA PHE F 69 -13.93 -53.52 -13.16
C PHE F 69 -13.49 -52.25 -13.87
N THR F 70 -14.32 -51.20 -13.80
CA THR F 70 -14.04 -49.90 -14.36
C THR F 70 -14.55 -48.81 -13.42
N ILE F 71 -13.65 -47.91 -13.02
CA ILE F 71 -13.97 -46.80 -12.15
C ILE F 71 -14.27 -45.56 -12.97
N SER F 72 -15.20 -44.73 -12.52
CA SER F 72 -15.59 -43.49 -13.18
C SER F 72 -16.07 -42.46 -12.17
N ILE F 73 -16.35 -41.24 -12.64
CA ILE F 73 -16.73 -40.13 -11.79
C ILE F 73 -17.70 -39.17 -12.47
N ASP F 74 -18.59 -38.57 -11.68
CA ASP F 74 -19.58 -37.59 -12.09
C ASP F 74 -19.43 -36.33 -11.24
N ASP F 75 -18.90 -35.27 -11.85
CA ASP F 75 -18.69 -34.00 -11.17
C ASP F 75 -19.98 -33.22 -10.90
N ALA F 76 -21.08 -33.51 -11.61
CA ALA F 76 -22.33 -32.82 -11.40
C ALA F 76 -22.99 -33.29 -10.10
N GLU F 77 -23.03 -34.61 -9.90
CA GLU F 77 -23.59 -35.22 -8.71
C GLU F 77 -22.57 -35.42 -7.59
N ASN F 78 -21.30 -35.10 -7.84
CA ASN F 78 -20.18 -35.23 -6.93
C ASN F 78 -20.12 -36.63 -6.35
N THR F 79 -20.11 -37.62 -7.24
CA THR F 79 -20.12 -39.03 -6.88
C THR F 79 -19.28 -39.86 -7.85
N MET F 80 -18.64 -40.91 -7.33
CA MET F 80 -17.84 -41.83 -8.11
C MET F 80 -18.51 -43.20 -8.14
N TYR F 81 -18.29 -43.96 -9.21
CA TYR F 81 -18.87 -45.27 -9.41
C TYR F 81 -17.81 -46.31 -9.73
N LEU F 82 -18.03 -47.55 -9.27
CA LEU F 82 -17.16 -48.68 -9.56
C LEU F 82 -18.01 -49.78 -10.16
N GLN F 83 -18.09 -49.79 -11.50
CA GLN F 83 -18.80 -50.81 -12.23
C GLN F 83 -17.93 -52.06 -12.17
N MET F 84 -18.50 -53.22 -11.81
CA MET F 84 -17.74 -54.45 -11.66
C MET F 84 -18.51 -55.60 -12.30
N ASN F 85 -17.88 -56.30 -13.25
CA ASN F 85 -18.50 -57.34 -14.04
C ASN F 85 -17.76 -58.66 -13.98
N SER F 86 -18.47 -59.75 -14.27
CA SER F 86 -17.94 -61.11 -14.28
C SER F 86 -17.30 -61.49 -12.95
N LEU F 87 -18.04 -61.25 -11.87
CA LEU F 87 -17.63 -61.49 -10.50
C LEU F 87 -17.43 -62.96 -10.17
N LYS F 88 -16.48 -63.25 -9.28
CA LYS F 88 -16.09 -64.57 -8.82
C LYS F 88 -16.13 -64.67 -7.31
N PRO F 89 -16.20 -65.86 -6.71
CA PRO F 89 -16.21 -66.03 -5.27
C PRO F 89 -15.01 -65.42 -4.57
N GLU F 90 -13.85 -65.37 -5.24
CA GLU F 90 -12.64 -64.76 -4.72
C GLU F 90 -12.74 -63.25 -4.56
N ASP F 91 -13.69 -62.59 -5.22
CA ASP F 91 -13.93 -61.16 -5.15
C ASP F 91 -14.75 -60.75 -3.93
N THR F 92 -15.24 -61.71 -3.13
CA THR F 92 -16.04 -61.43 -1.95
C THR F 92 -15.23 -60.80 -0.82
N GLY F 93 -15.89 -59.98 -0.01
CA GLY F 93 -15.29 -59.30 1.12
C GLY F 93 -15.91 -57.93 1.39
N VAL F 94 -15.28 -57.15 2.25
CA VAL F 94 -15.70 -55.80 2.58
C VAL F 94 -14.89 -54.81 1.75
N TYR F 95 -15.60 -53.88 1.10
CA TYR F 95 -15.03 -52.85 0.26
C TYR F 95 -15.22 -51.49 0.95
N TYR F 96 -14.13 -50.74 1.13
CA TYR F 96 -14.15 -49.44 1.77
C TYR F 96 -13.79 -48.36 0.76
N CYS F 97 -14.68 -47.40 0.50
CA CYS F 97 -14.31 -46.30 -0.37
C CYS F 97 -13.52 -45.27 0.41
N ASN F 98 -12.59 -44.57 -0.27
CA ASN F 98 -11.73 -43.58 0.32
C ASN F 98 -11.44 -42.47 -0.67
N ALA F 99 -11.28 -41.24 -0.17
CA ALA F 99 -10.98 -40.07 -0.97
C ALA F 99 -10.03 -39.19 -0.16
N ARG F 100 -9.09 -38.51 -0.82
CA ARG F 100 -8.15 -37.66 -0.13
C ARG F 100 -7.71 -36.47 -0.97
N TRP F 101 -7.64 -35.30 -0.31
CA TRP F 101 -7.30 -34.03 -0.92
C TRP F 101 -6.09 -33.43 -0.21
N ARG F 102 -4.91 -33.50 -0.81
CA ARG F 102 -3.73 -32.80 -0.33
C ARG F 102 -3.50 -32.88 1.17
N GLY F 103 -3.55 -34.09 1.73
CA GLY F 103 -3.35 -34.34 3.15
C GLY F 103 -4.64 -34.62 3.92
N MET F 104 -5.76 -33.99 3.59
CA MET F 104 -7.04 -34.31 4.21
C MET F 104 -7.43 -35.68 3.68
N ASN F 105 -7.84 -36.60 4.56
CA ASN F 105 -8.19 -37.95 4.19
C ASN F 105 -9.57 -38.33 4.72
N VAL F 106 -10.33 -39.16 4.00
CA VAL F 106 -11.66 -39.57 4.39
C VAL F 106 -11.95 -41.03 4.03
N TRP F 107 -12.58 -41.77 4.93
CA TRP F 107 -12.97 -43.16 4.72
C TRP F 107 -14.46 -43.34 4.86
N GLY F 108 -15.08 -44.12 3.97
CA GLY F 108 -16.48 -44.47 4.05
C GLY F 108 -16.65 -45.74 4.89
N LYS F 109 -17.85 -45.95 5.44
CA LYS F 109 -18.15 -47.15 6.20
C LYS F 109 -18.21 -48.31 5.21
N GLY F 110 -17.35 -49.31 5.39
CA GLY F 110 -17.23 -50.44 4.47
C GLY F 110 -18.52 -51.20 4.21
N THR F 111 -18.73 -51.62 2.96
CA THR F 111 -19.88 -52.40 2.54
C THR F 111 -19.47 -53.79 2.03
N ARG F 112 -20.20 -54.81 2.46
CA ARG F 112 -19.96 -56.20 2.09
C ARG F 112 -20.49 -56.52 0.70
N VAL F 113 -19.77 -57.41 0.01
CA VAL F 113 -20.09 -57.94 -1.31
C VAL F 113 -19.92 -59.44 -1.27
N THR F 114 -20.97 -60.18 -1.62
CA THR F 114 -20.99 -61.63 -1.63
C THR F 114 -21.37 -62.23 -2.98
N VAL F 115 -20.81 -63.41 -3.26
CA VAL F 115 -20.95 -64.19 -4.48
C VAL F 115 -21.09 -65.66 -4.14
C1 NAG G . -11.72 30.41 31.32
C2 NAG G . -12.99 30.09 30.47
C3 NAG G . -13.18 31.16 29.36
C4 NAG G . -13.03 32.62 29.86
C5 NAG G . -11.81 32.83 30.79
C6 NAG G . -11.82 34.23 31.43
C7 NAG G . -13.33 27.62 30.46
C8 NAG G . -13.11 26.30 29.70
N2 NAG G . -12.89 28.74 29.87
O3 NAG G . -14.49 31.02 28.73
O4 NAG G . -12.83 33.50 28.67
O5 NAG G . -11.80 31.78 31.84
O6 NAG G . -10.61 34.44 32.21
O7 NAG G . -13.88 27.65 31.58
C1 NAG G . -13.96 34.35 28.24
C2 NAG G . -13.49 35.40 27.19
C3 NAG G . -14.69 36.21 26.64
C4 NAG G . -15.81 35.28 26.12
C5 NAG G . -16.23 34.25 27.19
C6 NAG G . -17.29 33.23 26.72
C7 NAG G . -11.16 36.28 27.43
C8 NAG G . -10.26 37.32 28.12
N2 NAG G . -12.46 36.30 27.77
O3 NAG G . -14.27 37.11 25.55
O4 NAG G . -16.98 36.10 25.76
O5 NAG G . -15.02 33.51 27.66
O6 NAG G . -16.92 32.59 25.49
O7 NAG G . -10.72 35.47 26.61
C1 NAG H . -17.58 -32.26 26.16
C2 NAG H . -16.90 -33.39 25.33
C3 NAG H . -17.67 -33.57 23.99
C4 NAG H . -19.17 -33.88 24.27
C5 NAG H . -19.82 -32.86 25.23
C6 NAG H . -21.23 -33.32 25.69
C7 NAG H . -14.54 -33.52 26.04
C8 NAG H . -13.06 -33.25 25.68
N2 NAG H . -15.45 -33.14 25.12
O3 NAG H . -17.08 -34.65 23.20
O4 NAG H . -19.94 -33.85 23.01
O5 NAG H . -18.96 -32.65 26.44
O6 NAG H . -21.89 -32.27 26.44
O7 NAG H . -14.86 -34.03 27.11
C1 NAG H . -20.24 -35.14 22.35
C2 NAG H . -21.46 -35.03 21.39
C3 NAG H . -21.67 -36.36 20.60
C4 NAG H . -20.37 -36.82 19.89
C5 NAG H . -19.15 -36.85 20.84
C6 NAG H . -17.81 -37.15 20.15
C7 NAG H . -23.32 -33.50 22.04
C8 NAG H . -24.56 -33.32 22.94
N2 NAG H . -22.69 -34.67 22.13
O3 NAG H . -22.73 -36.22 19.61
O4 NAG H . -20.58 -38.15 19.37
O5 NAG H . -19.05 -35.56 21.59
O6 NAG H . -17.51 -36.16 19.13
O7 NAG H . -22.92 -32.60 21.28
C1 NAG I . -0.04 25.49 44.27
C2 NAG I . 0.04 26.89 43.62
C3 NAG I . 0.06 27.98 44.73
C4 NAG I . -1.08 27.79 45.78
C5 NAG I . -1.20 26.34 46.29
C6 NAG I . -2.49 26.14 47.12
C7 NAG I . 1.42 27.83 41.75
C8 NAG I . 2.59 27.54 40.78
N2 NAG I . 1.24 26.97 42.74
O3 NAG I . -0.06 29.32 44.15
O4 NAG I . -0.84 28.65 46.97
O5 NAG I . -1.21 25.39 45.14
O6 NAG I . -2.44 24.92 47.88
O7 NAG I . 0.70 28.83 41.62
C1 NAG I . -1.77 29.80 47.18
C2 NAG I . -1.81 30.22 48.68
C3 NAG I . -2.68 31.49 48.88
C4 NAG I . -2.25 32.64 47.93
C5 NAG I . -2.14 32.19 46.44
C6 NAG I . -1.54 33.26 45.52
C7 NAG I . -1.58 28.45 50.42
C8 NAG I . -2.33 27.39 51.26
N2 NAG I . -2.32 29.11 49.53
O3 NAG I . -2.61 31.97 50.26
O4 NAG I . -3.23 33.73 48.02
O5 NAG I . -1.33 30.93 46.35
O6 NAG I . -0.20 33.65 45.94
O7 NAG I . -0.38 28.65 50.57
C1 NAG J . 33.19 -13.77 36.37
C2 NAG J . 34.12 -14.60 35.46
C3 NAG J . 35.41 -15.02 36.22
C4 NAG J . 36.07 -13.90 37.06
C5 NAG J . 35.05 -13.09 37.88
C6 NAG J . 35.70 -11.83 38.51
C7 NAG J . 33.10 -16.11 33.74
C8 NAG J . 32.43 -17.48 33.51
N2 NAG J . 33.41 -15.83 35.01
O3 NAG J . 36.39 -15.54 35.26
O4 NAG J . 37.00 -14.52 38.04
O5 NAG J . 33.92 -12.66 37.00
O6 NAG J . 34.88 -11.31 39.57
O7 NAG J . 33.36 -15.35 32.81
C1 NAG J . 38.44 -14.24 37.91
C2 NAG J . 39.17 -14.43 39.28
C3 NAG J . 40.71 -14.31 39.13
C4 NAG J . 41.25 -15.23 38.02
C5 NAG J . 40.50 -15.03 36.67
C6 NAG J . 40.92 -16.01 35.56
C7 NAG J . 37.95 -13.78 41.35
C8 NAG J . 37.54 -12.61 42.28
N2 NAG J . 38.66 -13.46 40.27
O3 NAG J . 41.38 -14.64 40.39
O4 NAG J . 42.67 -14.94 37.81
O5 NAG J . 39.03 -15.13 36.89
O6 NAG J . 40.81 -17.38 35.99
O7 NAG J . 37.62 -14.95 41.60
C1 NAG K . -17.61 -23.35 42.01
C2 NAG K . -18.96 -23.80 41.36
C3 NAG K . -19.79 -24.57 42.42
C4 NAG K . -18.98 -25.70 43.11
C5 NAG K . -17.61 -25.22 43.63
C6 NAG K . -16.74 -26.41 44.11
C7 NAG K . -20.58 -22.63 39.89
C8 NAG K . -20.92 -21.28 39.22
N2 NAG K . -19.65 -22.61 40.83
O3 NAG K . -20.98 -25.16 41.81
O4 NAG K . -19.72 -26.23 44.29
O5 NAG K . -16.89 -24.50 42.55
O6 NAG K . -15.59 -25.96 44.86
O7 NAG K . -21.17 -23.66 39.57
C1 NAG K . -20.17 -27.64 44.23
C2 NAG K . -20.41 -28.24 45.65
C3 NAG K . -21.03 -29.66 45.58
C4 NAG K . -22.28 -29.71 44.67
C5 NAG K . -22.00 -29.09 43.27
C6 NAG K . -23.24 -29.00 42.36
C7 NAG K . -18.91 -27.51 47.50
C8 NAG K . -17.56 -27.77 48.22
N2 NAG K . -19.15 -28.26 46.43
O3 NAG K . -21.41 -30.13 46.92
O4 NAG K . -22.67 -31.11 44.49
O5 NAG K . -21.41 -27.73 43.42
O6 NAG K . -24.34 -28.33 43.02
O7 NAG K . -19.70 -26.67 47.90
C1 NAG L . 10.82 -23.00 48.35
C2 NAG L . 12.38 -22.90 48.47
C3 NAG L . 12.87 -23.54 49.79
C4 NAG L . 12.08 -23.03 51.03
C5 NAG L . 10.56 -23.12 50.83
C6 NAG L . 9.77 -22.47 51.98
C7 NAG L . 13.71 -22.88 46.36
C8 NAG L . 14.30 -23.72 45.22
N2 NAG L . 13.04 -23.54 47.31
O3 NAG L . 14.30 -23.25 49.97
O4 NAG L . 12.38 -23.85 52.24
O5 NAG L . 10.17 -22.46 49.56
O6 NAG L . 8.35 -22.58 51.73
O7 NAG L . 13.86 -21.65 46.41
C1 NAG L . 13.71 -23.70 52.90
C2 NAG L . 13.54 -23.56 54.44
C3 NAG L . 14.92 -23.56 55.16
C4 NAG L . 15.80 -24.77 54.72
C5 NAG L . 15.90 -24.90 53.18
C6 NAG L . 16.64 -26.17 52.70
C7 NAG L . 11.69 -22.30 55.53
C8 NAG L . 11.03 -20.92 55.74
N2 NAG L . 12.78 -22.32 54.77
O3 NAG L . 14.78 -23.57 56.62
O4 NAG L . 17.13 -24.58 55.25
O5 NAG L . 14.53 -24.88 52.58
O6 NAG L . 15.91 -27.36 53.07
O7 NAG L . 11.22 -23.33 56.03
C1 NAG M . 20.06 8.36 50.00
C2 NAG M . 19.23 9.57 50.54
C3 NAG M . 19.70 9.97 51.96
C4 NAG M . 19.81 8.76 52.93
C5 NAG M . 20.59 7.57 52.30
C6 NAG M . 20.54 6.30 53.17
C7 NAG M . 18.28 11.20 48.91
C8 NAG M . 18.59 12.39 47.98
N2 NAG M . 19.32 10.73 49.62
O3 NAG M . 18.77 10.96 52.53
O4 NAG M . 20.53 9.09 54.19
O5 NAG M . 20.06 7.25 50.96
O6 NAG M . 21.28 5.23 52.54
O7 NAG M . 17.16 10.72 48.99
C1 NAG M . 19.86 9.96 55.18
C2 NAG M . 20.02 9.39 56.63
C3 NAG M . 19.45 10.37 57.68
C4 NAG M . 20.04 11.80 57.51
C5 NAG M . 19.90 12.32 56.06
C6 NAG M . 20.59 13.68 55.81
C7 NAG M . 20.00 6.91 56.92
C8 NAG M . 19.12 5.63 56.98
N2 NAG M . 19.35 8.07 56.75
O3 NAG M . 19.74 9.91 59.04
O4 NAG M . 19.33 12.70 58.40
O5 NAG M . 20.44 11.31 55.10
O6 NAG M . 22.02 13.57 55.94
O7 NAG M . 21.22 6.86 57.05
C1 NAG N . -11.47 0.57 53.20
C2 NAG N . -12.20 -0.79 53.48
C3 NAG N . -12.61 -0.85 54.98
C4 NAG N . -11.39 -0.60 55.91
C5 NAG N . -10.66 0.72 55.57
C6 NAG N . -9.36 0.90 56.37
C7 NAG N . -13.53 -1.96 51.74
C8 NAG N . -14.85 -1.98 50.95
N2 NAG N . -13.38 -0.95 52.60
O3 NAG N . -13.23 -2.13 55.28
O4 NAG N . -11.80 -0.50 57.34
O5 NAG N . -10.33 0.76 54.13
O6 NAG N . -8.71 2.14 56.01
O7 NAG N . -12.66 -2.82 51.56
C1 NAG N . -12.15 -1.73 58.09
C2 NAG N . -11.71 -1.60 59.59
C3 NAG N . -12.27 -2.77 60.44
C4 NAG N . -13.80 -2.94 60.25
C5 NAG N . -14.19 -3.09 58.76
C6 NAG N . -15.70 -3.15 58.49
C7 NAG N . -9.55 -0.47 60.05
C8 NAG N . -8.00 -0.61 60.06
N2 NAG N . -10.23 -1.55 59.68
O3 NAG N . -11.99 -2.57 61.86
O4 NAG N . -14.23 -4.14 60.97
O5 NAG N . -13.60 -1.95 57.98
O6 NAG N . -16.39 -2.02 59.05
O7 NAG N . -10.10 0.58 60.37
C1 NAG O . 39.36 -5.41 21.45
C2 NAG O . 39.48 -4.12 20.58
C3 NAG O . 40.21 -4.42 19.25
C4 NAG O . 41.48 -5.29 19.40
C5 NAG O . 41.29 -6.50 20.34
C6 NAG O . 42.62 -7.22 20.65
C7 NAG O . 37.56 -2.63 21.13
C8 NAG O . 36.14 -2.17 20.72
N2 NAG O . 38.15 -3.53 20.33
O3 NAG O . 40.56 -3.18 18.57
O4 NAG O . 41.86 -5.84 18.06
O5 NAG O . 40.67 -6.03 21.61
O6 NAG O . 42.39 -8.39 21.46
O7 NAG O . 38.11 -2.23 22.17
C1 NAG O . 42.96 -5.19 17.33
C2 NAG O . 43.43 -6.10 16.16
C3 NAG O . 44.45 -5.36 15.23
C4 NAG O . 43.97 -3.95 14.80
C5 NAG O . 43.51 -3.12 16.02
C6 NAG O . 42.95 -1.72 15.68
C7 NAG O . 43.49 -8.57 16.53
C8 NAG O . 44.27 -9.73 17.16
N2 NAG O . 44.03 -7.35 16.68
O3 NAG O . 44.76 -6.16 14.02
O4 NAG O . 45.07 -3.27 14.15
O5 NAG O . 42.51 -3.89 16.81
O6 NAG O . 41.82 -1.79 14.79
O7 NAG O . 42.42 -8.74 15.93
C1 NAG P . 13.15 -28.26 19.54
C2 NAG P . 14.23 -27.12 19.39
C3 NAG P . 15.41 -27.39 20.36
C4 NAG P . 14.97 -27.73 21.82
C5 NAG P . 13.82 -28.77 21.89
C6 NAG P . 13.26 -28.90 23.31
C7 NAG P . 14.42 -26.07 17.12
C8 NAG P . 15.13 -26.14 15.75
N2 NAG P . 14.72 -27.04 17.99
O3 NAG P . 16.33 -26.26 20.38
O4 NAG P . 16.10 -28.33 22.57
O5 NAG P . 12.73 -28.39 20.95
O6 NAG P . 12.29 -29.98 23.39
O7 NAG P . 13.62 -25.17 17.38
C1 NAG P . 17.06 -27.44 23.28
C2 NAG P . 17.73 -28.21 24.47
C3 NAG P . 18.86 -27.35 25.12
C4 NAG P . 19.87 -26.84 24.05
C5 NAG P . 19.18 -26.13 22.87
C6 NAG P . 20.13 -25.74 21.73
C7 NAG P . 16.54 -29.82 25.96
C8 NAG P . 15.46 -29.99 27.04
N2 NAG P . 16.71 -28.58 25.49
O3 NAG P . 19.58 -28.12 26.14
O4 NAG P . 20.78 -25.90 24.70
O5 NAG P . 18.09 -27.00 22.32
O6 NAG P . 20.76 -26.90 21.15
O7 NAG P . 17.20 -30.78 25.54
C1 NAG Q . -24.54 1.97 27.12
C2 NAG Q . -24.32 0.47 26.72
C3 NAG Q . -24.93 -0.44 27.82
C4 NAG Q . -24.49 -0.06 29.26
C5 NAG Q . -24.65 1.45 29.55
C6 NAG Q . -23.99 1.84 30.89
C7 NAG Q . -24.25 -0.06 24.27
C8 NAG Q . -25.10 -0.47 23.04
N2 NAG Q . -24.93 0.17 25.40
O3 NAG Q . -24.58 -1.84 27.57
O4 NAG Q . -25.35 -0.76 30.26
O5 NAG Q . -24.02 2.24 28.47
O6 NAG Q . -24.17 3.25 31.14
O7 NAG Q . -23.04 0.06 24.21
C1 NAG Q . -24.86 -2.04 30.83
C2 NAG Q . -25.56 -2.32 32.20
C3 NAG Q . -25.14 -3.72 32.75
C4 NAG Q . -25.35 -4.84 31.69
C5 NAG Q . -24.71 -4.49 30.32
C6 NAG Q . -25.03 -5.51 29.19
C7 NAG Q . -26.15 -0.53 33.84
C8 NAG Q . -25.60 0.51 34.84
N2 NAG Q . -25.23 -1.27 33.20
O3 NAG Q . -25.91 -4.06 33.95
O4 NAG Q . -24.71 -6.07 32.19
O5 NAG Q . -25.14 -3.13 29.89
O6 NAG Q . -26.45 -5.68 29.04
O7 NAG Q . -27.35 -0.66 33.65
C1 NAG R . 20.55 19.83 23.14
C2 NAG R . 19.05 20.23 23.29
C3 NAG R . 18.82 21.08 24.58
C4 NAG R . 19.61 20.61 25.84
C5 NAG R . 21.03 20.09 25.55
C6 NAG R . 21.64 19.34 26.76
C7 NAG R . 17.32 21.01 21.67
C8 NAG R . 17.06 21.73 20.33
N2 NAG R . 18.59 20.96 22.08
O3 NAG R . 17.39 21.10 24.90
O4 NAG R . 19.79 21.73 26.81
O5 NAG R . 21.04 19.19 24.37
O6 NAG R . 22.97 18.91 26.46
O7 NAG R . 16.41 20.49 22.33
C1 NAG R . 18.65 22.17 27.63
C2 NAG R . 19.13 22.73 29.00
C3 NAG R . 17.93 23.32 29.82
C4 NAG R . 17.10 24.33 28.98
C5 NAG R . 16.69 23.77 27.60
C6 NAG R . 15.99 24.79 26.69
C7 NAG R . 21.11 21.76 30.15
C8 NAG R . 21.67 20.55 30.93
N2 NAG R . 19.83 21.70 29.79
O3 NAG R . 18.38 23.97 31.05
O4 NAG R . 15.89 24.65 29.73
O5 NAG R . 17.91 23.23 26.91
O6 NAG R . 16.89 25.87 26.33
O7 NAG R . 21.83 22.74 29.87
#